data_6PP4
#
_entry.id   6PP4
#
_cell.length_a   59.170
_cell.length_b   152.480
_cell.length_c   109.140
_cell.angle_alpha   90.00
_cell.angle_beta   90.86
_cell.angle_gamma   90.00
#
_symmetry.space_group_name_H-M   'P 1 21 1'
#
loop_
_entity.id
_entity.type
_entity.pdbx_description
1 polymer 'Nitric oxide synthase, endothelial'
2 non-polymer 'PROTOPORPHYRIN IX CONTAINING FE'
3 non-polymer 5,6,7,8-TETRAHYDROBIOPTERIN
4 non-polymer 2-[BIS-(2-HYDROXY-ETHYL)-AMINO]-2-HYDROXYMETHYL-PROPANE-1,3-DIOL
5 non-polymer 7-{3-(aminomethyl)-4-[(pyridin-3-yl)methoxy]phenyl}-4-methylquinolin-2-amine
6 non-polymer 'ZINC ION'
7 non-polymer GLYCEROL
8 non-polymer 'CHLORIDE ION'
9 non-polymer 'GADOLINIUM ATOM'
10 water water
#
_entity_poly.entity_id   1
_entity_poly.type   'polypeptide(L)'
_entity_poly.pdbx_seq_one_letter_code
;APASLLPPAPEHSPPSSPLTQPPEGPKFPRVKNWEVGSITYDTLSAQAQQDGPCTPRRCLGSLVFPRKLQGRPSPGPPAP
EQLLSQARDFINQYYSSIKRSGSQAHEQRLQEVEAEVAATGTYQLRESELVFGAKQAWRNAPRCVGRIQWGKLQVFDARD
CRSAQEMFTYICNHIKYATNRGNLRSAITVFPQRCPGRGDFRIWNSQLVRYAGYRQQDGSVRGDPANVEITELCIQHGWT
PGNGRFDVLPLLLQAPDEPPELFLLPPELVLEVPLEHPTLEWFAALGLRWYALPAVSNMLLEIGGLEFPAAPFSGWYMST
EIGTRNLCDPHRYNILEDVAVCMDLDTRTTSSLWKDKAAVEINVAVLHSYQLAKVTIVDHHAATASFMKHLENEQKARGG
CPADWAWIVPPISGSLTPVFHQEMVNYFLSPAFRYQPDPW
;
_entity_poly.pdbx_strand_id   A,B,C,D
#
loop_
_chem_comp.id
_chem_comp.type
_chem_comp.name
_chem_comp.formula
BTB non-polymer 2-[BIS-(2-HYDROXY-ETHYL)-AMINO]-2-HYDROXYMETHYL-PROPANE-1,3-DIOL 'C8 H19 N O5'
CL non-polymer 'CHLORIDE ION' 'Cl -1'
GD non-polymer 'GADOLINIUM ATOM' Gd
GOL non-polymer GLYCEROL 'C3 H8 O3'
H4B non-polymer 5,6,7,8-TETRAHYDROBIOPTERIN 'C9 H15 N5 O3'
HEM non-polymer 'PROTOPORPHYRIN IX CONTAINING FE' 'C34 H32 Fe N4 O4'
OUS non-polymer 7-{3-(aminomethyl)-4-[(pyridin-3-yl)methoxy]phenyl}-4-methylquinolin-2-amine 'C23 H22 N4 O'
ZN non-polymer 'ZINC ION' 'Zn 2'
#
# COMPACT_ATOMS: atom_id res chain seq x y z
N PHE A 28 -11.35 -23.23 43.82
CA PHE A 28 -11.54 -23.25 42.37
C PHE A 28 -11.21 -21.92 41.71
N PRO A 29 -10.12 -21.87 40.96
CA PRO A 29 -9.64 -20.59 40.40
C PRO A 29 -10.64 -19.97 39.44
N ARG A 30 -10.86 -18.68 39.61
CA ARG A 30 -11.65 -17.87 38.69
C ARG A 30 -10.76 -17.48 37.51
N VAL A 31 -11.25 -17.74 36.29
CA VAL A 31 -10.51 -17.52 35.06
C VAL A 31 -11.35 -16.65 34.14
N LYS A 32 -10.81 -15.50 33.77
CA LYS A 32 -11.55 -14.50 33.01
C LYS A 32 -10.99 -14.41 31.60
N ASN A 33 -11.89 -14.16 30.64
CA ASN A 33 -11.51 -13.75 29.30
C ASN A 33 -11.77 -12.28 29.18
N TRP A 34 -10.70 -11.50 29.03
CA TRP A 34 -10.79 -10.05 29.02
C TRP A 34 -11.30 -9.50 27.69
N GLU A 35 -11.33 -10.30 26.63
CA GLU A 35 -11.84 -9.80 25.36
C GLU A 35 -13.36 -9.72 25.38
N VAL A 36 -14.02 -10.70 25.99
CA VAL A 36 -15.46 -10.79 25.97
C VAL A 36 -16.09 -10.49 27.34
N GLY A 37 -15.42 -10.81 28.44
CA GLY A 37 -15.94 -10.58 29.77
C GLY A 37 -16.41 -11.83 30.49
N SER A 38 -16.41 -12.97 29.80
CA SER A 38 -16.86 -14.21 30.41
C SER A 38 -15.95 -14.64 31.55
N ILE A 39 -16.52 -15.38 32.48
CA ILE A 39 -15.84 -15.91 33.66
C ILE A 39 -16.15 -17.40 33.73
N THR A 40 -15.13 -18.22 34.00
CA THR A 40 -15.33 -19.63 34.31
C THR A 40 -14.47 -20.01 35.51
N TYR A 41 -14.72 -21.22 36.00
CA TYR A 41 -14.02 -21.80 37.15
C TYR A 41 -13.39 -23.11 36.73
N ASP A 42 -12.12 -23.30 37.08
CA ASP A 42 -11.36 -24.48 36.68
C ASP A 42 -11.41 -25.48 37.84
N THR A 43 -12.50 -26.26 37.87
CA THR A 43 -12.67 -27.31 38.86
C THR A 43 -11.75 -28.49 38.62
N LEU A 44 -11.25 -28.64 37.39
CA LEU A 44 -10.39 -29.78 37.06
C LEU A 44 -9.00 -29.63 37.68
N SER A 45 -8.55 -28.39 37.89
CA SER A 45 -7.25 -28.16 38.52
C SER A 45 -7.16 -28.78 39.91
N ALA A 46 -8.30 -28.89 40.61
CA ALA A 46 -8.31 -29.48 41.94
C ALA A 46 -7.80 -30.91 41.91
N GLN A 47 -8.06 -31.64 40.83
CA GLN A 47 -7.62 -33.02 40.68
C GLN A 47 -6.24 -33.13 40.05
N ALA A 48 -5.46 -32.06 40.08
CA ALA A 48 -4.09 -32.09 39.58
C ALA A 48 -3.17 -32.64 40.66
N GLN A 49 -2.28 -33.55 40.26
CA GLN A 49 -1.43 -34.21 41.25
C GLN A 49 0.02 -33.75 41.18
N GLN A 50 0.78 -34.29 40.22
CA GLN A 50 2.23 -34.14 40.20
C GLN A 50 2.65 -32.67 40.21
N ASP A 51 3.12 -32.22 41.37
CA ASP A 51 3.31 -30.79 41.64
C ASP A 51 4.28 -30.13 40.66
N GLY A 52 3.95 -28.90 40.27
CA GLY A 52 4.79 -28.12 39.39
C GLY A 52 5.86 -27.34 40.13
N PRO A 53 6.35 -26.29 39.51
CA PRO A 53 7.54 -25.59 40.04
C PRO A 53 7.24 -24.34 40.86
N CYS A 54 6.01 -23.85 40.85
CA CYS A 54 5.64 -22.59 41.47
C CYS A 54 5.33 -22.76 42.95
N THR A 55 5.58 -21.70 43.72
CA THR A 55 5.18 -21.61 45.12
C THR A 55 4.56 -20.24 45.37
N PRO A 56 3.82 -20.07 46.50
CA PRO A 56 3.25 -18.76 46.83
C PRO A 56 4.24 -17.62 46.79
N ARG A 57 5.53 -17.89 46.93
CA ARG A 57 6.50 -16.81 47.02
C ARG A 57 7.14 -16.43 45.69
N ARG A 58 7.08 -17.28 44.67
CA ARG A 58 7.67 -16.93 43.38
C ARG A 58 7.09 -17.84 42.32
N CYS A 59 6.75 -17.25 41.17
CA CYS A 59 6.19 -17.99 40.05
C CYS A 59 7.31 -18.37 39.09
N LEU A 60 7.33 -19.64 38.67
CA LEU A 60 8.30 -20.15 37.72
C LEU A 60 7.62 -20.68 36.46
N GLY A 61 6.50 -20.07 36.07
CA GLY A 61 5.76 -20.51 34.90
C GLY A 61 6.53 -20.36 33.60
N SER A 62 7.51 -19.46 33.54
CA SER A 62 8.23 -19.23 32.29
C SER A 62 9.37 -20.21 32.06
N LEU A 63 9.68 -21.06 33.04
CA LEU A 63 10.81 -21.97 32.94
C LEU A 63 10.46 -23.14 32.02
N VAL A 64 11.36 -23.48 31.11
CA VAL A 64 11.06 -24.45 30.05
C VAL A 64 11.03 -25.87 30.60
N PHE A 65 12.06 -26.23 31.36
CA PHE A 65 12.10 -27.51 32.05
C PHE A 65 11.92 -27.26 33.55
N PRO A 66 10.75 -27.57 34.11
CA PRO A 66 10.53 -27.29 35.54
C PRO A 66 11.41 -28.18 36.42
N ARG A 67 12.13 -27.52 37.35
CA ARG A 67 12.96 -28.18 38.36
C ARG A 67 14.02 -29.07 37.72
N LYS A 68 13.71 -30.34 37.52
CA LYS A 68 14.59 -31.25 36.79
C LYS A 68 13.74 -32.39 36.22
N LEU A 69 14.40 -33.39 35.62
CA LEU A 69 13.70 -34.40 34.83
C LEU A 69 13.51 -35.73 35.58
N ALA A 79 10.02 -50.88 46.26
CA ALA A 79 8.64 -50.70 46.68
C ALA A 79 7.76 -50.23 45.52
N PRO A 80 7.11 -51.18 44.83
CA PRO A 80 6.21 -50.81 43.73
C PRO A 80 4.79 -50.50 44.20
N GLU A 81 4.66 -50.08 45.46
CA GLU A 81 3.37 -49.65 45.98
C GLU A 81 2.77 -48.52 45.15
N GLN A 82 3.62 -47.64 44.61
CA GLN A 82 3.12 -46.49 43.85
C GLN A 82 2.45 -46.92 42.55
N LEU A 83 2.90 -48.02 41.95
CA LEU A 83 2.39 -48.41 40.65
C LEU A 83 0.91 -48.73 40.71
N LEU A 84 0.45 -49.38 41.80
CA LEU A 84 -0.96 -49.78 41.91
C LEU A 84 -1.87 -48.58 41.95
N SER A 85 -1.52 -47.55 42.74
CA SER A 85 -2.40 -46.39 42.90
C SER A 85 -2.54 -45.62 41.59
N GLN A 86 -1.45 -45.46 40.84
CA GLN A 86 -1.54 -44.83 39.53
C GLN A 86 -2.28 -45.73 38.54
N ALA A 87 -2.08 -47.04 38.64
CA ALA A 87 -2.76 -47.96 37.73
C ALA A 87 -4.27 -47.94 37.97
N ARG A 88 -4.70 -47.92 39.23
CA ARG A 88 -6.12 -47.91 39.51
C ARG A 88 -6.77 -46.57 39.15
N ASP A 89 -6.04 -45.46 39.28
CA ASP A 89 -6.60 -44.17 38.85
C ASP A 89 -6.89 -44.19 37.36
N PHE A 90 -5.90 -44.59 36.57
CA PHE A 90 -6.04 -44.61 35.11
C PHE A 90 -7.18 -45.51 34.69
N ILE A 91 -7.31 -46.69 35.32
CA ILE A 91 -8.39 -47.60 34.97
C ILE A 91 -9.74 -46.96 35.25
N ASN A 92 -9.84 -46.24 36.37
CA ASN A 92 -11.13 -45.69 36.80
C ASN A 92 -11.69 -44.70 35.79
N GLN A 93 -10.85 -43.77 35.33
CA GLN A 93 -11.34 -42.78 34.39
C GLN A 93 -11.67 -43.40 33.03
N TYR A 94 -10.89 -44.42 32.62
CA TYR A 94 -11.18 -45.14 31.39
C TYR A 94 -12.61 -45.65 31.36
N TYR A 95 -13.04 -46.26 32.46
CA TYR A 95 -14.41 -46.75 32.57
C TYR A 95 -15.41 -45.63 32.83
N SER A 96 -14.97 -44.48 33.35
CA SER A 96 -15.89 -43.36 33.39
C SER A 96 -16.12 -42.79 31.99
N SER A 97 -15.08 -42.80 31.15
CA SER A 97 -15.20 -42.30 29.79
C SER A 97 -16.03 -43.20 28.88
N ILE A 98 -16.46 -44.36 29.33
CA ILE A 98 -17.28 -45.22 28.48
C ILE A 98 -18.58 -45.53 29.20
N LYS A 99 -19.00 -44.65 30.11
CA LYS A 99 -20.16 -44.79 30.99
C LYS A 99 -19.96 -45.88 32.04
N ARG A 100 -19.36 -47.00 31.64
CA ARG A 100 -19.37 -48.21 32.43
C ARG A 100 -18.53 -48.10 33.70
N SER A 101 -18.88 -47.16 34.58
CA SER A 101 -18.38 -47.10 35.95
C SER A 101 -19.53 -47.55 36.84
N GLY A 102 -19.42 -48.77 37.36
CA GLY A 102 -20.53 -49.38 38.08
C GLY A 102 -20.76 -50.80 37.62
N SER A 103 -20.35 -51.76 38.45
CA SER A 103 -20.44 -53.19 38.16
C SER A 103 -19.75 -53.50 36.83
N GLN A 104 -20.11 -54.65 36.23
CA GLN A 104 -19.61 -55.04 34.91
C GLN A 104 -18.10 -55.30 34.98
N ALA A 105 -17.45 -55.43 33.83
CA ALA A 105 -16.00 -55.65 33.78
C ALA A 105 -15.20 -54.53 34.43
N HIS A 106 -15.83 -53.40 34.75
CA HIS A 106 -15.14 -52.37 35.53
C HIS A 106 -14.69 -52.95 36.87
N GLU A 107 -15.62 -53.50 37.64
CA GLU A 107 -15.28 -54.31 38.81
C GLU A 107 -14.16 -55.29 38.47
N GLN A 108 -14.31 -55.97 37.34
CA GLN A 108 -13.43 -57.10 37.00
C GLN A 108 -12.02 -56.66 36.64
N ARG A 109 -11.89 -55.58 35.84
CA ARG A 109 -10.57 -55.19 35.32
C ARG A 109 -9.65 -54.67 36.42
N LEU A 110 -10.20 -54.07 37.48
CA LEU A 110 -9.36 -53.66 38.61
C LEU A 110 -8.62 -54.85 39.22
N GLN A 111 -9.20 -56.06 39.15
CA GLN A 111 -8.57 -57.21 39.78
C GLN A 111 -7.38 -57.71 38.97
N GLU A 112 -7.52 -57.83 37.65
CA GLU A 112 -6.44 -58.38 36.85
C GLU A 112 -5.17 -57.56 37.01
N VAL A 113 -5.30 -56.24 37.10
CA VAL A 113 -4.10 -55.41 37.29
C VAL A 113 -3.52 -55.61 38.69
N GLU A 114 -4.39 -55.63 39.72
CA GLU A 114 -3.94 -56.03 41.05
C GLU A 114 -3.09 -57.29 41.01
N ALA A 115 -3.66 -58.37 40.45
CA ALA A 115 -2.96 -59.64 40.39
C ALA A 115 -1.69 -59.55 39.53
N GLU A 116 -1.81 -58.94 38.35
CA GLU A 116 -0.68 -58.86 37.43
C GLU A 116 0.54 -58.21 38.09
N VAL A 117 0.34 -57.13 38.85
CA VAL A 117 1.48 -56.47 39.50
C VAL A 117 1.94 -57.27 40.72
N ALA A 118 1.01 -57.83 41.49
CA ALA A 118 1.39 -58.68 42.61
C ALA A 118 2.28 -59.83 42.15
N ALA A 119 2.02 -60.37 40.96
CA ALA A 119 2.81 -61.48 40.45
C ALA A 119 4.10 -61.00 39.79
N THR A 120 4.01 -60.04 38.88
CA THR A 120 5.14 -59.71 38.00
C THR A 120 5.84 -58.41 38.35
N GLY A 121 5.22 -57.55 39.17
CA GLY A 121 5.81 -56.27 39.50
C GLY A 121 5.43 -55.15 38.56
N THR A 122 5.14 -55.46 37.30
CA THR A 122 4.60 -54.52 36.32
C THR A 122 3.28 -55.08 35.80
N TYR A 123 2.65 -54.36 34.86
CA TYR A 123 1.46 -54.85 34.21
C TYR A 123 1.48 -54.43 32.74
N GLN A 124 0.61 -55.06 31.95
CA GLN A 124 0.43 -54.71 30.55
C GLN A 124 -0.92 -54.03 30.37
N LEU A 125 -0.96 -53.05 29.47
CA LEU A 125 -2.19 -52.37 29.13
C LEU A 125 -2.98 -53.12 28.07
N ARG A 126 -4.29 -53.31 28.29
CA ARG A 126 -5.19 -53.69 27.22
C ARG A 126 -5.11 -52.66 26.09
N GLU A 127 -5.37 -53.12 24.86
CA GLU A 127 -5.06 -52.30 23.69
C GLU A 127 -5.90 -51.02 23.67
N SER A 128 -7.15 -51.08 24.09
CA SER A 128 -7.99 -49.88 24.10
C SER A 128 -7.56 -48.91 25.19
N GLU A 129 -7.09 -49.43 26.32
CA GLU A 129 -6.48 -48.60 27.34
C GLU A 129 -5.29 -47.81 26.79
N LEU A 130 -4.45 -48.47 26.00
CA LEU A 130 -3.27 -47.81 25.43
C LEU A 130 -3.67 -46.71 24.47
N VAL A 131 -4.71 -46.96 23.65
CA VAL A 131 -5.27 -45.92 22.82
C VAL A 131 -5.83 -44.78 23.68
N PHE A 132 -6.62 -45.13 24.69
CA PHE A 132 -7.24 -44.11 25.52
C PHE A 132 -6.20 -43.30 26.27
N GLY A 133 -5.16 -43.97 26.78
CA GLY A 133 -4.09 -43.25 27.46
C GLY A 133 -3.31 -42.33 26.54
N ALA A 134 -3.06 -42.78 25.31
CA ALA A 134 -2.33 -41.94 24.36
C ALA A 134 -3.12 -40.69 24.04
N LYS A 135 -4.43 -40.84 23.82
CA LYS A 135 -5.28 -39.68 23.58
C LYS A 135 -5.32 -38.73 24.78
N GLN A 136 -5.42 -39.28 25.99
CA GLN A 136 -5.51 -38.42 27.17
C GLN A 136 -4.22 -37.66 27.41
N ALA A 137 -3.08 -38.32 27.23
CA ALA A 137 -1.79 -37.63 27.37
C ALA A 137 -1.73 -36.42 26.45
N TRP A 138 -2.15 -36.58 25.19
CA TRP A 138 -2.25 -35.44 24.28
C TRP A 138 -3.23 -34.40 24.82
N ARG A 139 -4.41 -34.86 25.26
CA ARG A 139 -5.43 -33.93 25.77
C ARG A 139 -4.93 -33.09 26.93
N ASN A 140 -3.96 -33.63 27.69
CA ASN A 140 -3.44 -33.04 28.92
C ASN A 140 -2.15 -32.24 28.70
N ALA A 141 -1.63 -32.17 27.49
CA ALA A 141 -0.39 -31.44 27.24
C ALA A 141 -0.64 -29.94 27.31
N PRO A 142 -0.21 -29.24 28.37
CA PRO A 142 -0.62 -27.84 28.54
C PRO A 142 -0.01 -26.91 27.50
N ARG A 143 1.07 -27.32 26.84
CA ARG A 143 1.72 -26.44 25.89
C ARG A 143 1.24 -26.63 24.47
N CYS A 144 0.35 -27.61 24.23
CA CYS A 144 -0.12 -27.91 22.88
C CYS A 144 -1.31 -27.02 22.54
N VAL A 145 -1.17 -26.23 21.48
CA VAL A 145 -2.28 -25.45 20.94
C VAL A 145 -3.15 -26.24 19.96
N GLY A 146 -2.72 -27.43 19.53
CA GLY A 146 -3.51 -28.18 18.56
C GLY A 146 -4.47 -29.21 19.12
N ARG A 147 -4.77 -29.11 20.42
CA ARG A 147 -5.50 -30.17 21.11
C ARG A 147 -6.97 -30.27 20.70
N ILE A 148 -7.49 -29.35 19.89
CA ILE A 148 -8.84 -29.56 19.36
C ILE A 148 -8.91 -30.90 18.62
N GLN A 149 -7.78 -31.40 18.16
CA GLN A 149 -7.68 -32.63 17.39
C GLN A 149 -7.49 -33.86 18.26
N TRP A 150 -7.58 -33.73 19.59
CA TRP A 150 -7.08 -34.78 20.45
C TRP A 150 -7.82 -36.10 20.27
N GLY A 151 -9.04 -36.07 19.75
CA GLY A 151 -9.80 -37.29 19.58
C GLY A 151 -9.42 -38.11 18.37
N LYS A 152 -8.76 -37.50 17.39
CA LYS A 152 -8.40 -38.14 16.14
C LYS A 152 -6.88 -38.34 16.17
N LEU A 153 -6.46 -39.52 16.62
CA LEU A 153 -5.06 -39.86 16.84
C LEU A 153 -4.92 -41.33 16.54
N GLN A 154 -4.01 -41.68 15.62
CA GLN A 154 -3.79 -43.06 15.25
C GLN A 154 -2.65 -43.62 16.09
N VAL A 155 -2.94 -44.68 16.84
CA VAL A 155 -2.02 -45.27 17.79
C VAL A 155 -1.50 -46.60 17.21
N PHE A 156 -0.22 -46.62 16.82
CA PHE A 156 0.45 -47.83 16.35
C PHE A 156 1.11 -48.53 17.52
N ASP A 157 0.65 -49.74 17.83
CA ASP A 157 1.13 -50.50 18.98
C ASP A 157 2.35 -51.33 18.56
N ALA A 158 3.52 -50.91 19.01
CA ALA A 158 4.78 -51.55 18.69
C ALA A 158 5.42 -52.16 19.93
N ARG A 159 4.60 -52.51 20.92
CA ARG A 159 5.12 -53.05 22.18
C ARG A 159 5.77 -54.42 22.00
N ASP A 160 5.46 -55.12 20.91
CA ASP A 160 6.07 -56.41 20.61
C ASP A 160 7.37 -56.26 19.83
N CYS A 161 7.85 -55.05 19.64
CA CYS A 161 9.11 -54.80 18.95
C CYS A 161 10.28 -55.09 19.89
N ARG A 162 11.28 -55.81 19.39
CA ARG A 162 12.42 -56.22 20.22
C ARG A 162 13.71 -56.18 19.40
N SER A 163 13.92 -55.10 18.65
CA SER A 163 15.09 -54.98 17.79
C SER A 163 15.21 -53.54 17.30
N ALA A 164 16.42 -53.17 16.89
CA ALA A 164 16.64 -51.84 16.32
C ALA A 164 16.13 -51.76 14.89
N GLN A 165 16.40 -52.80 14.08
CA GLN A 165 15.83 -52.83 12.73
C GLN A 165 14.31 -52.84 12.79
N GLU A 166 13.74 -53.49 13.80
CA GLU A 166 12.29 -53.50 13.96
C GLU A 166 11.78 -52.11 14.27
N MET A 167 12.42 -51.42 15.22
CA MET A 167 12.07 -50.02 15.49
C MET A 167 12.08 -49.21 14.21
N PHE A 168 13.14 -49.37 13.41
CA PHE A 168 13.27 -48.58 12.20
C PHE A 168 12.10 -48.82 11.25
N THR A 169 11.72 -50.08 11.05
CA THR A 169 10.57 -50.37 10.20
C THR A 169 9.30 -49.77 10.79
N TYR A 170 9.14 -49.87 12.11
CA TYR A 170 7.99 -49.26 12.77
C TYR A 170 7.97 -47.75 12.58
N ILE A 171 9.15 -47.13 12.60
CA ILE A 171 9.23 -45.69 12.41
C ILE A 171 8.79 -45.32 11.00
N CYS A 172 9.19 -46.12 10.02
CA CYS A 172 8.95 -45.76 8.62
C CYS A 172 7.48 -45.90 8.26
N ASN A 173 6.79 -46.92 8.79
CA ASN A 173 5.33 -47.01 8.61
C ASN A 173 4.65 -45.77 9.17
N HIS A 174 5.09 -45.32 10.35
CA HIS A 174 4.59 -44.10 10.93
C HIS A 174 4.77 -42.92 9.98
N ILE A 175 6.01 -42.67 9.56
CA ILE A 175 6.31 -41.53 8.70
C ILE A 175 5.47 -41.60 7.43
N LYS A 176 5.39 -42.79 6.83
CA LYS A 176 4.58 -42.94 5.63
C LYS A 176 3.11 -42.68 5.94
N TYR A 177 2.57 -43.31 6.99
CA TYR A 177 1.17 -43.08 7.33
C TYR A 177 0.93 -41.61 7.70
N ALA A 178 1.77 -41.05 8.58
CA ALA A 178 1.57 -39.67 9.02
C ALA A 178 1.64 -38.69 7.86
N THR A 179 2.67 -38.83 7.02
CA THR A 179 2.84 -37.95 5.86
C THR A 179 1.64 -38.04 4.90
N ASN A 180 1.36 -39.26 4.41
CA ASN A 180 0.15 -39.51 3.63
C ASN A 180 0.11 -38.59 2.39
N ARG A 181 1.25 -38.48 1.71
CA ARG A 181 1.40 -37.64 0.52
C ARG A 181 1.06 -36.17 0.79
N GLY A 182 1.20 -35.71 2.04
CA GLY A 182 0.95 -34.33 2.37
C GLY A 182 -0.39 -34.07 3.05
N ASN A 183 -1.28 -35.05 3.07
CA ASN A 183 -2.53 -34.92 3.82
C ASN A 183 -2.31 -35.50 5.22
N LEU A 184 -1.64 -34.70 6.06
CA LEU A 184 -1.07 -35.20 7.30
C LEU A 184 -2.13 -35.73 8.27
N ARG A 185 -1.77 -36.78 8.99
CA ARG A 185 -2.62 -37.42 9.97
C ARG A 185 -1.83 -37.59 11.26
N SER A 186 -2.42 -37.19 12.38
CA SER A 186 -1.81 -37.38 13.69
C SER A 186 -1.57 -38.86 13.97
N ALA A 187 -0.40 -39.16 14.52
CA ALA A 187 -0.04 -40.55 14.80
C ALA A 187 1.00 -40.61 15.90
N ILE A 188 0.91 -41.66 16.70
CA ILE A 188 1.91 -41.99 17.70
C ILE A 188 2.24 -43.48 17.56
N THR A 189 3.51 -43.84 17.76
CA THR A 189 3.94 -45.23 17.80
C THR A 189 4.49 -45.52 19.19
N VAL A 190 3.92 -46.51 19.86
CA VAL A 190 4.28 -46.84 21.24
C VAL A 190 5.18 -48.07 21.23
N PHE A 191 6.42 -47.89 21.65
CA PHE A 191 7.36 -48.98 21.76
C PHE A 191 7.28 -49.56 23.17
N PRO A 192 7.96 -50.68 23.44
CA PRO A 192 7.67 -51.41 24.69
C PRO A 192 8.02 -50.59 25.92
N GLN A 193 7.16 -50.72 26.94
CA GLN A 193 7.36 -50.00 28.19
C GLN A 193 8.68 -50.40 28.84
N ARG A 194 9.28 -49.44 29.54
CA ARG A 194 10.44 -49.74 30.36
C ARG A 194 10.07 -50.74 31.45
N CYS A 195 10.88 -51.79 31.60
CA CYS A 195 10.66 -52.78 32.66
C CYS A 195 11.72 -52.61 33.75
N PRO A 196 11.37 -52.84 35.01
CA PRO A 196 12.35 -52.68 36.10
C PRO A 196 13.53 -53.61 35.89
N GLY A 197 14.72 -53.02 35.74
CA GLY A 197 15.87 -53.76 35.30
C GLY A 197 15.81 -54.03 33.81
N ARG A 198 16.97 -54.03 33.15
CA ARG A 198 17.12 -54.21 31.71
C ARG A 198 16.64 -52.96 30.98
N GLY A 199 17.32 -52.59 29.89
CA GLY A 199 17.36 -51.22 29.42
C GLY A 199 16.11 -50.69 28.73
N ASP A 200 16.29 -49.53 28.09
CA ASP A 200 15.21 -48.78 27.45
C ASP A 200 15.35 -48.80 25.92
N PHE A 201 14.22 -48.89 25.23
CA PHE A 201 14.16 -48.41 23.86
C PHE A 201 14.25 -46.89 23.86
N ARG A 202 14.88 -46.34 22.83
CA ARG A 202 15.08 -44.91 22.82
C ARG A 202 15.49 -44.44 21.43
N ILE A 203 14.91 -43.31 21.00
CA ILE A 203 15.32 -42.62 19.79
C ILE A 203 16.17 -41.42 20.21
N TRP A 204 17.34 -41.27 19.60
CA TRP A 204 18.27 -40.25 20.06
C TRP A 204 17.95 -38.87 19.51
N ASN A 205 17.63 -38.78 18.22
CA ASN A 205 17.21 -37.52 17.65
C ASN A 205 16.00 -36.98 18.41
N SER A 206 15.94 -35.65 18.53
CA SER A 206 14.80 -35.02 19.18
C SER A 206 13.55 -35.12 18.32
N GLN A 207 13.72 -35.08 17.00
CA GLN A 207 12.65 -35.32 16.04
C GLN A 207 13.10 -36.37 15.05
N LEU A 208 12.12 -36.99 14.37
CA LEU A 208 12.44 -37.96 13.33
C LEU A 208 13.13 -37.27 12.14
N VAL A 209 12.67 -36.08 11.78
CA VAL A 209 13.31 -35.30 10.72
C VAL A 209 13.99 -34.10 11.37
N ARG A 210 15.31 -34.00 11.16
CA ARG A 210 16.11 -32.87 11.64
C ARG A 210 17.16 -32.54 10.58
N TYR A 211 17.53 -31.28 10.49
CA TYR A 211 18.56 -30.86 9.56
C TYR A 211 19.91 -30.80 10.25
N ALA A 212 20.96 -31.09 9.49
CA ALA A 212 22.30 -31.16 10.03
C ALA A 212 22.79 -29.80 10.50
N GLY A 213 23.68 -29.80 11.49
CA GLY A 213 24.38 -28.61 11.91
C GLY A 213 25.89 -28.81 11.96
N TYR A 214 26.61 -28.20 11.03
CA TYR A 214 28.04 -28.40 10.85
C TYR A 214 28.81 -27.18 11.35
N ARG A 215 29.79 -27.41 12.22
CA ARG A 215 30.69 -26.35 12.66
C ARG A 215 31.74 -26.07 11.58
N GLN A 216 32.61 -25.09 11.83
CA GLN A 216 33.70 -24.78 10.90
C GLN A 216 34.74 -23.92 11.60
N GLN A 217 35.71 -23.45 10.82
CA GLN A 217 36.82 -22.59 11.23
C GLN A 217 36.38 -21.20 11.65
N ASP A 218 35.07 -20.94 11.66
CA ASP A 218 34.52 -19.71 12.23
C ASP A 218 33.92 -19.90 13.61
N GLY A 219 33.75 -21.16 14.05
CA GLY A 219 32.91 -21.46 15.18
C GLY A 219 31.43 -21.39 14.89
N SER A 220 31.03 -20.72 13.81
CA SER A 220 29.64 -20.67 13.38
C SER A 220 29.22 -22.03 12.83
N VAL A 221 27.94 -22.14 12.47
CA VAL A 221 27.34 -23.37 12.00
C VAL A 221 26.76 -23.14 10.61
N ARG A 222 26.91 -24.15 9.76
CA ARG A 222 26.13 -24.26 8.54
C ARG A 222 25.08 -25.32 8.77
N GLY A 223 23.83 -25.01 8.47
CA GLY A 223 22.72 -25.87 8.85
C GLY A 223 21.96 -25.39 10.08
N ASP A 224 21.38 -26.34 10.81
CA ASP A 224 20.55 -26.01 11.96
C ASP A 224 21.41 -25.99 13.22
N PRO A 225 21.58 -24.86 13.89
CA PRO A 225 22.39 -24.86 15.12
C PRO A 225 21.77 -25.65 16.25
N ALA A 226 20.46 -25.86 16.24
CA ALA A 226 19.82 -26.62 17.33
C ALA A 226 20.20 -28.10 17.29
N ASN A 227 20.72 -28.60 16.17
CA ASN A 227 21.05 -30.01 15.99
C ASN A 227 22.55 -30.24 15.86
N VAL A 228 23.37 -29.30 16.34
CA VAL A 228 24.81 -29.47 16.33
C VAL A 228 25.20 -30.72 17.10
N GLU A 229 24.52 -30.98 18.23
CA GLU A 229 24.90 -32.07 19.10
C GLU A 229 24.62 -33.43 18.46
N ILE A 230 23.37 -33.66 18.04
CA ILE A 230 23.01 -34.97 17.49
C ILE A 230 23.73 -35.24 16.17
N THR A 231 24.23 -34.21 15.50
CA THR A 231 25.13 -34.43 14.36
C THR A 231 26.49 -34.92 14.83
N GLU A 232 27.00 -34.35 15.94
CA GLU A 232 28.21 -34.86 16.56
C GLU A 232 28.07 -36.34 16.88
N LEU A 233 26.98 -36.72 17.53
CA LEU A 233 26.71 -38.12 17.83
C LEU A 233 26.43 -38.94 16.57
N CYS A 234 25.98 -38.31 15.49
CA CYS A 234 25.75 -39.05 14.25
C CYS A 234 27.06 -39.41 13.56
N ILE A 235 28.00 -38.47 13.51
CA ILE A 235 29.27 -38.74 12.84
C ILE A 235 30.08 -39.76 13.62
N GLN A 236 30.23 -39.56 14.94
CA GLN A 236 31.04 -40.46 15.75
C GLN A 236 30.44 -41.87 15.86
N HIS A 237 29.25 -42.11 15.32
CA HIS A 237 28.69 -43.46 15.23
C HIS A 237 28.71 -43.99 13.81
N GLY A 238 29.44 -43.33 12.92
CA GLY A 238 29.71 -43.88 11.62
C GLY A 238 28.97 -43.25 10.45
N TRP A 239 28.48 -42.02 10.60
CA TRP A 239 27.75 -41.37 9.52
C TRP A 239 28.69 -40.53 8.67
N THR A 240 28.47 -40.58 7.37
CA THR A 240 29.22 -39.75 6.44
C THR A 240 28.55 -38.38 6.35
N PRO A 241 29.27 -37.28 6.67
CA PRO A 241 28.64 -35.95 6.65
C PRO A 241 28.09 -35.55 5.29
N GLY A 242 27.56 -34.32 5.20
CA GLY A 242 26.83 -33.89 4.03
C GLY A 242 27.30 -32.53 3.52
N ASN A 243 26.60 -32.07 2.49
CA ASN A 243 26.89 -30.82 1.79
C ASN A 243 26.65 -29.59 2.66
N GLY A 244 25.40 -29.14 2.77
CA GLY A 244 25.13 -27.83 3.30
C GLY A 244 24.18 -27.73 4.47
N ARG A 245 23.12 -26.92 4.31
CA ARG A 245 22.34 -26.46 5.45
C ARG A 245 20.94 -27.06 5.52
N PHE A 246 20.63 -28.05 4.68
CA PHE A 246 19.36 -28.75 4.76
C PHE A 246 19.56 -30.24 4.51
N ASP A 247 20.52 -30.83 5.24
CA ASP A 247 20.79 -32.27 5.15
C ASP A 247 20.02 -32.97 6.26
N VAL A 248 19.09 -33.86 5.87
CA VAL A 248 18.33 -34.63 6.84
C VAL A 248 19.25 -35.60 7.55
N LEU A 249 19.24 -35.57 8.89
CA LEU A 249 20.14 -36.39 9.69
C LEU A 249 19.72 -37.85 9.67
N PRO A 250 20.66 -38.76 9.88
CA PRO A 250 20.29 -40.16 10.09
C PRO A 250 19.72 -40.38 11.48
N LEU A 251 18.90 -41.43 11.60
CA LEU A 251 18.31 -41.80 12.87
C LEU A 251 19.31 -42.59 13.70
N LEU A 252 19.45 -42.21 14.96
CA LEU A 252 20.23 -42.98 15.93
C LEU A 252 19.21 -43.69 16.82
N LEU A 253 18.93 -44.95 16.46
CA LEU A 253 17.96 -45.76 17.17
C LEU A 253 18.69 -46.74 18.08
N GLN A 254 18.14 -46.96 19.28
CA GLN A 254 18.82 -47.68 20.33
C GLN A 254 17.90 -48.76 20.88
N ALA A 255 18.22 -50.02 20.58
CA ALA A 255 17.58 -51.15 21.22
C ALA A 255 18.15 -51.31 22.63
N PRO A 256 17.40 -51.95 23.52
CA PRO A 256 17.87 -52.09 24.92
C PRO A 256 19.30 -52.65 25.01
N ASP A 257 20.12 -51.95 25.81
CA ASP A 257 21.42 -52.38 26.32
C ASP A 257 22.55 -52.27 25.31
N GLU A 258 22.41 -52.84 24.11
CA GLU A 258 23.52 -52.69 23.19
C GLU A 258 23.44 -51.33 22.49
N PRO A 259 24.58 -50.79 22.06
CA PRO A 259 24.64 -49.35 21.74
C PRO A 259 23.79 -49.02 20.53
N PRO A 260 23.52 -47.74 20.30
CA PRO A 260 22.69 -47.36 19.15
C PRO A 260 23.40 -47.66 17.84
N GLU A 261 22.58 -47.82 16.80
CA GLU A 261 23.04 -48.05 15.44
C GLU A 261 22.40 -47.02 14.52
N LEU A 262 23.16 -46.58 13.53
CA LEU A 262 22.66 -45.62 12.56
C LEU A 262 21.63 -46.26 11.63
N PHE A 263 20.68 -45.44 11.19
CA PHE A 263 19.72 -45.83 10.18
C PHE A 263 19.49 -44.63 9.28
N LEU A 264 19.58 -44.84 7.97
CA LEU A 264 19.51 -43.76 7.00
C LEU A 264 18.08 -43.66 6.46
N LEU A 265 17.54 -42.46 6.49
CA LEU A 265 16.15 -42.23 6.09
C LEU A 265 16.04 -42.27 4.56
N PRO A 266 15.13 -43.05 4.00
CA PRO A 266 14.90 -43.02 2.55
C PRO A 266 14.39 -41.66 2.11
N PRO A 267 15.02 -41.04 1.09
CA PRO A 267 14.61 -39.70 0.67
C PRO A 267 13.14 -39.57 0.31
N GLU A 268 12.58 -40.55 -0.41
CA GLU A 268 11.17 -40.49 -0.80
C GLU A 268 10.23 -40.62 0.39
N LEU A 269 10.73 -40.96 1.57
CA LEU A 269 9.90 -40.93 2.76
C LEU A 269 9.94 -39.59 3.48
N VAL A 270 10.83 -38.69 3.09
CA VAL A 270 11.00 -37.42 3.80
C VAL A 270 10.45 -36.31 2.93
N LEU A 271 9.14 -36.05 3.05
CA LEU A 271 8.53 -35.02 2.23
C LEU A 271 9.01 -33.65 2.72
N GLU A 272 9.72 -32.94 1.85
CA GLU A 272 10.14 -31.58 2.14
C GLU A 272 9.39 -30.61 1.24
N VAL A 273 9.35 -29.36 1.68
CA VAL A 273 8.68 -28.26 1.00
C VAL A 273 9.72 -27.19 0.71
N PRO A 274 9.98 -26.85 -0.55
CA PRO A 274 10.85 -25.71 -0.82
C PRO A 274 10.08 -24.41 -0.71
N LEU A 275 10.73 -23.38 -0.16
CA LEU A 275 10.00 -22.19 0.24
C LEU A 275 10.05 -21.13 -0.84
N GLU A 276 8.88 -20.65 -1.23
CA GLU A 276 8.77 -19.57 -2.20
CA GLU A 276 8.75 -19.59 -2.22
C GLU A 276 7.77 -18.55 -1.70
N HIS A 277 7.84 -17.35 -2.24
CA HIS A 277 6.94 -16.28 -1.83
C HIS A 277 5.95 -15.95 -2.94
N PRO A 278 4.68 -15.71 -2.62
CA PRO A 278 3.68 -15.46 -3.68
C PRO A 278 3.99 -14.29 -4.59
N THR A 279 4.72 -13.28 -4.11
CA THR A 279 5.01 -12.11 -4.94
C THR A 279 6.47 -11.66 -4.90
N LEU A 280 7.27 -12.14 -3.97
CA LEU A 280 8.67 -11.75 -3.88
C LEU A 280 9.46 -12.80 -4.63
N GLU A 281 9.69 -12.52 -5.92
CA GLU A 281 10.25 -13.50 -6.84
C GLU A 281 11.59 -14.04 -6.37
N TRP A 282 12.38 -13.22 -5.68
CA TRP A 282 13.73 -13.63 -5.29
C TRP A 282 13.77 -14.57 -4.09
N PHE A 283 12.67 -14.69 -3.33
CA PHE A 283 12.68 -15.50 -2.11
C PHE A 283 13.09 -16.94 -2.39
N ALA A 284 12.51 -17.56 -3.44
CA ALA A 284 12.86 -18.94 -3.80
C ALA A 284 14.37 -19.10 -4.00
N ALA A 285 15.02 -18.12 -4.62
CA ALA A 285 16.46 -18.20 -4.83
C ALA A 285 17.25 -18.22 -3.52
N LEU A 286 16.66 -17.75 -2.41
CA LEU A 286 17.34 -17.91 -1.12
C LEU A 286 17.56 -19.38 -0.77
N GLY A 287 16.84 -20.31 -1.42
CA GLY A 287 17.14 -21.72 -1.27
C GLY A 287 16.67 -22.36 0.02
N LEU A 288 15.67 -21.78 0.68
CA LEU A 288 15.20 -22.33 1.94
C LEU A 288 14.18 -23.43 1.71
N ARG A 289 14.10 -24.34 2.68
CA ARG A 289 13.13 -25.42 2.67
C ARG A 289 12.84 -25.81 4.10
N TRP A 290 11.72 -26.50 4.31
CA TRP A 290 11.46 -27.16 5.58
C TRP A 290 10.73 -28.47 5.30
N TYR A 291 10.78 -29.38 6.26
CA TYR A 291 10.13 -30.67 6.05
C TYR A 291 8.67 -30.59 6.45
N ALA A 292 7.93 -31.64 6.11
CA ALA A 292 6.49 -31.64 6.29
C ALA A 292 6.05 -32.12 7.66
N LEU A 293 6.80 -33.02 8.27
CA LEU A 293 6.30 -33.77 9.41
C LEU A 293 7.01 -33.37 10.70
N PRO A 294 6.31 -32.72 11.65
CA PRO A 294 6.89 -32.52 12.99
C PRO A 294 6.61 -33.75 13.84
N ALA A 295 7.64 -34.57 14.05
CA ALA A 295 7.50 -35.83 14.75
C ALA A 295 8.49 -35.84 15.92
N VAL A 296 7.98 -35.68 17.14
CA VAL A 296 8.81 -35.58 18.32
C VAL A 296 9.13 -36.97 18.85
N SER A 297 10.44 -37.23 19.06
CA SER A 297 10.94 -38.58 19.31
C SER A 297 11.86 -38.64 20.53
N ASN A 298 11.71 -37.72 21.49
CA ASN A 298 12.53 -37.82 22.69
C ASN A 298 11.75 -37.70 23.99
N MET A 299 10.43 -37.64 23.94
CA MET A 299 9.65 -37.52 25.16
C MET A 299 9.14 -38.88 25.62
N LEU A 300 8.78 -38.94 26.90
CA LEU A 300 8.40 -40.16 27.58
C LEU A 300 6.89 -40.15 27.80
N LEU A 301 6.22 -41.14 27.25
CA LEU A 301 4.78 -41.32 27.44
C LEU A 301 4.55 -42.09 28.73
N GLU A 302 3.81 -41.48 29.66
CA GLU A 302 3.47 -42.10 30.93
C GLU A 302 1.97 -42.36 30.98
N ILE A 303 1.60 -43.63 31.04
CA ILE A 303 0.21 -44.06 31.17
C ILE A 303 0.10 -44.96 32.40
N GLY A 304 -0.85 -44.64 33.28
CA GLY A 304 -1.22 -45.49 34.39
C GLY A 304 -0.06 -46.04 35.21
N GLY A 305 1.00 -45.25 35.36
CA GLY A 305 2.17 -45.69 36.07
C GLY A 305 3.24 -46.31 35.20
N LEU A 306 2.95 -46.57 33.93
CA LEU A 306 3.94 -47.14 33.05
C LEU A 306 4.63 -46.03 32.26
N GLU A 307 5.86 -46.32 31.84
CA GLU A 307 6.71 -45.31 31.21
C GLU A 307 7.23 -45.87 29.89
N PHE A 308 7.00 -45.13 28.81
CA PHE A 308 7.37 -45.54 27.46
C PHE A 308 8.42 -44.57 26.95
N PRO A 309 9.71 -44.87 27.10
CA PRO A 309 10.76 -43.91 26.69
C PRO A 309 10.85 -43.70 25.19
N ALA A 310 10.18 -44.52 24.38
CA ALA A 310 10.14 -44.35 22.93
C ALA A 310 8.68 -44.40 22.51
N ALA A 311 8.08 -43.25 22.28
CA ALA A 311 6.70 -43.16 21.80
C ALA A 311 6.54 -41.95 20.90
N PRO A 312 7.20 -41.96 19.74
CA PRO A 312 7.21 -40.76 18.88
C PRO A 312 5.82 -40.41 18.38
N PHE A 313 5.47 -39.12 18.50
CA PHE A 313 4.19 -38.64 18.02
C PHE A 313 4.40 -37.54 16.98
N SER A 314 3.40 -37.38 16.13
CA SER A 314 3.48 -36.41 15.06
C SER A 314 2.08 -35.90 14.73
N GLY A 315 2.02 -34.63 14.35
CA GLY A 315 0.82 -33.99 13.87
C GLY A 315 1.17 -33.19 12.63
N TRP A 316 0.85 -31.90 12.62
CA TRP A 316 1.20 -31.05 11.49
C TRP A 316 1.52 -29.67 12.02
N TYR A 317 2.18 -28.87 11.19
CA TYR A 317 2.77 -27.64 11.70
C TYR A 317 1.75 -26.52 11.79
N MET A 318 1.94 -25.68 12.80
CA MET A 318 1.50 -24.29 12.75
C MET A 318 2.60 -23.49 12.06
N SER A 319 2.21 -22.58 11.15
CA SER A 319 3.22 -21.99 10.28
C SER A 319 4.23 -21.13 11.05
N THR A 320 3.84 -20.54 12.18
CA THR A 320 4.80 -19.76 12.94
C THR A 320 5.93 -20.61 13.50
N GLU A 321 5.70 -21.92 13.70
CA GLU A 321 6.78 -22.78 14.16
C GLU A 321 7.94 -22.77 13.17
N ILE A 322 7.62 -22.72 11.87
CA ILE A 322 8.64 -22.78 10.82
C ILE A 322 9.14 -21.38 10.51
N GLY A 323 8.22 -20.47 10.19
CA GLY A 323 8.65 -19.14 9.80
C GLY A 323 9.31 -18.39 10.93
N THR A 324 8.67 -18.33 12.09
CA THR A 324 9.19 -17.45 13.12
C THR A 324 10.28 -18.11 13.96
N ARG A 325 10.05 -19.31 14.46
CA ARG A 325 11.03 -19.85 15.39
C ARG A 325 12.18 -20.55 14.66
N ASN A 326 11.88 -21.47 13.75
CA ASN A 326 12.95 -22.23 13.09
C ASN A 326 13.79 -21.32 12.20
N LEU A 327 13.16 -20.51 11.38
CA LEU A 327 13.92 -19.74 10.42
C LEU A 327 14.40 -18.40 10.96
N CYS A 328 13.78 -17.86 12.02
CA CYS A 328 14.09 -16.49 12.41
C CYS A 328 14.78 -16.32 13.76
N ASP A 329 14.65 -17.28 14.68
CA ASP A 329 15.33 -17.21 15.95
C ASP A 329 16.83 -16.93 15.74
N PRO A 330 17.44 -16.05 16.55
CA PRO A 330 18.87 -15.76 16.36
C PRO A 330 19.76 -16.96 16.54
N HIS A 331 19.32 -17.96 17.29
CA HIS A 331 20.11 -19.16 17.53
C HIS A 331 19.71 -20.31 16.62
N ARG A 332 18.89 -20.04 15.60
CA ARG A 332 18.53 -21.03 14.60
C ARG A 332 19.08 -20.63 13.23
N TYR A 333 18.24 -20.61 12.19
CA TYR A 333 18.76 -20.22 10.88
C TYR A 333 18.97 -18.70 10.77
N ASN A 334 18.26 -17.89 11.58
CA ASN A 334 18.61 -16.48 11.74
C ASN A 334 18.59 -15.73 10.40
N ILE A 335 17.59 -16.04 9.56
CA ILE A 335 17.58 -15.51 8.19
C ILE A 335 17.04 -14.09 8.12
N LEU A 336 16.57 -13.55 9.24
CA LEU A 336 15.71 -12.37 9.20
C LEU A 336 16.41 -11.19 8.52
N GLU A 337 17.67 -10.96 8.87
CA GLU A 337 18.44 -9.90 8.25
C GLU A 337 18.58 -10.10 6.74
N ASP A 338 18.80 -11.33 6.30
CA ASP A 338 18.97 -11.54 4.88
C ASP A 338 17.70 -11.21 4.11
N VAL A 339 16.53 -11.50 4.68
CA VAL A 339 15.29 -11.24 3.95
C VAL A 339 15.00 -9.74 3.91
N ALA A 340 15.45 -9.01 4.94
CA ALA A 340 15.21 -7.57 4.99
C ALA A 340 16.05 -6.83 3.96
N VAL A 341 17.29 -7.26 3.75
CA VAL A 341 18.13 -6.63 2.74
C VAL A 341 17.50 -6.79 1.36
N CYS A 342 17.01 -7.99 1.06
CA CYS A 342 16.34 -8.22 -0.21
C CYS A 342 15.04 -7.45 -0.34
N MET A 343 14.35 -7.21 0.77
CA MET A 343 13.15 -6.39 0.67
C MET A 343 13.45 -4.91 0.62
N ASP A 344 14.72 -4.52 0.75
CA ASP A 344 15.11 -3.10 0.79
C ASP A 344 14.55 -2.40 2.02
N LEU A 345 14.53 -3.09 3.16
CA LEU A 345 14.01 -2.47 4.38
C LEU A 345 15.11 -1.67 5.06
N ASP A 346 14.69 -0.70 5.88
CA ASP A 346 15.68 0.16 6.54
C ASP A 346 16.20 -0.56 7.78
N THR A 347 17.25 -1.38 7.58
CA THR A 347 17.85 -2.11 8.68
C THR A 347 18.70 -1.23 9.58
N ARG A 348 18.75 0.08 9.32
CA ARG A 348 19.61 0.98 10.10
C ARG A 348 19.01 1.33 11.46
N THR A 349 17.68 1.28 11.60
CA THR A 349 17.04 1.64 12.86
C THR A 349 15.96 0.64 13.22
N THR A 350 15.95 0.20 14.49
CA THR A 350 14.91 -0.72 14.94
C THR A 350 13.52 -0.15 14.69
N SER A 351 13.37 1.17 14.74
CA SER A 351 12.05 1.79 14.70
C SER A 351 11.39 1.69 13.33
N SER A 352 12.09 1.23 12.31
CA SER A 352 11.45 0.94 11.04
C SER A 352 10.62 -0.33 11.09
N LEU A 353 10.72 -1.10 12.18
CA LEU A 353 10.07 -2.41 12.33
C LEU A 353 10.45 -3.35 11.18
N TRP A 354 11.69 -3.21 10.71
CA TRP A 354 12.13 -4.08 9.62
C TRP A 354 12.09 -5.54 10.01
N LYS A 355 12.46 -5.85 11.27
CA LYS A 355 12.38 -7.24 11.72
C LYS A 355 10.96 -7.77 11.63
N ASP A 356 9.99 -6.94 12.01
CA ASP A 356 8.59 -7.37 12.03
C ASP A 356 8.06 -7.57 10.62
N LYS A 357 8.40 -6.67 9.69
CA LYS A 357 7.96 -6.77 8.30
C LYS A 357 8.57 -7.99 7.60
N ALA A 358 9.86 -8.24 7.82
CA ALA A 358 10.51 -9.42 7.25
C ALA A 358 9.93 -10.69 7.81
N ALA A 359 9.61 -10.70 9.11
CA ALA A 359 9.09 -11.92 9.71
C ALA A 359 7.73 -12.26 9.17
N VAL A 360 6.87 -11.24 8.95
CA VAL A 360 5.55 -11.53 8.41
C VAL A 360 5.67 -12.21 7.05
N GLU A 361 6.54 -11.69 6.18
CA GLU A 361 6.65 -12.21 4.82
C GLU A 361 7.22 -13.63 4.81
N ILE A 362 8.19 -13.92 5.67
CA ILE A 362 8.66 -15.29 5.83
C ILE A 362 7.48 -16.21 6.18
N ASN A 363 6.67 -15.81 7.14
CA ASN A 363 5.49 -16.62 7.48
C ASN A 363 4.55 -16.74 6.29
N VAL A 364 4.36 -15.66 5.54
CA VAL A 364 3.51 -15.72 4.36
C VAL A 364 4.08 -16.70 3.36
N ALA A 365 5.41 -16.74 3.23
CA ALA A 365 6.02 -17.66 2.28
C ALA A 365 5.92 -19.10 2.76
N VAL A 366 5.89 -19.33 4.06
CA VAL A 366 5.72 -20.69 4.56
C VAL A 366 4.30 -21.17 4.30
N LEU A 367 3.31 -20.36 4.69
CA LEU A 367 1.92 -20.71 4.40
C LEU A 367 1.71 -20.96 2.91
N HIS A 368 2.25 -20.08 2.06
CA HIS A 368 2.02 -20.19 0.63
C HIS A 368 2.66 -21.45 0.07
N SER A 369 3.91 -21.72 0.47
CA SER A 369 4.65 -22.87 -0.05
C SER A 369 4.00 -24.18 0.35
N TYR A 370 3.54 -24.30 1.60
CA TYR A 370 2.92 -25.55 2.03
C TYR A 370 1.57 -25.76 1.35
N GLN A 371 0.82 -24.68 1.12
CA GLN A 371 -0.44 -24.79 0.39
C GLN A 371 -0.22 -25.22 -1.06
N LEU A 372 0.78 -24.61 -1.71
CA LEU A 372 1.11 -24.98 -3.08
C LEU A 372 1.49 -26.44 -3.16
N ALA A 373 2.34 -26.90 -2.24
CA ALA A 373 2.74 -28.30 -2.21
C ALA A 373 1.69 -29.22 -1.62
N LYS A 374 0.48 -28.73 -1.41
CA LYS A 374 -0.63 -29.52 -0.85
C LYS A 374 -0.19 -30.29 0.40
N VAL A 375 0.49 -29.58 1.29
CA VAL A 375 0.93 -30.15 2.56
C VAL A 375 0.16 -29.46 3.67
N THR A 376 -0.41 -30.27 4.57
CA THR A 376 -1.21 -29.75 5.67
C THR A 376 -0.38 -28.78 6.52
N ILE A 377 -0.95 -27.60 6.75
CA ILE A 377 -0.37 -26.59 7.63
C ILE A 377 -1.51 -25.73 8.17
N VAL A 378 -1.26 -25.04 9.28
CA VAL A 378 -2.29 -24.20 9.87
C VAL A 378 -1.66 -22.91 10.35
N ASP A 379 -2.31 -21.79 10.06
CA ASP A 379 -1.79 -20.50 10.51
C ASP A 379 -2.16 -20.26 11.99
N HIS A 380 -1.44 -19.32 12.62
CA HIS A 380 -1.63 -19.15 14.07
C HIS A 380 -2.98 -18.53 14.42
N HIS A 381 -3.62 -17.82 13.50
CA HIS A 381 -4.97 -17.33 13.76
C HIS A 381 -5.99 -18.47 13.82
N ALA A 382 -5.97 -19.35 12.80
CA ALA A 382 -6.88 -20.48 12.78
C ALA A 382 -6.65 -21.39 13.97
N ALA A 383 -5.38 -21.69 14.26
CA ALA A 383 -5.04 -22.59 15.34
C ALA A 383 -5.52 -22.06 16.68
N THR A 384 -5.23 -20.79 16.98
CA THR A 384 -5.64 -20.24 18.27
C THR A 384 -7.15 -20.12 18.36
N ALA A 385 -7.80 -19.81 17.26
CA ALA A 385 -9.27 -19.78 17.27
C ALA A 385 -9.84 -21.16 17.57
N SER A 386 -9.25 -22.22 16.99
CA SER A 386 -9.70 -23.57 17.29
CA SER A 386 -9.73 -23.56 17.31
C SER A 386 -9.45 -23.92 18.75
N PHE A 387 -8.36 -23.41 19.32
CA PHE A 387 -8.02 -23.72 20.70
C PHE A 387 -8.99 -23.07 21.68
N MET A 388 -9.43 -21.85 21.40
CA MET A 388 -10.54 -21.27 22.16
C MET A 388 -11.73 -22.22 22.19
N LYS A 389 -12.10 -22.75 21.02
CA LYS A 389 -13.22 -23.67 20.96
C LYS A 389 -12.92 -24.92 21.78
N HIS A 390 -11.68 -25.41 21.73
CA HIS A 390 -11.30 -26.51 22.60
C HIS A 390 -11.50 -26.16 24.07
N LEU A 391 -11.17 -24.92 24.44
CA LEU A 391 -11.34 -24.52 25.84
C LEU A 391 -12.80 -24.64 26.25
N GLU A 392 -13.71 -24.23 25.36
CA GLU A 392 -15.13 -24.27 25.71
C GLU A 392 -15.63 -25.72 25.83
N ASN A 393 -15.24 -26.60 24.90
CA ASN A 393 -15.59 -28.02 25.00
C ASN A 393 -15.08 -28.63 26.30
N GLU A 394 -13.83 -28.34 26.64
CA GLU A 394 -13.24 -28.96 27.82
C GLU A 394 -13.87 -28.44 29.10
N GLN A 395 -14.30 -27.17 29.09
CA GLN A 395 -15.07 -26.66 30.22
C GLN A 395 -16.32 -27.50 30.45
N LYS A 396 -17.02 -27.86 29.38
CA LYS A 396 -18.24 -28.66 29.54
C LYS A 396 -17.90 -30.10 29.93
N ALA A 397 -16.87 -30.68 29.32
CA ALA A 397 -16.59 -32.10 29.52
C ALA A 397 -15.93 -32.35 30.87
N ARG A 398 -14.87 -31.60 31.21
CA ARG A 398 -14.11 -31.84 32.42
C ARG A 398 -14.04 -30.65 33.37
N GLY A 399 -14.73 -29.55 33.07
CA GLY A 399 -14.71 -28.41 33.96
C GLY A 399 -13.38 -27.68 34.02
N GLY A 400 -12.62 -27.66 32.94
CA GLY A 400 -11.35 -26.96 32.90
C GLY A 400 -10.43 -27.59 31.87
N CYS A 401 -9.24 -27.01 31.78
CA CYS A 401 -8.26 -27.43 30.78
C CYS A 401 -6.89 -26.88 31.16
N PRO A 402 -5.87 -27.73 31.35
CA PRO A 402 -4.52 -27.21 31.64
C PRO A 402 -3.93 -26.53 30.41
N ALA A 403 -3.48 -25.29 30.59
CA ALA A 403 -3.01 -24.51 29.47
C ALA A 403 -1.85 -23.65 29.93
N ASP A 404 -0.78 -23.65 29.16
CA ASP A 404 0.42 -22.89 29.49
C ASP A 404 0.41 -21.65 28.59
N TRP A 405 0.01 -20.52 29.18
CA TRP A 405 -0.26 -19.31 28.39
C TRP A 405 0.91 -18.91 27.50
N ALA A 406 2.14 -18.99 28.01
CA ALA A 406 3.30 -18.55 27.25
C ALA A 406 3.58 -19.43 26.03
N TRP A 407 3.18 -20.70 26.04
CA TRP A 407 3.37 -21.56 24.87
C TRP A 407 2.15 -21.59 23.95
N ILE A 408 0.97 -21.25 24.47
CA ILE A 408 -0.23 -21.23 23.66
C ILE A 408 -0.28 -19.96 22.80
N VAL A 409 0.19 -18.83 23.34
CA VAL A 409 0.17 -17.59 22.57
C VAL A 409 1.23 -17.65 21.48
N PRO A 410 0.91 -17.32 20.23
CA PRO A 410 1.89 -17.50 19.14
C PRO A 410 3.07 -16.54 19.29
N PRO A 411 4.24 -16.89 18.74
CA PRO A 411 5.42 -16.04 18.88
C PRO A 411 5.41 -14.78 18.03
N ILE A 412 4.37 -14.55 17.22
CA ILE A 412 4.19 -13.27 16.53
C ILE A 412 2.71 -12.90 16.65
N SER A 413 2.44 -11.60 16.65
CA SER A 413 1.06 -11.11 16.62
C SER A 413 0.23 -11.69 17.78
N GLY A 414 0.89 -11.96 18.89
CA GLY A 414 0.25 -12.50 20.09
C GLY A 414 -1.08 -11.87 20.44
N SER A 415 -1.12 -10.56 20.68
CA SER A 415 -2.38 -9.98 21.14
C SER A 415 -3.43 -9.86 20.03
N LEU A 416 -3.11 -10.22 18.80
CA LEU A 416 -4.08 -10.26 17.71
C LEU A 416 -4.87 -11.57 17.68
N THR A 417 -4.50 -12.54 18.51
CA THR A 417 -5.17 -13.82 18.59
C THR A 417 -5.96 -13.93 19.89
N PRO A 418 -7.05 -14.71 19.90
CA PRO A 418 -7.96 -14.70 21.07
C PRO A 418 -7.36 -15.29 22.34
N VAL A 419 -6.37 -16.17 22.24
CA VAL A 419 -5.81 -16.76 23.46
C VAL A 419 -5.09 -15.73 24.32
N PHE A 420 -4.66 -14.60 23.73
CA PHE A 420 -3.89 -13.60 24.45
C PHE A 420 -4.69 -13.04 25.62
N HIS A 421 -5.96 -12.76 25.40
CA HIS A 421 -6.81 -12.15 26.41
C HIS A 421 -7.50 -13.19 27.29
N GLN A 422 -7.09 -14.45 27.19
CA GLN A 422 -7.71 -15.54 27.93
C GLN A 422 -6.78 -15.97 29.07
N GLU A 423 -7.23 -15.77 30.31
CA GLU A 423 -6.48 -16.29 31.45
C GLU A 423 -6.53 -17.82 31.45
N MET A 424 -5.44 -18.43 31.91
CA MET A 424 -5.29 -19.87 31.83
C MET A 424 -4.65 -20.40 33.10
N VAL A 425 -5.03 -21.63 33.46
CA VAL A 425 -4.50 -22.34 34.62
C VAL A 425 -3.62 -23.47 34.11
N ASN A 426 -2.40 -23.55 34.65
CA ASN A 426 -1.44 -24.56 34.24
C ASN A 426 -1.26 -25.55 35.38
N TYR A 427 -1.35 -26.84 35.05
CA TYR A 427 -1.20 -27.89 36.06
C TYR A 427 -1.02 -29.21 35.33
N PHE A 428 -0.62 -30.24 36.09
CA PHE A 428 -0.22 -31.53 35.55
C PHE A 428 -1.34 -32.54 35.80
N LEU A 429 -1.90 -33.07 34.71
CA LEU A 429 -2.78 -34.23 34.76
C LEU A 429 -2.09 -35.46 34.16
N SER A 430 -2.54 -36.64 34.58
CA SER A 430 -2.08 -37.89 33.99
C SER A 430 -3.24 -38.61 33.31
N PRO A 431 -3.01 -39.31 32.18
CA PRO A 431 -1.77 -39.54 31.41
C PRO A 431 -1.10 -38.27 30.89
N ALA A 432 0.20 -38.37 30.62
CA ALA A 432 0.96 -37.19 30.24
C ALA A 432 2.22 -37.57 29.45
N PHE A 433 2.61 -36.66 28.57
CA PHE A 433 3.95 -36.65 28.00
C PHE A 433 4.88 -35.86 28.92
N ARG A 434 6.06 -36.39 29.20
CA ARG A 434 7.06 -35.71 30.01
C ARG A 434 8.37 -35.66 29.24
N TYR A 435 9.22 -34.71 29.62
CA TYR A 435 10.60 -34.69 29.15
C TYR A 435 11.42 -35.69 29.96
N GLN A 436 12.56 -36.09 29.40
CA GLN A 436 13.39 -37.09 30.05
C GLN A 436 14.84 -36.82 29.69
N PRO A 437 15.79 -37.33 30.48
CA PRO A 437 17.20 -37.06 30.19
C PRO A 437 17.60 -37.67 28.85
N ASP A 438 18.66 -37.12 28.27
CA ASP A 438 19.18 -37.64 27.03
C ASP A 438 20.04 -38.88 27.29
N PRO A 439 20.21 -39.76 26.27
CA PRO A 439 20.83 -41.07 26.53
C PRO A 439 22.34 -41.07 26.51
N TRP A 440 22.97 -40.00 26.96
CA TRP A 440 24.43 -39.90 26.97
C TRP A 440 24.90 -39.11 28.19
N LYS B 27 19.12 -23.70 46.84
CA LYS B 27 17.68 -23.81 46.62
C LYS B 27 17.12 -22.47 46.12
N PHE B 28 17.78 -21.91 45.10
CA PHE B 28 17.34 -20.71 44.42
C PHE B 28 17.09 -21.01 42.95
N PRO B 29 16.07 -20.41 42.34
CA PRO B 29 15.70 -20.79 40.97
C PRO B 29 16.82 -20.55 39.98
N ARG B 30 17.06 -21.54 39.13
CA ARG B 30 18.03 -21.44 38.04
C ARG B 30 17.31 -20.96 36.78
N VAL B 31 17.81 -19.88 36.19
CA VAL B 31 17.11 -19.11 35.16
C VAL B 31 18.00 -19.08 33.92
N LYS B 32 17.50 -19.58 32.80
CA LYS B 32 18.29 -19.69 31.58
C LYS B 32 17.79 -18.70 30.53
N ASN B 33 18.74 -18.12 29.78
CA ASN B 33 18.44 -17.46 28.51
C ASN B 33 18.72 -18.45 27.39
N TRP B 34 17.70 -18.74 26.59
CA TRP B 34 17.85 -19.78 25.57
C TRP B 34 18.40 -19.25 24.25
N GLU B 35 18.48 -17.93 24.08
CA GLU B 35 19.12 -17.41 22.87
C GLU B 35 20.64 -17.52 22.98
N VAL B 36 21.18 -17.27 24.17
CA VAL B 36 22.61 -17.13 24.35
C VAL B 36 23.22 -18.30 25.12
N GLY B 37 22.49 -18.91 26.05
CA GLY B 37 23.02 -19.97 26.88
C GLY B 37 23.36 -19.57 28.29
N SER B 38 23.22 -18.30 28.66
CA SER B 38 23.61 -17.85 29.99
C SER B 38 22.71 -18.47 31.06
N ILE B 39 23.25 -18.61 32.26
CA ILE B 39 22.54 -19.17 33.40
C ILE B 39 22.83 -18.33 34.62
N THR B 40 21.78 -17.92 35.33
CA THR B 40 21.91 -17.25 36.62
C THR B 40 20.99 -17.91 37.63
N TYR B 41 21.12 -17.49 38.88
CA TYR B 41 20.24 -17.96 39.94
C TYR B 41 19.64 -16.73 40.60
N ASP B 42 18.32 -16.74 40.79
CA ASP B 42 17.66 -15.57 41.37
C ASP B 42 17.59 -15.79 42.88
N THR B 43 18.57 -15.26 43.59
CA THR B 43 18.55 -15.35 45.04
C THR B 43 17.69 -14.25 45.66
N LEU B 44 17.42 -13.18 44.91
CA LEU B 44 16.54 -12.13 45.40
C LEU B 44 15.13 -12.66 45.66
N SER B 45 14.71 -13.69 44.93
CA SER B 45 13.36 -14.21 45.07
C SER B 45 13.11 -14.76 46.47
N ALA B 46 14.13 -15.28 47.14
CA ALA B 46 13.96 -15.81 48.49
C ALA B 46 13.59 -14.72 49.50
N GLN B 47 13.79 -13.45 49.16
CA GLN B 47 13.38 -12.34 49.99
C GLN B 47 11.97 -11.86 49.71
N ALA B 48 11.21 -12.57 48.86
CA ALA B 48 9.89 -12.11 48.42
C ALA B 48 8.96 -11.84 49.61
N GLN B 49 8.65 -10.56 49.83
CA GLN B 49 8.00 -10.05 51.03
C GLN B 49 6.48 -10.14 50.97
N GLN B 50 5.94 -11.01 50.13
CA GLN B 50 4.50 -11.29 50.13
C GLN B 50 4.29 -12.58 49.34
N ASP B 51 3.03 -12.98 49.24
CA ASP B 51 2.67 -14.24 48.61
C ASP B 51 1.69 -14.00 47.48
N GLY B 52 1.95 -14.61 46.32
CA GLY B 52 1.11 -14.52 45.15
C GLY B 52 0.24 -15.75 44.93
N PRO B 53 -0.35 -15.86 43.74
CA PRO B 53 -1.48 -16.78 43.55
C PRO B 53 -1.11 -18.23 43.21
N CYS B 54 0.15 -18.54 42.96
CA CYS B 54 0.51 -19.86 42.46
C CYS B 54 0.74 -20.83 43.63
N THR B 55 0.57 -22.12 43.33
CA THR B 55 0.91 -23.19 44.26
C THR B 55 1.63 -24.28 43.49
N PRO B 56 2.28 -25.24 44.15
CA PRO B 56 2.81 -26.41 43.42
C PRO B 56 1.76 -27.18 42.62
N ARG B 57 0.48 -27.08 43.00
CA ARG B 57 -0.59 -27.77 42.26
C ARG B 57 -0.93 -27.07 40.95
N ARG B 58 -0.81 -25.74 40.89
CA ARG B 58 -1.29 -25.01 39.71
C ARG B 58 -0.64 -23.63 39.65
N CYS B 59 -0.36 -23.19 38.42
CA CYS B 59 0.21 -21.88 38.16
C CYS B 59 -0.90 -20.94 37.69
N LEU B 60 -1.00 -19.78 38.35
CA LEU B 60 -1.95 -18.73 37.98
C LEU B 60 -1.22 -17.47 37.50
N GLY B 61 -0.05 -17.66 36.91
CA GLY B 61 0.78 -16.53 36.51
C GLY B 61 0.09 -15.59 35.53
N SER B 62 -0.84 -16.11 34.72
CA SER B 62 -1.48 -15.31 33.68
C SER B 62 -2.71 -14.54 34.15
N LEU B 63 -3.09 -14.65 35.43
CA LEU B 63 -4.20 -13.85 35.92
C LEU B 63 -3.77 -12.38 35.96
N VAL B 64 -4.68 -11.49 35.51
CA VAL B 64 -4.33 -10.07 35.48
C VAL B 64 -4.34 -9.50 36.90
N PHE B 65 -5.31 -9.90 37.72
CA PHE B 65 -5.38 -9.47 39.11
C PHE B 65 -5.22 -10.70 39.99
N PRO B 66 -3.98 -11.07 40.35
CA PRO B 66 -3.63 -12.20 41.22
C PRO B 66 -4.13 -12.04 42.65
N ALA B 79 -2.61 -4.64 64.01
CA ALA B 79 -2.06 -3.77 62.99
C ALA B 79 -0.68 -3.18 63.30
N PRO B 80 -0.43 -2.73 64.55
CA PRO B 80 0.86 -2.05 64.81
C PRO B 80 2.10 -2.91 64.60
N GLU B 81 2.12 -4.16 65.07
CA GLU B 81 3.35 -4.94 65.02
C GLU B 81 3.77 -5.30 63.60
N GLN B 82 2.82 -5.35 62.67
CA GLN B 82 3.07 -5.68 61.27
C GLN B 82 3.38 -4.44 60.45
N LEU B 83 2.70 -3.32 60.74
CA LEU B 83 3.19 -2.03 60.30
C LEU B 83 4.63 -1.81 60.76
N LEU B 84 4.96 -2.30 61.96
CA LEU B 84 6.34 -2.17 62.46
C LEU B 84 7.33 -2.99 61.66
N SER B 85 6.97 -4.21 61.27
CA SER B 85 7.97 -5.03 60.60
C SER B 85 8.15 -4.57 59.15
N GLN B 86 7.07 -4.17 58.49
CA GLN B 86 7.19 -3.56 57.17
C GLN B 86 8.07 -2.32 57.24
N ALA B 87 7.83 -1.47 58.24
CA ALA B 87 8.62 -0.25 58.38
C ALA B 87 10.09 -0.58 58.66
N ARG B 88 10.36 -1.50 59.58
CA ARG B 88 11.74 -1.84 59.88
C ARG B 88 12.45 -2.39 58.65
N ASP B 89 11.76 -3.17 57.81
CA ASP B 89 12.41 -3.69 56.60
C ASP B 89 12.72 -2.57 55.63
N PHE B 90 11.83 -1.59 55.48
CA PHE B 90 12.11 -0.50 54.55
C PHE B 90 13.24 0.38 55.05
N ILE B 91 13.21 0.74 56.34
CA ILE B 91 14.29 1.54 56.94
C ILE B 91 15.63 0.86 56.77
N ASN B 92 15.66 -0.47 56.93
CA ASN B 92 16.87 -1.24 56.65
C ASN B 92 17.30 -1.08 55.19
N GLN B 93 16.34 -1.18 54.27
CA GLN B 93 16.68 -1.00 52.86
C GLN B 93 17.26 0.38 52.62
N TYR B 94 16.57 1.43 53.09
CA TYR B 94 17.05 2.79 52.88
C TYR B 94 18.49 2.95 53.38
N TYR B 95 18.78 2.45 54.59
CA TYR B 95 20.11 2.63 55.13
C TYR B 95 21.15 1.75 54.41
N SER B 96 20.74 0.66 53.74
CA SER B 96 21.68 -0.07 52.88
C SER B 96 22.05 0.76 51.66
N SER B 97 21.07 1.39 51.03
CA SER B 97 21.28 2.11 49.79
C SER B 97 22.24 3.29 49.94
N ILE B 98 22.33 3.86 51.14
CA ILE B 98 23.26 4.96 51.39
C ILE B 98 24.52 4.46 52.11
N LYS B 99 24.77 3.16 52.05
CA LYS B 99 25.98 2.54 52.62
C LYS B 99 26.23 3.00 54.05
N ARG B 100 25.21 2.79 54.89
CA ARG B 100 25.25 3.26 56.27
C ARG B 100 24.51 2.31 57.20
N SER B 101 24.41 1.03 56.81
CA SER B 101 23.62 0.06 57.56
CA SER B 101 23.62 0.04 57.56
C SER B 101 24.21 -0.20 58.94
N GLY B 102 23.34 -0.53 59.88
CA GLY B 102 23.75 -0.83 61.25
C GLY B 102 24.43 0.29 61.99
N SER B 103 24.31 1.53 61.52
CA SER B 103 25.02 2.65 62.13
C SER B 103 24.19 3.30 63.23
N GLN B 104 24.78 4.32 63.87
CA GLN B 104 24.04 5.12 64.83
C GLN B 104 22.78 5.71 64.21
N ALA B 105 22.94 6.48 63.12
CA ALA B 105 21.79 7.10 62.47
C ALA B 105 20.75 6.06 62.07
N HIS B 106 21.19 4.83 61.77
CA HIS B 106 20.27 3.77 61.38
C HIS B 106 19.45 3.30 62.59
N GLU B 107 20.12 2.92 63.67
CA GLU B 107 19.39 2.46 64.85
C GLU B 107 18.53 3.58 65.45
N GLN B 108 19.01 4.82 65.41
CA GLN B 108 18.18 5.94 65.85
C GLN B 108 16.88 5.99 65.06
N ARG B 109 16.97 5.89 63.73
CA ARG B 109 15.77 6.01 62.91
C ARG B 109 14.78 4.88 63.18
N LEU B 110 15.28 3.66 63.39
CA LEU B 110 14.39 2.57 63.79
C LEU B 110 13.66 2.93 65.09
N GLN B 111 14.41 3.39 66.10
CA GLN B 111 13.82 3.79 67.37
C GLN B 111 12.81 4.92 67.19
N GLU B 112 13.13 5.91 66.36
CA GLU B 112 12.19 6.99 66.12
C GLU B 112 10.89 6.44 65.56
N VAL B 113 10.99 5.46 64.65
CA VAL B 113 9.79 4.96 63.98
C VAL B 113 8.89 4.22 64.96
N GLU B 114 9.44 3.30 65.75
CA GLU B 114 8.58 2.56 66.66
C GLU B 114 8.05 3.44 67.78
N ALA B 115 8.74 4.53 68.10
CA ALA B 115 8.18 5.52 69.02
C ALA B 115 7.00 6.25 68.38
N GLU B 116 7.10 6.56 67.09
CA GLU B 116 6.00 7.26 66.42
C GLU B 116 4.78 6.36 66.25
N VAL B 117 5.00 5.09 65.95
CA VAL B 117 3.87 4.17 65.80
C VAL B 117 3.18 3.95 67.15
N ALA B 118 3.94 3.97 68.24
CA ALA B 118 3.32 3.88 69.57
C ALA B 118 2.41 5.07 69.83
N ALA B 119 2.91 6.29 69.62
CA ALA B 119 2.14 7.46 70.03
C ALA B 119 1.02 7.78 69.06
N THR B 120 1.17 7.43 67.78
CA THR B 120 0.18 7.84 66.77
C THR B 120 -0.39 6.71 65.91
N GLY B 121 0.13 5.49 66.00
CA GLY B 121 -0.35 4.43 65.13
C GLY B 121 0.21 4.48 63.72
N THR B 122 1.09 5.42 63.41
CA THR B 122 1.66 5.54 62.07
C THR B 122 3.02 6.22 62.21
N TYR B 123 3.61 6.61 61.09
CA TYR B 123 4.84 7.39 61.11
C TYR B 123 4.98 8.12 59.78
N GLN B 124 5.88 9.10 59.75
CA GLN B 124 6.10 9.97 58.61
C GLN B 124 7.44 9.63 57.98
N LEU B 125 7.47 9.51 56.65
CA LEU B 125 8.74 9.36 55.95
C LEU B 125 9.47 10.69 55.85
N ARG B 126 10.79 10.66 56.04
CA ARG B 126 11.62 11.80 55.65
C ARG B 126 11.59 11.92 54.13
N GLU B 127 11.91 13.14 53.65
CA GLU B 127 11.91 13.41 52.22
C GLU B 127 12.81 12.45 51.44
N SER B 128 14.02 12.18 51.95
CA SER B 128 14.94 11.30 51.23
CA SER B 128 14.94 11.31 51.24
C SER B 128 14.46 9.85 51.21
N GLU B 129 13.72 9.43 52.24
CA GLU B 129 13.17 8.07 52.25
C GLU B 129 12.05 7.96 51.24
N LEU B 130 11.26 9.02 51.08
CA LEU B 130 10.18 8.99 50.11
C LEU B 130 10.73 8.87 48.69
N VAL B 131 11.77 9.64 48.37
CA VAL B 131 12.35 9.57 47.03
C VAL B 131 12.87 8.16 46.78
N PHE B 132 13.64 7.62 47.72
CA PHE B 132 14.16 6.27 47.57
C PHE B 132 13.02 5.26 47.47
N GLY B 133 12.02 5.38 48.36
CA GLY B 133 10.89 4.46 48.32
C GLY B 133 10.14 4.47 47.01
N ALA B 134 9.89 5.65 46.45
CA ALA B 134 9.17 5.74 45.18
C ALA B 134 9.96 5.09 44.05
N LYS B 135 11.29 5.25 44.05
CA LYS B 135 12.13 4.67 43.02
C LYS B 135 12.18 3.15 43.12
N GLN B 136 12.23 2.63 44.34
CA GLN B 136 12.25 1.17 44.53
C GLN B 136 10.96 0.53 44.04
N ALA B 137 9.82 1.17 44.35
CA ALA B 137 8.55 0.63 43.90
C ALA B 137 8.53 0.51 42.38
N TRP B 138 9.12 1.47 41.67
CA TRP B 138 9.26 1.33 40.22
C TRP B 138 10.23 0.20 39.88
N ARG B 139 11.39 0.21 40.53
CA ARG B 139 12.36 -0.85 40.34
C ARG B 139 11.77 -2.24 40.60
N ASN B 140 10.83 -2.35 41.54
CA ASN B 140 10.23 -3.62 41.93
C ASN B 140 9.01 -4.04 41.10
N ALA B 141 8.55 -3.22 40.15
CA ALA B 141 7.31 -3.51 39.43
C ALA B 141 7.54 -4.62 38.39
N PRO B 142 7.01 -5.83 38.60
CA PRO B 142 7.46 -6.96 37.77
C PRO B 142 6.97 -6.90 36.33
N ARG B 143 5.91 -6.14 36.05
CA ARG B 143 5.34 -6.06 34.71
C ARG B 143 5.84 -4.87 33.90
N CYS B 144 6.82 -4.10 34.39
CA CYS B 144 7.29 -2.89 33.72
C CYS B 144 8.56 -3.18 32.92
N VAL B 145 8.47 -3.03 31.59
CA VAL B 145 9.64 -3.23 30.73
C VAL B 145 10.54 -2.00 30.68
N GLY B 146 10.08 -0.85 31.20
CA GLY B 146 10.87 0.37 31.18
C GLY B 146 11.79 0.64 32.37
N ARG B 147 12.16 -0.40 33.13
CA ARG B 147 12.82 -0.18 34.42
C ARG B 147 14.31 0.15 34.32
N ILE B 148 14.92 0.11 33.14
CA ILE B 148 16.33 0.53 33.05
C ILE B 148 16.50 1.95 33.59
N GLN B 149 15.46 2.78 33.46
CA GLN B 149 15.34 4.18 33.88
C GLN B 149 15.05 4.37 35.38
N TRP B 150 14.95 3.31 36.18
CA TRP B 150 14.30 3.46 37.49
C TRP B 150 15.00 4.49 38.38
N GLY B 151 16.30 4.71 38.21
CA GLY B 151 16.97 5.71 39.01
C GLY B 151 16.71 7.15 38.59
N LYS B 152 16.20 7.36 37.38
CA LYS B 152 15.88 8.70 36.88
C LYS B 152 14.38 8.93 37.02
N LEU B 153 13.97 9.28 38.23
CA LEU B 153 12.57 9.54 38.52
C LEU B 153 12.49 10.86 39.27
N GLN B 154 11.65 11.77 38.80
CA GLN B 154 11.44 13.03 39.50
C GLN B 154 10.31 12.82 40.51
N VAL B 155 10.59 13.02 41.79
CA VAL B 155 9.61 12.78 42.86
C VAL B 155 9.11 14.13 43.34
N PHE B 156 7.82 14.41 43.11
CA PHE B 156 7.18 15.60 43.64
C PHE B 156 6.46 15.23 44.94
N ASP B 157 6.78 15.93 46.02
CA ASP B 157 6.22 15.68 47.34
C ASP B 157 5.02 16.59 47.51
N ALA B 158 3.82 16.03 47.41
CA ALA B 158 2.58 16.76 47.67
C ALA B 158 1.90 16.26 48.93
N ARG B 159 2.69 15.82 49.90
CA ARG B 159 2.10 15.32 51.14
C ARG B 159 1.54 16.43 52.00
N ASP B 160 1.84 17.70 51.71
CA ASP B 160 1.19 18.80 52.40
C ASP B 160 -0.10 19.21 51.72
N CYS B 161 -0.53 18.46 50.70
CA CYS B 161 -1.71 18.86 49.94
C CYS B 161 -2.93 18.86 50.84
N ARG B 162 -3.82 19.82 50.58
CA ARG B 162 -4.86 20.18 51.52
C ARG B 162 -6.25 20.02 50.97
N SER B 163 -6.45 20.22 49.67
CA SER B 163 -7.79 20.13 49.12
C SER B 163 -7.71 19.56 47.71
N ALA B 164 -8.89 19.31 47.16
CA ALA B 164 -9.00 18.88 45.77
C ALA B 164 -8.47 19.95 44.82
N GLN B 165 -8.64 21.21 45.17
CA GLN B 165 -8.19 22.30 44.33
C GLN B 165 -6.66 22.35 44.27
N GLU B 166 -6.00 22.28 45.43
CA GLU B 166 -4.55 22.14 45.45
C GLU B 166 -4.11 20.89 44.70
N MET B 167 -4.89 19.80 44.83
CA MET B 167 -4.53 18.56 44.16
C MET B 167 -4.50 18.76 42.65
N PHE B 168 -5.48 19.52 42.13
CA PHE B 168 -5.49 19.84 40.71
C PHE B 168 -4.24 20.62 40.30
N THR B 169 -3.81 21.56 41.15
CA THR B 169 -2.64 22.36 40.82
C THR B 169 -1.37 21.51 40.75
N TYR B 170 -1.20 20.61 41.72
CA TYR B 170 -0.05 19.71 41.70
C TYR B 170 -0.05 18.83 40.45
N ILE B 171 -1.23 18.41 40.01
CA ILE B 171 -1.33 17.48 38.89
C ILE B 171 -0.97 18.18 37.60
N CYS B 172 -1.56 19.35 37.37
CA CYS B 172 -1.17 20.20 36.25
C CYS B 172 0.34 20.43 36.21
N ASN B 173 0.95 20.75 37.36
CA ASN B 173 2.41 20.88 37.39
C ASN B 173 3.09 19.58 36.95
N HIS B 174 2.64 18.45 37.48
CA HIS B 174 3.17 17.16 37.05
C HIS B 174 3.08 17.02 35.53
N ILE B 175 1.88 17.18 34.96
CA ILE B 175 1.69 16.97 33.52
C ILE B 175 2.65 17.86 32.73
N LYS B 176 2.83 19.10 33.16
CA LYS B 176 3.65 20.05 32.41
C LYS B 176 5.14 19.72 32.54
N TYR B 177 5.60 19.40 33.74
CA TYR B 177 6.99 18.96 33.90
C TYR B 177 7.25 17.66 33.12
N ALA B 178 6.34 16.69 33.22
CA ALA B 178 6.59 15.39 32.61
C ALA B 178 6.53 15.48 31.09
N THR B 179 5.59 16.26 30.56
CA THR B 179 5.46 16.41 29.12
C THR B 179 6.65 17.17 28.53
N ASN B 180 6.96 18.35 29.08
CA ASN B 180 8.19 19.06 28.74
C ASN B 180 8.29 19.30 27.23
N ARG B 181 7.16 19.67 26.63
CA ARG B 181 7.07 20.01 25.21
C ARG B 181 7.44 18.82 24.30
N GLY B 182 7.26 17.61 24.77
CA GLY B 182 7.53 16.42 23.98
C GLY B 182 8.78 15.67 24.37
N ASN B 183 9.70 16.30 25.12
CA ASN B 183 10.91 15.63 25.60
C ASN B 183 10.63 15.05 27.00
N LEU B 184 9.95 13.90 27.01
CA LEU B 184 9.27 13.44 28.21
C LEU B 184 10.25 13.08 29.33
N ARG B 185 9.84 13.34 30.56
CA ARG B 185 10.60 12.98 31.75
C ARG B 185 9.73 12.13 32.67
N SER B 186 10.33 11.09 33.25
CA SER B 186 9.63 10.26 34.24
C SER B 186 9.35 11.02 35.53
N ALA B 187 8.16 10.84 36.10
CA ALA B 187 7.83 11.58 37.32
C ALA B 187 6.73 10.87 38.10
N ILE B 188 6.71 11.14 39.42
CA ILE B 188 5.61 10.75 40.28
C ILE B 188 5.32 11.89 41.27
N THR B 189 4.04 12.16 41.52
CA THR B 189 3.61 13.09 42.55
C THR B 189 2.94 12.31 43.67
N VAL B 190 3.40 12.51 44.90
CA VAL B 190 2.92 11.73 46.04
C VAL B 190 2.03 12.62 46.90
N PHE B 191 0.74 12.34 46.91
CA PHE B 191 -0.22 13.01 47.78
C PHE B 191 -0.22 12.38 49.18
N PRO B 192 -0.90 12.99 50.15
CA PRO B 192 -0.76 12.51 51.53
C PRO B 192 -1.17 11.05 51.69
N GLN B 193 -0.54 10.40 52.66
CA GLN B 193 -0.76 8.99 52.90
C GLN B 193 -2.11 8.74 53.61
N ARG B 194 -2.56 7.49 53.49
CA ARG B 194 -3.66 6.99 54.31
C ARG B 194 -3.27 7.11 55.77
N CYS B 195 -4.20 7.62 56.58
N CYS B 195 -4.19 7.65 56.57
CA CYS B 195 -3.97 7.90 57.98
CA CYS B 195 -3.94 7.77 57.99
C CYS B 195 -5.28 7.69 58.72
C CYS B 195 -5.26 7.63 58.70
N PRO B 196 -5.26 7.13 59.93
CA PRO B 196 -6.52 6.92 60.65
C PRO B 196 -7.18 8.24 61.04
N GLY B 197 -8.48 8.33 60.78
CA GLY B 197 -9.26 9.49 61.18
C GLY B 197 -9.85 10.22 60.00
N ARG B 198 -9.09 10.25 58.91
CA ARG B 198 -9.42 10.95 57.68
C ARG B 198 -9.60 9.94 56.57
N GLY B 199 -10.43 10.28 55.59
CA GLY B 199 -10.51 9.51 54.36
C GLY B 199 -9.29 9.75 53.46
N ASP B 200 -9.33 9.12 52.30
CA ASP B 200 -8.20 9.09 51.37
C ASP B 200 -8.33 10.19 50.32
N PHE B 201 -7.19 10.77 49.93
CA PHE B 201 -7.12 11.35 48.58
C PHE B 201 -7.22 10.22 47.56
N ARG B 202 -8.04 10.43 46.52
CA ARG B 202 -8.14 9.52 45.39
C ARG B 202 -8.26 10.30 44.10
N ILE B 203 -7.54 9.87 43.07
CA ILE B 203 -7.83 10.23 41.70
C ILE B 203 -8.77 9.18 41.13
N TRP B 204 -9.95 9.59 40.66
CA TRP B 204 -10.90 8.58 40.21
C TRP B 204 -10.55 8.05 38.82
N ASN B 205 -9.91 8.88 38.00
CA ASN B 205 -9.46 8.47 36.66
C ASN B 205 -8.30 7.50 36.73
N SER B 206 -8.34 6.50 35.85
CA SER B 206 -7.25 5.53 35.82
C SER B 206 -5.97 6.13 35.24
N GLN B 207 -6.08 7.07 34.31
CA GLN B 207 -4.90 7.83 33.91
C GLN B 207 -5.22 9.30 33.94
N LEU B 208 -4.18 10.14 33.98
CA LEU B 208 -4.43 11.57 33.97
C LEU B 208 -5.01 12.02 32.64
N VAL B 209 -4.59 11.38 31.55
CA VAL B 209 -5.12 11.66 30.22
C VAL B 209 -5.79 10.41 29.68
N ARG B 210 -7.09 10.48 29.47
CA ARG B 210 -7.86 9.42 28.84
C ARG B 210 -8.90 10.06 27.94
N TYR B 211 -9.32 9.32 26.93
CA TYR B 211 -10.38 9.76 26.03
C TYR B 211 -11.74 9.22 26.47
N ALA B 212 -12.77 10.03 26.29
CA ALA B 212 -14.13 9.63 26.63
C ALA B 212 -14.57 8.41 25.83
N GLY B 213 -15.49 7.64 26.43
CA GLY B 213 -16.17 6.54 25.77
C GLY B 213 -17.68 6.64 25.96
N TYR B 214 -18.40 6.98 24.89
CA TYR B 214 -19.83 7.23 24.94
C TYR B 214 -20.61 6.05 24.41
N ARG B 215 -21.56 5.54 25.19
CA ARG B 215 -22.50 4.55 24.69
C ARG B 215 -23.31 5.11 23.52
N GLN B 216 -23.91 4.22 22.74
CA GLN B 216 -24.50 4.60 21.47
C GLN B 216 -25.91 4.05 21.34
N GLN B 217 -26.49 4.27 20.16
CA GLN B 217 -27.76 3.66 19.79
C GLN B 217 -27.56 2.25 19.27
N ASP B 218 -26.47 2.01 18.53
CA ASP B 218 -26.10 0.67 18.08
C ASP B 218 -25.79 -0.28 19.25
N GLY B 219 -25.94 0.16 20.50
CA GLY B 219 -25.28 -0.50 21.61
C GLY B 219 -23.77 -0.33 21.62
N SER B 220 -23.22 0.30 20.59
CA SER B 220 -21.78 0.42 20.42
C SER B 220 -21.24 1.51 21.34
N VAL B 221 -19.97 1.88 21.13
CA VAL B 221 -19.29 2.87 21.95
C VAL B 221 -18.53 3.81 21.03
N ARG B 222 -18.64 5.10 21.29
CA ARG B 222 -17.90 6.10 20.53
C ARG B 222 -16.75 6.60 21.41
N GLY B 223 -15.52 6.46 20.91
CA GLY B 223 -14.35 6.74 21.71
C GLY B 223 -13.76 5.47 22.29
N ASP B 224 -13.17 5.56 23.48
CA ASP B 224 -12.42 4.44 24.05
C ASP B 224 -13.37 3.59 24.90
N PRO B 225 -13.65 2.35 24.52
CA PRO B 225 -14.54 1.51 25.33
C PRO B 225 -14.00 1.22 26.72
N ALA B 226 -12.69 1.34 26.96
CA ALA B 226 -12.18 1.05 28.29
C ALA B 226 -12.59 2.10 29.32
N ASN B 227 -13.12 3.25 28.88
CA ASN B 227 -13.36 4.39 29.74
C ASN B 227 -14.84 4.71 29.83
N VAL B 228 -15.71 3.74 29.52
CA VAL B 228 -17.15 3.99 29.59
C VAL B 228 -17.57 4.37 31.01
N GLU B 229 -17.00 3.70 32.00
CA GLU B 229 -17.46 3.86 33.38
C GLU B 229 -17.08 5.25 33.91
N ILE B 230 -15.81 5.63 33.76
CA ILE B 230 -15.37 6.95 34.19
C ILE B 230 -16.06 8.04 33.39
N THR B 231 -16.39 7.77 32.12
CA THR B 231 -17.12 8.75 31.33
C THR B 231 -18.52 8.99 31.89
N GLU B 232 -19.22 7.94 32.31
CA GLU B 232 -20.57 8.12 32.85
C GLU B 232 -20.51 8.82 34.20
N LEU B 233 -19.53 8.46 35.02
CA LEU B 233 -19.32 9.16 36.28
C LEU B 233 -19.11 10.66 36.07
N CYS B 234 -18.28 11.03 35.09
CA CYS B 234 -18.02 12.44 34.87
C CYS B 234 -19.31 13.18 34.51
N ILE B 235 -20.11 12.61 33.60
CA ILE B 235 -21.33 13.28 33.15
C ILE B 235 -22.28 13.50 34.33
N GLN B 236 -22.42 12.48 35.17
CA GLN B 236 -23.32 12.62 36.29
C GLN B 236 -22.73 13.46 37.42
N HIS B 237 -21.47 13.85 37.33
CA HIS B 237 -20.92 14.87 38.22
C HIS B 237 -20.81 16.21 37.53
N GLY B 238 -21.59 16.43 36.47
CA GLY B 238 -21.73 17.74 35.87
C GLY B 238 -20.91 18.03 34.63
N TRP B 239 -20.25 17.03 34.05
CA TRP B 239 -19.48 17.27 32.83
C TRP B 239 -20.41 17.27 31.63
N THR B 240 -20.31 18.32 30.80
CA THR B 240 -20.98 18.37 29.51
C THR B 240 -20.20 17.53 28.50
N PRO B 241 -20.70 16.36 28.12
CA PRO B 241 -19.92 15.49 27.23
C PRO B 241 -19.90 16.04 25.82
N GLY B 242 -18.87 15.62 25.08
CA GLY B 242 -18.80 15.84 23.66
C GLY B 242 -19.36 14.65 22.92
N ASN B 243 -19.00 14.56 21.64
CA ASN B 243 -19.40 13.38 20.89
C ASN B 243 -18.31 12.91 19.93
N GLY B 244 -17.05 13.26 20.21
CA GLY B 244 -15.94 12.79 19.41
C GLY B 244 -15.42 11.43 19.87
N ARG B 245 -14.42 10.95 19.15
CA ARG B 245 -13.76 9.69 19.47
C ARG B 245 -12.48 9.89 20.28
N PHE B 246 -12.02 11.13 20.41
CA PHE B 246 -10.79 11.46 21.11
C PHE B 246 -11.02 12.69 22.00
N ASP B 247 -12.13 12.70 22.72
CA ASP B 247 -12.41 13.75 23.71
C ASP B 247 -11.69 13.43 25.01
N VAL B 248 -10.77 14.31 25.40
CA VAL B 248 -10.05 14.16 26.66
C VAL B 248 -11.01 14.32 27.84
N LEU B 249 -10.86 13.46 28.84
CA LEU B 249 -11.78 13.42 29.97
C LEU B 249 -11.37 14.42 31.06
N PRO B 250 -12.34 15.02 31.76
CA PRO B 250 -12.00 15.82 32.93
C PRO B 250 -11.52 14.92 34.06
N LEU B 251 -10.84 15.52 35.03
CA LEU B 251 -10.38 14.80 36.22
C LEU B 251 -11.45 14.78 37.32
N LEU B 252 -11.57 13.65 37.99
CA LEU B 252 -12.44 13.51 39.15
C LEU B 252 -11.53 13.29 40.35
N LEU B 253 -11.43 14.31 41.19
CA LEU B 253 -10.46 14.36 42.28
C LEU B 253 -11.20 14.37 43.61
N GLN B 254 -10.73 13.54 44.54
CA GLN B 254 -11.40 13.31 45.81
C GLN B 254 -10.42 13.63 46.92
N ALA B 255 -10.74 14.69 47.69
CA ALA B 255 -10.12 15.01 48.97
C ALA B 255 -10.80 14.22 50.08
N PRO B 256 -10.09 14.00 51.19
CA PRO B 256 -10.65 13.18 52.28
C PRO B 256 -12.06 13.59 52.66
N ASP B 257 -12.94 12.58 52.74
CA ASP B 257 -14.29 12.69 53.27
C ASP B 257 -15.14 13.68 52.48
N GLU B 258 -14.75 13.91 51.24
CA GLU B 258 -15.38 14.80 50.28
C GLU B 258 -15.86 13.98 49.10
N PRO B 259 -16.95 14.37 48.45
CA PRO B 259 -17.29 13.77 47.14
C PRO B 259 -16.22 14.15 46.12
N PRO B 260 -16.12 13.41 45.00
CA PRO B 260 -15.17 13.81 43.97
C PRO B 260 -15.59 15.12 43.32
N GLU B 261 -14.59 15.87 42.87
CA GLU B 261 -14.78 17.18 42.26
C GLU B 261 -14.21 17.16 40.87
N LEU B 262 -14.89 17.86 39.97
CA LEU B 262 -14.59 17.81 38.54
C LEU B 262 -13.65 18.94 38.19
N PHE B 263 -12.58 18.63 37.45
CA PHE B 263 -11.65 19.65 36.98
C PHE B 263 -11.34 19.40 35.51
N LEU B 264 -11.44 20.45 34.71
CA LEU B 264 -11.13 20.37 33.29
C LEU B 264 -9.63 20.57 33.08
N LEU B 265 -9.00 19.67 32.33
CA LEU B 265 -7.61 19.88 31.95
C LEU B 265 -7.54 20.96 30.87
N PRO B 266 -6.65 21.94 31.00
CA PRO B 266 -6.51 22.96 29.96
C PRO B 266 -6.05 22.34 28.64
N PRO B 267 -6.69 22.70 27.53
CA PRO B 267 -6.34 22.05 26.25
C PRO B 267 -4.85 22.06 25.96
N GLU B 268 -4.19 23.19 26.23
CA GLU B 268 -2.77 23.36 25.93
C GLU B 268 -1.86 22.63 26.90
N LEU B 269 -2.40 22.00 27.94
CA LEU B 269 -1.60 21.15 28.80
C LEU B 269 -1.49 19.72 28.28
N VAL B 270 -2.45 19.26 27.49
CA VAL B 270 -2.50 17.89 27.01
C VAL B 270 -1.93 17.86 25.60
N LEU B 271 -0.65 17.52 25.49
CA LEU B 271 0.01 17.32 24.20
C LEU B 271 -0.50 16.04 23.53
N GLU B 272 -1.05 16.18 22.32
CA GLU B 272 -1.56 15.07 21.53
C GLU B 272 -0.79 14.94 20.23
N VAL B 273 -0.89 13.77 19.61
CA VAL B 273 -0.15 13.48 18.38
C VAL B 273 -1.12 12.96 17.32
N PRO B 274 -1.41 13.72 16.28
CA PRO B 274 -2.20 13.16 15.18
C PRO B 274 -1.41 12.05 14.50
N LEU B 275 -2.09 10.95 14.18
CA LEU B 275 -1.41 9.79 13.61
C LEU B 275 -1.45 9.83 12.09
N GLU B 276 -0.29 9.65 11.48
CA GLU B 276 -0.21 9.50 10.03
C GLU B 276 0.80 8.40 9.76
N HIS B 277 0.77 7.89 8.55
CA HIS B 277 1.68 6.84 8.09
C HIS B 277 2.68 7.43 7.11
N PRO B 278 3.95 7.01 7.15
CA PRO B 278 4.94 7.61 6.24
C PRO B 278 4.66 7.39 4.76
N THR B 279 4.09 6.25 4.37
CA THR B 279 3.85 5.95 2.96
C THR B 279 2.44 5.45 2.68
N LEU B 280 1.51 5.57 3.63
CA LEU B 280 0.10 5.26 3.37
C LEU B 280 -0.67 6.55 3.67
N GLU B 281 -0.82 7.38 2.65
CA GLU B 281 -1.30 8.74 2.87
C GLU B 281 -2.77 8.78 3.22
N TRP B 282 -3.55 7.76 2.88
CA TRP B 282 -4.92 7.74 3.34
C TRP B 282 -5.02 7.55 4.84
N PHE B 283 -3.94 7.11 5.50
CA PHE B 283 -3.99 6.82 6.93
C PHE B 283 -4.32 8.06 7.73
N ALA B 284 -3.77 9.21 7.34
CA ALA B 284 -4.03 10.45 8.06
C ALA B 284 -5.49 10.85 8.03
N ALA B 285 -6.26 10.34 7.07
CA ALA B 285 -7.67 10.67 6.96
C ALA B 285 -8.54 9.81 7.88
N LEU B 286 -7.98 8.83 8.57
CA LEU B 286 -8.74 8.14 9.61
C LEU B 286 -9.00 9.04 10.81
N GLY B 287 -8.25 10.12 10.95
CA GLY B 287 -8.48 11.04 12.04
C GLY B 287 -8.03 10.51 13.38
N LEU B 288 -7.04 9.62 13.40
CA LEU B 288 -6.64 9.04 14.66
C LEU B 288 -5.61 9.93 15.35
N ARG B 289 -5.64 9.87 16.68
CA ARG B 289 -4.74 10.63 17.55
C ARG B 289 -4.40 9.75 18.74
N TRP B 290 -3.29 10.05 19.37
CA TRP B 290 -3.07 9.61 20.73
C TRP B 290 -2.36 10.73 21.48
N TYR B 291 -2.27 10.59 22.80
CA TYR B 291 -1.67 11.60 23.66
C TYR B 291 -0.24 11.20 24.01
N ALA B 292 0.54 12.20 24.45
CA ALA B 292 1.97 12.01 24.67
C ALA B 292 2.29 11.28 25.97
N LEU B 293 1.50 11.53 27.02
CA LEU B 293 1.93 11.24 28.38
C LEU B 293 1.13 10.09 28.96
N PRO B 294 1.73 8.91 29.17
CA PRO B 294 1.01 7.85 29.89
C PRO B 294 1.22 8.06 31.39
N ALA B 295 0.19 8.51 32.10
CA ALA B 295 0.30 8.82 33.53
C ALA B 295 -0.74 8.00 34.28
N VAL B 296 -0.30 6.96 34.95
CA VAL B 296 -1.21 6.09 35.68
C VAL B 296 -1.49 6.70 37.04
N SER B 297 -2.75 6.79 37.38
CA SER B 297 -3.16 7.60 38.51
C SER B 297 -4.09 6.88 39.48
N ASN B 298 -4.35 5.58 39.29
CA ASN B 298 -5.29 4.85 40.14
C ASN B 298 -4.64 3.73 40.94
N MET B 299 -3.32 3.65 40.96
CA MET B 299 -2.64 2.63 41.74
C MET B 299 -2.17 3.17 43.08
N LEU B 300 -1.97 2.25 44.01
CA LEU B 300 -1.58 2.59 45.37
C LEU B 300 -0.08 2.37 45.53
N LEU B 301 0.61 3.36 46.11
CA LEU B 301 2.03 3.24 46.37
C LEU B 301 2.23 2.87 47.82
N GLU B 302 2.89 1.74 48.07
CA GLU B 302 3.17 1.25 49.41
C GLU B 302 4.66 1.38 49.71
N ILE B 303 4.98 2.05 50.80
CA ILE B 303 6.36 2.24 51.23
C ILE B 303 6.41 1.93 52.71
N GLY B 304 7.16 0.89 53.08
CA GLY B 304 7.47 0.61 54.47
C GLY B 304 6.26 0.56 55.38
N GLY B 305 5.19 -0.09 54.93
CA GLY B 305 3.97 -0.16 55.69
C GLY B 305 3.00 0.96 55.41
N LEU B 306 3.47 2.10 54.91
CA LEU B 306 2.56 3.21 54.68
C LEU B 306 1.98 3.13 53.29
N GLU B 307 0.75 3.64 53.15
CA GLU B 307 0.01 3.54 51.89
C GLU B 307 -0.36 4.92 51.38
N PHE B 308 -0.11 5.13 50.09
CA PHE B 308 -0.42 6.36 49.37
C PHE B 308 -1.41 6.02 48.26
N PRO B 309 -2.72 6.10 48.52
CA PRO B 309 -3.69 5.75 47.47
C PRO B 309 -3.73 6.76 46.32
N ALA B 310 -3.05 7.90 46.44
CA ALA B 310 -3.00 8.83 45.33
C ALA B 310 -1.53 9.20 45.10
N ALA B 311 -0.94 8.61 44.05
CA ALA B 311 0.46 8.86 43.73
C ALA B 311 0.69 8.62 42.25
N PRO B 312 0.14 9.47 41.37
CA PRO B 312 0.21 9.20 39.94
C PRO B 312 1.64 9.29 39.44
N PHE B 313 1.96 8.43 38.46
CA PHE B 313 3.30 8.44 37.93
C PHE B 313 3.23 8.35 36.40
N SER B 314 4.25 8.89 35.75
CA SER B 314 4.22 8.93 34.30
C SER B 314 5.62 8.64 33.77
N GLY B 315 5.65 8.04 32.58
CA GLY B 315 6.88 7.75 31.87
C GLY B 315 6.76 8.21 30.42
N TRP B 316 7.13 7.37 29.47
CA TRP B 316 6.76 7.64 28.10
C TRP B 316 6.30 6.33 27.45
N TYR B 317 5.58 6.45 26.34
CA TYR B 317 4.97 5.29 25.71
C TYR B 317 6.00 4.41 25.00
N MET B 318 5.76 3.09 25.09
CA MET B 318 6.29 2.13 24.13
C MET B 318 5.25 1.94 23.03
N SER B 319 5.68 1.99 21.76
CA SER B 319 4.76 2.22 20.64
C SER B 319 3.69 1.13 20.52
N THR B 320 4.03 -0.13 20.85
CA THR B 320 3.00 -1.18 20.80
C THR B 320 1.87 -0.95 21.80
N GLU B 321 2.09 -0.22 22.91
CA GLU B 321 0.96 0.06 23.77
C GLU B 321 -0.13 0.78 23.01
N ILE B 322 0.27 1.70 22.13
CA ILE B 322 -0.67 2.50 21.36
C ILE B 322 -1.15 1.72 20.15
N GLY B 323 -0.21 1.23 19.34
CA GLY B 323 -0.57 0.64 18.07
C GLY B 323 -1.30 -0.69 18.22
N THR B 324 -0.71 -1.61 18.97
CA THR B 324 -1.32 -2.93 19.09
C THR B 324 -2.47 -2.91 20.10
N ARG B 325 -2.20 -2.51 21.34
CA ARG B 325 -3.25 -2.65 22.35
C ARG B 325 -4.33 -1.57 22.20
N ASN B 326 -3.95 -0.30 22.24
CA ASN B 326 -5.01 0.71 22.34
C ASN B 326 -5.81 0.82 21.06
N LEU B 327 -5.17 0.62 19.92
CA LEU B 327 -5.86 0.81 18.64
C LEU B 327 -6.37 -0.48 18.03
N CYS B 328 -5.74 -1.64 18.28
CA CYS B 328 -6.13 -2.87 17.58
C CYS B 328 -6.91 -3.87 18.43
N ASP B 329 -6.84 -3.81 19.76
CA ASP B 329 -7.63 -4.72 20.59
C ASP B 329 -9.10 -4.65 20.17
N PRO B 330 -9.76 -5.79 19.97
CA PRO B 330 -11.17 -5.74 19.56
C PRO B 330 -12.06 -5.05 20.58
N HIS B 331 -11.66 -5.01 21.85
CA HIS B 331 -12.43 -4.34 22.88
C HIS B 331 -11.90 -2.92 23.17
N ARG B 332 -11.05 -2.38 22.29
CA ARG B 332 -10.69 -0.98 22.40
C ARG B 332 -11.17 -0.24 21.16
N TYR B 333 -10.27 0.48 20.50
CA TYR B 333 -10.69 1.21 19.29
C TYR B 333 -10.90 0.28 18.10
N ASN B 334 -10.25 -0.89 18.10
CA ASN B 334 -10.60 -1.99 17.17
C ASN B 334 -10.57 -1.57 15.70
N ILE B 335 -9.46 -0.94 15.28
CA ILE B 335 -9.35 -0.38 13.93
C ILE B 335 -8.74 -1.38 12.93
N LEU B 336 -8.38 -2.58 13.37
CA LEU B 336 -7.47 -3.42 12.60
C LEU B 336 -8.08 -3.81 11.26
N GLU B 337 -9.33 -4.28 11.27
CA GLU B 337 -9.95 -4.67 10.01
C GLU B 337 -10.20 -3.47 9.11
N ASP B 338 -10.50 -2.31 9.67
CA ASP B 338 -10.67 -1.12 8.85
C ASP B 338 -9.37 -0.76 8.15
N VAL B 339 -8.25 -0.81 8.87
CA VAL B 339 -6.96 -0.55 8.24
C VAL B 339 -6.68 -1.58 7.13
N ALA B 340 -6.91 -2.86 7.41
CA ALA B 340 -6.59 -3.91 6.44
C ALA B 340 -7.41 -3.76 5.17
N VAL B 341 -8.69 -3.42 5.29
CA VAL B 341 -9.51 -3.20 4.11
C VAL B 341 -8.95 -2.06 3.28
N CYS B 342 -8.60 -0.95 3.93
CA CYS B 342 -8.01 0.15 3.20
C CYS B 342 -6.73 -0.25 2.51
N MET B 343 -5.91 -1.09 3.15
CA MET B 343 -4.64 -1.54 2.58
C MET B 343 -4.82 -2.48 1.40
N ASP B 344 -6.06 -2.85 1.05
CA ASP B 344 -6.36 -3.80 -0.02
C ASP B 344 -5.76 -5.17 0.28
N LEU B 345 -5.79 -5.56 1.55
CA LEU B 345 -5.43 -6.92 1.92
C LEU B 345 -6.65 -7.84 1.80
N ASP B 346 -6.38 -9.11 1.55
CA ASP B 346 -7.42 -10.12 1.44
C ASP B 346 -7.87 -10.51 2.84
N THR B 347 -8.91 -9.84 3.37
CA THR B 347 -9.43 -10.20 4.68
C THR B 347 -10.39 -11.38 4.66
N ARG B 348 -10.52 -12.10 3.53
CA ARG B 348 -11.42 -13.25 3.49
C ARG B 348 -10.86 -14.41 4.29
N THR B 349 -9.53 -14.56 4.31
CA THR B 349 -8.88 -15.74 4.83
C THR B 349 -7.78 -15.33 5.80
N THR B 350 -7.59 -16.13 6.85
CA THR B 350 -6.60 -15.77 7.86
C THR B 350 -5.19 -16.01 7.38
N SER B 351 -5.02 -16.95 6.44
CA SER B 351 -3.68 -17.34 6.02
C SER B 351 -3.00 -16.28 5.14
N SER B 352 -3.71 -15.24 4.71
CA SER B 352 -2.99 -14.11 4.13
C SER B 352 -2.21 -13.32 5.16
N LEU B 353 -2.46 -13.56 6.47
CA LEU B 353 -1.85 -12.82 7.57
C LEU B 353 -2.16 -11.33 7.48
N TRP B 354 -3.38 -11.02 7.05
CA TRP B 354 -3.78 -9.62 6.94
C TRP B 354 -3.79 -8.91 8.29
N LYS B 355 -4.08 -9.61 9.38
CA LYS B 355 -4.04 -8.94 10.68
C LYS B 355 -2.63 -8.54 11.04
N ASP B 356 -1.67 -9.46 10.88
CA ASP B 356 -0.28 -9.15 11.16
C ASP B 356 0.22 -7.99 10.31
N LYS B 357 -0.18 -7.94 9.03
CA LYS B 357 0.26 -6.87 8.13
C LYS B 357 -0.33 -5.51 8.54
N ALA B 358 -1.64 -5.46 8.76
CA ALA B 358 -2.26 -4.21 9.20
C ALA B 358 -1.64 -3.71 10.49
N ALA B 359 -1.41 -4.62 11.44
CA ALA B 359 -0.92 -4.22 12.76
C ALA B 359 0.50 -3.68 12.69
N VAL B 360 1.37 -4.30 11.88
CA VAL B 360 2.71 -3.75 11.75
C VAL B 360 2.65 -2.33 11.18
N GLU B 361 1.73 -2.08 10.23
CA GLU B 361 1.66 -0.76 9.63
C GLU B 361 1.08 0.29 10.59
N ILE B 362 0.11 -0.11 11.42
CA ILE B 362 -0.39 0.80 12.47
C ILE B 362 0.75 1.17 13.42
N ASN B 363 1.58 0.20 13.81
CA ASN B 363 2.69 0.52 14.68
C ASN B 363 3.69 1.46 14.01
N VAL B 364 4.03 1.20 12.75
CA VAL B 364 4.89 2.10 11.98
C VAL B 364 4.33 3.52 12.00
N ALA B 365 3.02 3.65 11.79
CA ALA B 365 2.41 4.97 11.80
C ALA B 365 2.56 5.63 13.17
N VAL B 366 2.44 4.85 14.24
CA VAL B 366 2.57 5.40 15.58
C VAL B 366 3.99 5.92 15.79
N LEU B 367 4.99 5.10 15.44
CA LEU B 367 6.39 5.52 15.64
C LEU B 367 6.73 6.73 14.77
N HIS B 368 6.19 6.77 13.55
CA HIS B 368 6.52 7.88 12.65
C HIS B 368 5.86 9.15 13.12
N SER B 369 4.63 9.05 13.61
CA SER B 369 3.91 10.24 14.01
C SER B 369 4.57 10.90 15.22
N TYR B 370 4.91 10.10 16.23
CA TYR B 370 5.55 10.64 17.43
C TYR B 370 6.93 11.20 17.11
N GLN B 371 7.71 10.53 16.26
CA GLN B 371 9.00 11.10 15.90
C GLN B 371 8.82 12.40 15.14
N LEU B 372 7.82 12.46 14.28
CA LEU B 372 7.52 13.66 13.52
C LEU B 372 7.11 14.81 14.43
N ALA B 373 6.24 14.53 15.40
CA ALA B 373 5.82 15.53 16.35
C ALA B 373 6.86 15.80 17.41
N LYS B 374 7.99 15.09 17.40
CA LYS B 374 9.06 15.28 18.38
C LYS B 374 8.58 14.96 19.81
N VAL B 375 7.87 13.86 19.93
CA VAL B 375 7.38 13.38 21.22
C VAL B 375 8.07 12.06 21.52
N THR B 376 8.81 12.00 22.64
CA THR B 376 9.47 10.77 23.08
C THR B 376 8.61 9.53 22.88
N ILE B 377 9.22 8.49 22.30
CA ILE B 377 8.58 7.19 22.17
C ILE B 377 9.68 6.17 21.96
N VAL B 378 9.44 4.92 22.40
CA VAL B 378 10.37 3.81 22.27
C VAL B 378 9.67 2.65 21.56
N ASP B 379 10.36 2.02 20.61
CA ASP B 379 9.80 0.82 20.00
C ASP B 379 10.14 -0.41 20.84
N HIS B 380 9.35 -1.47 20.66
CA HIS B 380 9.50 -2.68 21.46
C HIS B 380 10.85 -3.37 21.28
N HIS B 381 11.55 -3.15 20.17
CA HIS B 381 12.91 -3.69 20.04
C HIS B 381 13.88 -2.98 20.97
N ALA B 382 13.98 -1.64 20.87
CA ALA B 382 14.83 -0.91 21.79
C ALA B 382 14.43 -1.15 23.25
N ALA B 383 13.13 -1.14 23.53
CA ALA B 383 12.69 -1.26 24.92
C ALA B 383 13.12 -2.60 25.52
N THR B 384 12.88 -3.69 24.80
CA THR B 384 13.25 -5.01 25.34
C THR B 384 14.76 -5.18 25.41
N ALA B 385 15.49 -4.60 24.45
CA ALA B 385 16.94 -4.65 24.52
C ALA B 385 17.44 -3.96 25.79
N SER B 386 16.88 -2.79 26.09
CA SER B 386 17.35 -2.11 27.29
C SER B 386 16.93 -2.86 28.55
N PHE B 387 15.77 -3.54 28.50
CA PHE B 387 15.38 -4.35 29.66
C PHE B 387 16.31 -5.53 29.89
N MET B 388 16.84 -6.13 28.81
CA MET B 388 17.89 -7.13 29.00
C MET B 388 19.06 -6.54 29.77
N LYS B 389 19.43 -5.29 29.46
CA LYS B 389 20.52 -4.65 30.20
C LYS B 389 20.14 -4.41 31.65
N HIS B 390 18.87 -4.00 31.88
CA HIS B 390 18.36 -3.91 33.25
C HIS B 390 18.53 -5.22 34.02
N LEU B 391 18.21 -6.36 33.39
CA LEU B 391 18.31 -7.66 34.06
C LEU B 391 19.75 -7.93 34.49
N GLU B 392 20.71 -7.67 33.59
CA GLU B 392 22.12 -7.84 33.92
C GLU B 392 22.55 -6.84 35.00
N ASN B 393 22.09 -5.59 34.91
CA ASN B 393 22.33 -4.63 35.99
C ASN B 393 21.79 -5.15 37.31
N GLU B 394 20.56 -5.66 37.29
CA GLU B 394 19.92 -6.05 38.55
C GLU B 394 20.57 -7.29 39.14
N GLN B 395 21.01 -8.22 38.29
CA GLN B 395 21.64 -9.44 38.79
C GLN B 395 22.90 -9.11 39.56
N LYS B 396 23.69 -8.14 39.09
CA LYS B 396 24.89 -7.76 39.84
C LYS B 396 24.53 -7.02 41.12
N ALA B 397 23.47 -6.21 41.11
CA ALA B 397 23.17 -5.32 42.23
C ALA B 397 22.42 -6.02 43.36
N ARG B 398 21.34 -6.72 43.04
CA ARG B 398 20.52 -7.38 44.06
C ARG B 398 20.47 -8.89 43.90
N GLY B 399 21.11 -9.44 42.88
CA GLY B 399 21.05 -10.88 42.67
C GLY B 399 19.76 -11.37 42.06
N GLY B 400 19.12 -10.55 41.23
CA GLY B 400 17.89 -10.99 40.60
C GLY B 400 16.98 -9.82 40.31
N CYS B 401 15.82 -10.15 39.74
CA CYS B 401 14.89 -9.17 39.25
C CYS B 401 13.50 -9.77 39.09
N PRO B 402 12.51 -9.30 39.84
CA PRO B 402 11.14 -9.74 39.59
C PRO B 402 10.66 -9.29 38.21
N ALA B 403 10.19 -10.24 37.43
CA ALA B 403 9.76 -9.92 36.08
C ALA B 403 8.66 -10.88 35.66
N ASP B 404 7.61 -10.33 35.06
CA ASP B 404 6.43 -11.07 34.64
C ASP B 404 6.53 -11.24 33.12
N TRP B 405 6.94 -12.46 32.71
CA TRP B 405 7.26 -12.75 31.31
C TRP B 405 6.12 -12.37 30.36
N ALA B 406 4.88 -12.71 30.74
CA ALA B 406 3.75 -12.46 29.86
C ALA B 406 3.50 -10.97 29.64
N TRP B 407 3.95 -10.13 30.57
CA TRP B 407 3.80 -8.68 30.40
C TRP B 407 5.05 -8.02 29.85
N ILE B 408 6.23 -8.60 30.07
CA ILE B 408 7.48 -8.04 29.55
C ILE B 408 7.58 -8.30 28.04
N VAL B 409 7.19 -9.47 27.59
CA VAL B 409 7.21 -9.79 26.16
C VAL B 409 6.16 -8.95 25.43
N PRO B 410 6.52 -8.24 24.36
CA PRO B 410 5.55 -7.35 23.70
C PRO B 410 4.43 -8.12 23.03
N PRO B 411 3.29 -7.48 22.81
CA PRO B 411 2.13 -8.18 22.25
C PRO B 411 2.17 -8.43 20.74
N ILE B 412 3.17 -7.93 20.02
CA ILE B 412 3.51 -8.44 18.70
C ILE B 412 5.00 -8.72 18.68
N SER B 413 5.39 -9.62 17.77
CA SER B 413 6.80 -9.88 17.48
C SER B 413 7.55 -10.37 18.72
N GLY B 414 6.85 -11.09 19.58
CA GLY B 414 7.41 -11.59 20.82
C GLY B 414 8.79 -12.20 20.68
N SER B 415 8.92 -13.28 19.88
CA SER B 415 10.20 -13.98 19.80
C SER B 415 11.24 -13.24 18.95
N LEU B 416 10.87 -12.15 18.28
CA LEU B 416 11.88 -11.30 17.67
C LEU B 416 12.59 -10.42 18.69
N THR B 417 12.08 -10.34 19.93
CA THR B 417 12.76 -9.53 20.94
C THR B 417 13.56 -10.45 21.86
N PRO B 418 14.62 -9.93 22.49
CA PRO B 418 15.44 -10.80 23.34
C PRO B 418 14.77 -11.27 24.63
N VAL B 419 13.73 -10.58 25.11
CA VAL B 419 13.10 -11.04 26.36
C VAL B 419 12.34 -12.34 26.16
N PHE B 420 11.97 -12.68 24.93
CA PHE B 420 11.21 -13.91 24.70
C PHE B 420 11.98 -15.15 25.18
N HIS B 421 13.27 -15.22 24.86
CA HIS B 421 14.07 -16.41 25.14
C HIS B 421 14.69 -16.37 26.53
N GLN B 422 14.32 -15.37 27.34
CA GLN B 422 14.82 -15.21 28.70
C GLN B 422 13.79 -15.74 29.69
N GLU B 423 14.15 -16.78 30.43
CA GLU B 423 13.29 -17.21 31.53
C GLU B 423 13.29 -16.15 32.61
N MET B 424 12.19 -16.10 33.37
CA MET B 424 12.05 -15.06 34.39
C MET B 424 11.34 -15.64 35.62
N VAL B 425 11.56 -14.99 36.77
CA VAL B 425 10.96 -15.36 38.05
C VAL B 425 10.10 -14.19 38.51
N ASN B 426 8.81 -14.44 38.67
CA ASN B 426 7.90 -13.40 39.15
C ASN B 426 7.71 -13.51 40.66
N TYR B 427 7.86 -12.38 41.37
CA TYR B 427 7.61 -12.32 42.80
C TYR B 427 7.41 -10.87 43.24
N PHE B 428 6.87 -10.70 44.44
CA PHE B 428 6.44 -9.40 44.94
C PHE B 428 7.44 -8.88 45.98
N LEU B 429 8.10 -7.79 45.66
CA LEU B 429 8.94 -7.06 46.59
C LEU B 429 8.23 -5.76 47.00
N SER B 430 8.62 -5.25 48.16
CA SER B 430 8.14 -3.98 48.68
C SER B 430 9.33 -3.06 48.94
N PRO B 431 9.22 -1.75 48.62
CA PRO B 431 8.11 -0.94 48.12
C PRO B 431 7.52 -1.38 46.79
N ALA B 432 6.24 -1.07 46.61
CA ALA B 432 5.50 -1.64 45.50
C ALA B 432 4.45 -0.65 45.05
N PHE B 433 4.08 -0.74 43.77
CA PHE B 433 2.81 -0.21 43.29
C PHE B 433 1.82 -1.36 43.27
N ARG B 434 0.64 -1.14 43.83
CA ARG B 434 -0.40 -2.16 43.98
C ARG B 434 -1.69 -1.66 43.35
N TYR B 435 -2.48 -2.58 42.79
CA TYR B 435 -3.83 -2.19 42.41
C TYR B 435 -4.70 -2.02 43.64
N GLN B 436 -5.76 -1.25 43.48
CA GLN B 436 -6.68 -0.98 44.57
C GLN B 436 -8.07 -0.89 43.96
N PRO B 437 -9.12 -1.16 44.74
CA PRO B 437 -10.47 -1.10 44.17
C PRO B 437 -10.81 0.34 43.76
N ASP B 438 -11.78 0.44 42.86
CA ASP B 438 -12.24 1.74 42.43
C ASP B 438 -13.03 2.40 43.56
N PRO B 439 -12.83 3.69 43.81
CA PRO B 439 -13.47 4.33 44.97
C PRO B 439 -14.98 4.38 44.88
N TRP B 440 -15.57 4.10 43.72
CA TRP B 440 -17.03 4.14 43.59
C TRP B 440 -17.64 2.74 43.64
N PHE C 28 -2.10 27.83 -47.77
CA PHE C 28 -2.69 28.20 -46.47
C PHE C 28 -3.56 27.08 -45.89
N PRO C 29 -3.14 26.55 -44.73
CA PRO C 29 -3.87 25.41 -44.13
C PRO C 29 -5.33 25.76 -43.86
N ARG C 30 -6.22 24.88 -44.31
CA ARG C 30 -7.64 24.95 -43.97
C ARG C 30 -7.87 24.21 -42.67
N VAL C 31 -8.54 24.86 -41.73
CA VAL C 31 -8.71 24.33 -40.39
C VAL C 31 -10.19 24.38 -40.03
N LYS C 32 -10.69 23.29 -39.46
CA LYS C 32 -12.12 23.07 -39.30
C LYS C 32 -12.48 22.85 -37.83
N ASN C 33 -13.58 23.46 -37.39
CA ASN C 33 -14.17 23.14 -36.11
C ASN C 33 -15.32 22.18 -36.35
N TRP C 34 -15.16 20.93 -35.90
CA TRP C 34 -16.11 19.86 -36.15
C TRP C 34 -17.34 19.91 -35.26
N GLU C 35 -17.35 20.78 -34.25
CA GLU C 35 -18.57 20.97 -33.46
C GLU C 35 -19.56 21.86 -34.20
N VAL C 36 -19.09 22.94 -34.81
CA VAL C 36 -19.94 23.94 -35.45
C VAL C 36 -19.99 23.68 -36.96
N GLY C 37 -18.88 23.20 -37.51
CA GLY C 37 -18.71 23.02 -38.93
C GLY C 37 -17.98 24.16 -39.62
N SER C 38 -17.59 25.19 -38.88
CA SER C 38 -17.01 26.39 -39.46
C SER C 38 -15.58 26.14 -39.92
N ILE C 39 -15.15 26.93 -40.91
CA ILE C 39 -13.86 26.78 -41.56
C ILE C 39 -13.11 28.10 -41.45
N THR C 40 -11.80 28.02 -41.22
CA THR C 40 -10.92 29.17 -41.37
C THR C 40 -9.62 28.71 -42.04
N TYR C 41 -8.93 29.66 -42.67
CA TYR C 41 -7.60 29.44 -43.21
C TYR C 41 -6.59 30.19 -42.35
N ASP C 42 -5.55 29.48 -41.89
CA ASP C 42 -4.47 30.09 -41.10
C ASP C 42 -3.45 30.69 -42.06
N THR C 43 -3.56 31.99 -42.30
CA THR C 43 -2.57 32.67 -43.13
C THR C 43 -1.39 33.18 -42.32
N LEU C 44 -1.49 33.20 -40.99
CA LEU C 44 -0.35 33.62 -40.18
C LEU C 44 0.78 32.59 -40.20
N SER C 45 0.46 31.31 -40.41
CA SER C 45 1.49 30.27 -40.40
C SER C 45 2.54 30.50 -41.49
N ALA C 46 2.15 31.09 -42.62
CA ALA C 46 3.12 31.39 -43.68
C ALA C 46 4.24 32.31 -43.19
N GLN C 47 4.02 33.04 -42.11
CA GLN C 47 5.01 33.92 -41.50
C GLN C 47 5.86 33.22 -40.44
N ALA C 48 5.81 31.89 -40.34
CA ALA C 48 6.53 31.19 -39.28
C ALA C 48 8.04 31.41 -39.43
N GLN C 49 8.62 32.11 -38.46
CA GLN C 49 10.03 32.49 -38.55
C GLN C 49 10.93 31.26 -38.53
N GLN C 50 10.78 30.40 -37.53
CA GLN C 50 11.72 29.31 -37.32
C GLN C 50 11.15 28.00 -37.85
N ASP C 51 11.87 26.90 -37.61
CA ASP C 51 11.52 25.59 -38.13
C ASP C 51 11.31 24.62 -36.98
N GLY C 52 10.14 23.97 -36.98
CA GLY C 52 9.83 22.94 -36.02
C GLY C 52 10.33 21.56 -36.43
N PRO C 53 9.87 20.53 -35.70
CA PRO C 53 10.46 19.19 -35.85
C PRO C 53 9.80 18.31 -36.90
N CYS C 54 8.65 18.70 -37.43
CA CYS C 54 7.84 17.82 -38.27
C CYS C 54 8.35 17.86 -39.71
N THR C 55 8.20 16.74 -40.43
CA THR C 55 8.46 16.73 -41.87
C THR C 55 7.35 15.97 -42.59
N PRO C 56 7.27 16.03 -43.92
CA PRO C 56 6.24 15.24 -44.63
C PRO C 56 6.33 13.76 -44.32
N ARG C 57 7.48 13.29 -43.87
CA ARG C 57 7.67 11.87 -43.61
C ARG C 57 7.04 11.43 -42.28
N ARG C 58 7.03 12.30 -41.27
CA ARG C 58 6.70 11.91 -39.89
C ARG C 58 6.36 13.15 -39.09
N CYS C 59 5.28 13.08 -38.30
CA CYS C 59 4.90 14.18 -37.41
C CYS C 59 5.46 13.93 -36.02
N LEU C 60 6.12 14.96 -35.45
CA LEU C 60 6.68 14.91 -34.10
C LEU C 60 6.05 15.96 -33.18
N GLY C 61 4.79 16.30 -33.42
CA GLY C 61 4.14 17.34 -32.64
C GLY C 61 3.98 17.00 -31.16
N SER C 62 3.98 15.72 -30.81
CA SER C 62 3.83 15.36 -29.41
C SER C 62 5.14 15.37 -28.64
N LEU C 63 6.27 15.61 -29.29
CA LEU C 63 7.51 15.76 -28.54
C LEU C 63 7.46 17.01 -27.65
N VAL C 64 7.85 16.86 -26.39
CA VAL C 64 7.84 17.98 -25.46
C VAL C 64 8.88 19.03 -25.85
N PHE C 65 10.13 18.59 -26.02
CA PHE C 65 11.26 19.46 -26.34
C PHE C 65 11.66 19.19 -27.78
N PRO C 66 11.07 19.90 -28.76
CA PRO C 66 11.40 19.66 -30.17
C PRO C 66 12.77 20.23 -30.56
N ALA C 79 28.32 36.73 -35.47
CA ALA C 79 27.41 36.95 -36.58
C ALA C 79 26.54 38.17 -36.34
N PRO C 80 27.08 39.35 -36.62
CA PRO C 80 26.24 40.56 -36.54
C PRO C 80 25.12 40.57 -37.56
N GLU C 81 25.33 39.95 -38.73
CA GLU C 81 24.30 39.94 -39.76
C GLU C 81 23.06 39.18 -39.30
N GLN C 82 23.24 38.16 -38.46
CA GLN C 82 22.09 37.45 -37.92
C GLN C 82 21.36 38.28 -36.88
N LEU C 83 22.10 38.96 -36.00
CA LEU C 83 21.46 39.81 -35.00
C LEU C 83 20.59 40.86 -35.65
N LEU C 84 21.14 41.57 -36.64
CA LEU C 84 20.46 42.70 -37.26
C LEU C 84 19.18 42.28 -37.96
N SER C 85 19.19 41.16 -38.68
CA SER C 85 18.00 40.81 -39.43
C SER C 85 16.85 40.46 -38.49
N GLN C 86 17.15 39.84 -37.34
CA GLN C 86 16.11 39.62 -36.33
C GLN C 86 15.68 40.95 -35.69
N ALA C 87 16.64 41.82 -35.38
CA ALA C 87 16.34 43.12 -34.80
C ALA C 87 15.46 43.96 -35.72
N ARG C 88 15.79 43.97 -37.02
CA ARG C 88 14.99 44.76 -37.96
C ARG C 88 13.57 44.22 -38.05
N ASP C 89 13.42 42.90 -38.12
CA ASP C 89 12.09 42.32 -38.21
C ASP C 89 11.24 42.70 -37.01
N PHE C 90 11.84 42.65 -35.81
CA PHE C 90 11.08 43.02 -34.62
C PHE C 90 10.70 44.50 -34.64
N ILE C 91 11.65 45.39 -35.00
CA ILE C 91 11.34 46.81 -35.12
C ILE C 91 10.16 47.00 -36.08
N ASN C 92 10.17 46.28 -37.19
CA ASN C 92 9.11 46.44 -38.18
C ASN C 92 7.77 45.96 -37.61
N GLN C 93 7.77 44.81 -36.93
CA GLN C 93 6.57 44.32 -36.25
C GLN C 93 6.00 45.40 -35.35
N TYR C 94 6.84 45.91 -34.44
CA TYR C 94 6.41 46.91 -33.49
C TYR C 94 5.78 48.12 -34.20
N TYR C 95 6.45 48.67 -35.21
CA TYR C 95 5.90 49.86 -35.86
C TYR C 95 4.67 49.56 -36.69
N SER C 96 4.56 48.33 -37.21
CA SER C 96 3.32 47.95 -37.87
C SER C 96 2.16 47.95 -36.89
N SER C 97 2.43 47.53 -35.65
CA SER C 97 1.36 47.33 -34.70
C SER C 97 0.93 48.63 -34.03
N ILE C 98 1.73 49.68 -34.09
CA ILE C 98 1.28 51.00 -33.64
C ILE C 98 0.83 51.86 -34.81
N LYS C 99 0.71 51.28 -36.00
CA LYS C 99 0.17 51.95 -37.19
C LYS C 99 1.04 53.15 -37.57
N ARG C 100 2.35 53.00 -37.39
CA ARG C 100 3.32 54.02 -37.72
C ARG C 100 4.48 53.43 -38.51
N SER C 101 4.19 52.42 -39.33
CA SER C 101 5.20 51.77 -40.14
C SER C 101 5.50 52.65 -41.35
N GLY C 102 6.78 52.81 -41.66
CA GLY C 102 7.18 53.81 -42.65
C GLY C 102 7.22 55.21 -42.08
N SER C 103 6.18 55.59 -41.33
CA SER C 103 6.19 56.79 -40.50
C SER C 103 7.55 56.93 -39.86
N GLN C 104 8.31 57.95 -40.28
CA GLN C 104 9.76 58.03 -40.16
C GLN C 104 10.30 58.13 -38.67
N ALA C 105 9.49 58.09 -37.61
CA ALA C 105 10.02 57.56 -36.35
C ALA C 105 10.42 56.10 -36.47
N HIS C 106 9.85 55.38 -37.45
CA HIS C 106 10.26 54.00 -37.71
C HIS C 106 11.68 53.97 -38.25
N GLU C 107 11.97 54.82 -39.23
CA GLU C 107 13.28 54.80 -39.88
C GLU C 107 14.39 55.23 -38.94
N GLN C 108 14.09 56.15 -38.02
CA GLN C 108 15.09 56.60 -37.05
C GLN C 108 15.49 55.47 -36.11
N ARG C 109 14.52 54.69 -35.63
CA ARG C 109 14.84 53.58 -34.73
C ARG C 109 15.67 52.52 -35.44
N LEU C 110 15.41 52.29 -36.73
CA LEU C 110 16.18 51.30 -37.48
C LEU C 110 17.66 51.66 -37.51
N GLN C 111 17.97 52.96 -37.71
CA GLN C 111 19.38 53.37 -37.81
C GLN C 111 20.03 53.40 -36.44
N GLU C 112 19.29 53.76 -35.41
CA GLU C 112 19.83 53.63 -34.06
C GLU C 112 20.30 52.20 -33.81
N VAL C 113 19.46 51.21 -34.12
CA VAL C 113 19.83 49.82 -33.85
C VAL C 113 21.07 49.43 -34.65
N GLU C 114 21.13 49.86 -35.91
CA GLU C 114 22.28 49.60 -36.75
C GLU C 114 23.59 50.10 -36.12
N ALA C 115 23.62 51.37 -35.70
CA ALA C 115 24.85 51.93 -35.16
C ALA C 115 25.19 51.31 -33.81
N GLU C 116 24.17 51.03 -33.00
CA GLU C 116 24.39 50.40 -31.71
C GLU C 116 25.10 49.06 -31.87
N VAL C 117 24.63 48.23 -32.82
CA VAL C 117 25.23 46.92 -32.97
C VAL C 117 26.63 47.02 -33.55
N ALA C 118 26.83 47.93 -34.52
CA ALA C 118 28.18 48.13 -35.04
C ALA C 118 29.13 48.65 -33.98
N ALA C 119 28.66 49.55 -33.12
CA ALA C 119 29.53 50.06 -32.06
C ALA C 119 29.81 49.01 -31.00
N THR C 120 28.85 48.13 -30.72
CA THR C 120 28.91 47.32 -29.51
C THR C 120 28.56 45.86 -29.67
N GLY C 121 28.06 45.41 -30.84
CA GLY C 121 27.68 44.03 -31.04
C GLY C 121 26.28 43.69 -30.62
N THR C 122 25.59 44.59 -29.91
CA THR C 122 24.25 44.33 -29.42
C THR C 122 23.49 45.65 -29.49
N TYR C 123 22.26 45.69 -28.97
CA TYR C 123 21.53 46.93 -28.83
C TYR C 123 20.61 46.85 -27.63
N GLN C 124 20.04 48.00 -27.26
CA GLN C 124 19.10 48.11 -26.15
C GLN C 124 17.67 48.28 -26.66
N LEU C 125 16.74 47.56 -26.04
CA LEU C 125 15.32 47.79 -26.28
C LEU C 125 14.84 49.03 -25.54
N ARG C 126 14.06 49.86 -26.23
CA ARG C 126 13.25 50.88 -25.56
C ARG C 126 12.23 50.21 -24.67
N GLU C 127 11.84 50.91 -23.60
CA GLU C 127 10.93 50.30 -22.64
C GLU C 127 9.62 49.88 -23.29
N SER C 128 9.09 50.71 -24.20
CA SER C 128 7.87 50.32 -24.91
C SER C 128 8.08 49.08 -25.76
N GLU C 129 9.23 48.98 -26.45
CA GLU C 129 9.52 47.78 -27.23
C GLU C 129 9.62 46.54 -26.35
N LEU C 130 10.18 46.68 -25.15
CA LEU C 130 10.29 45.53 -24.25
C LEU C 130 8.92 45.07 -23.77
N VAL C 131 8.01 46.00 -23.48
CA VAL C 131 6.63 45.66 -23.15
C VAL C 131 5.96 44.93 -24.30
N PHE C 132 6.03 45.51 -25.50
CA PHE C 132 5.43 44.89 -26.67
C PHE C 132 5.96 43.48 -26.89
N GLY C 133 7.28 43.31 -26.78
CA GLY C 133 7.88 42.01 -27.02
C GLY C 133 7.49 40.97 -26.00
N ALA C 134 7.42 41.34 -24.72
CA ALA C 134 7.00 40.37 -23.72
C ALA C 134 5.56 39.94 -23.94
N LYS C 135 4.69 40.90 -24.30
CA LYS C 135 3.30 40.54 -24.60
C LYS C 135 3.20 39.67 -25.85
N GLN C 136 3.95 40.00 -26.90
CA GLN C 136 3.89 39.20 -28.11
C GLN C 136 4.38 37.78 -27.85
N ALA C 137 5.41 37.64 -27.02
CA ALA C 137 5.98 36.35 -26.72
C ALA C 137 4.95 35.46 -26.03
N TRP C 138 4.16 36.04 -25.13
CA TRP C 138 3.05 35.30 -24.54
C TRP C 138 1.99 35.01 -25.60
N ARG C 139 1.61 36.04 -26.37
CA ARG C 139 0.60 35.86 -27.42
C ARG C 139 0.99 34.77 -28.41
N ASN C 140 2.28 34.60 -28.66
CA ASN C 140 2.73 33.60 -29.64
C ASN C 140 2.96 32.21 -29.02
N ALA C 141 2.84 32.06 -27.71
CA ALA C 141 3.15 30.79 -27.04
C ALA C 141 2.13 29.72 -27.42
N PRO C 142 2.52 28.70 -28.19
CA PRO C 142 1.49 27.80 -28.76
C PRO C 142 0.83 26.90 -27.73
N ARG C 143 1.49 26.59 -26.62
CA ARG C 143 0.91 25.68 -25.65
C ARG C 143 0.08 26.37 -24.56
N CYS C 144 -0.01 27.70 -24.56
CA CYS C 144 -0.71 28.40 -23.49
C CYS C 144 -2.20 28.53 -23.81
N VAL C 145 -3.05 28.00 -22.94
CA VAL C 145 -4.50 28.14 -23.13
C VAL C 145 -5.01 29.45 -22.55
N GLY C 146 -4.20 30.18 -21.80
CA GLY C 146 -4.71 31.37 -21.14
C GLY C 146 -4.53 32.66 -21.90
N ARG C 147 -4.32 32.56 -23.21
CA ARG C 147 -3.89 33.72 -23.98
C ARG C 147 -4.98 34.74 -24.28
N ILE C 148 -6.24 34.51 -23.87
CA ILE C 148 -7.22 35.57 -24.03
C ILE C 148 -6.77 36.82 -23.27
N GLN C 149 -5.93 36.64 -22.25
CA GLN C 149 -5.42 37.67 -21.36
C GLN C 149 -4.12 38.32 -21.83
N TRP C 150 -3.64 37.99 -23.05
CA TRP C 150 -2.28 38.37 -23.42
C TRP C 150 -2.05 39.88 -23.34
N GLY C 151 -3.06 40.69 -23.62
CA GLY C 151 -2.89 42.14 -23.58
C GLY C 151 -2.77 42.73 -22.18
N LYS C 152 -3.16 41.99 -21.15
CA LYS C 152 -3.13 42.50 -19.77
C LYS C 152 -1.99 41.78 -19.07
N LEU C 153 -0.81 42.36 -19.17
CA LEU C 153 0.42 41.78 -18.62
C LEU C 153 1.28 42.91 -18.06
N GLN C 154 1.70 42.77 -16.81
CA GLN C 154 2.53 43.77 -16.16
C GLN C 154 4.00 43.43 -16.36
N VAL C 155 4.72 44.30 -17.07
CA VAL C 155 6.13 44.14 -17.34
C VAL C 155 6.93 44.93 -16.32
N PHE C 156 7.81 44.25 -15.59
CA PHE C 156 8.74 44.90 -14.68
C PHE C 156 10.13 44.89 -15.33
N ASP C 157 10.67 46.07 -15.57
CA ASP C 157 11.97 46.22 -16.21
C ASP C 157 13.05 46.17 -15.13
N ALA C 158 13.71 45.02 -15.02
CA ALA C 158 14.85 44.88 -14.13
C ALA C 158 16.18 44.81 -14.87
N ARG C 159 16.24 45.38 -16.09
CA ARG C 159 17.46 45.25 -16.91
C ARG C 159 18.65 46.00 -16.32
N ASP C 160 18.45 46.77 -15.27
CA ASP C 160 19.52 47.46 -14.54
C ASP C 160 19.99 46.67 -13.31
N CYS C 161 19.64 45.38 -13.21
CA CYS C 161 19.94 44.60 -12.01
C CYS C 161 21.42 44.28 -11.94
N ARG C 162 22.01 44.46 -10.76
CA ARG C 162 23.45 44.32 -10.59
C ARG C 162 23.86 43.05 -9.85
N SER C 163 23.04 42.55 -8.93
CA SER C 163 23.51 41.50 -8.04
C SER C 163 22.36 40.56 -7.70
N ALA C 164 22.73 39.38 -7.20
CA ALA C 164 21.71 38.40 -6.84
C ALA C 164 20.79 38.94 -5.75
N GLN C 165 21.35 39.72 -4.81
CA GLN C 165 20.51 40.33 -3.78
C GLN C 165 19.48 41.25 -4.41
N GLU C 166 19.85 41.98 -5.44
CA GLU C 166 18.89 42.83 -6.12
C GLU C 166 17.90 41.99 -6.91
N MET C 167 18.40 40.98 -7.63
CA MET C 167 17.54 39.97 -8.23
C MET C 167 16.49 39.49 -7.24
N PHE C 168 16.95 39.11 -6.04
CA PHE C 168 16.02 38.64 -5.02
C PHE C 168 14.99 39.70 -4.66
N THR C 169 15.41 40.97 -4.62
CA THR C 169 14.47 42.06 -4.34
C THR C 169 13.40 42.17 -5.43
N TYR C 170 13.83 42.25 -6.70
CA TYR C 170 12.87 42.27 -7.80
C TYR C 170 11.91 41.09 -7.73
N ILE C 171 12.42 39.90 -7.44
CA ILE C 171 11.58 38.72 -7.44
C ILE C 171 10.48 38.84 -6.38
N CYS C 172 10.82 39.38 -5.21
CA CYS C 172 9.80 39.49 -4.17
C CYS C 172 8.77 40.56 -4.51
N ASN C 173 9.19 41.65 -5.16
CA ASN C 173 8.23 42.65 -5.61
C ASN C 173 7.28 42.05 -6.64
N HIS C 174 7.83 41.31 -7.58
CA HIS C 174 7.00 40.54 -8.50
C HIS C 174 5.99 39.68 -7.75
N ILE C 175 6.47 38.82 -6.85
CA ILE C 175 5.55 37.90 -6.17
C ILE C 175 4.47 38.69 -5.43
N LYS C 176 4.86 39.70 -4.66
CA LYS C 176 3.87 40.51 -3.95
C LYS C 176 2.90 41.18 -4.92
N TYR C 177 3.39 41.73 -6.04
CA TYR C 177 2.47 42.35 -7.00
C TYR C 177 1.57 41.29 -7.66
N ALA C 178 2.16 40.19 -8.12
CA ALA C 178 1.35 39.19 -8.82
C ALA C 178 0.34 38.55 -7.88
N THR C 179 0.74 38.28 -6.63
CA THR C 179 -0.15 37.56 -5.72
C THR C 179 -1.32 38.44 -5.29
N ASN C 180 -1.04 39.64 -4.79
CA ASN C 180 -2.05 40.68 -4.56
C ASN C 180 -3.18 40.14 -3.68
N ARG C 181 -2.80 39.47 -2.59
CA ARG C 181 -3.72 38.92 -1.61
C ARG C 181 -4.72 37.94 -2.22
N GLY C 182 -4.37 37.34 -3.36
CA GLY C 182 -5.21 36.31 -3.95
C GLY C 182 -5.99 36.77 -5.16
N ASN C 183 -5.96 38.07 -5.48
CA ASN C 183 -6.56 38.56 -6.71
C ASN C 183 -5.45 38.64 -7.76
N LEU C 184 -5.15 37.49 -8.37
CA LEU C 184 -3.92 37.37 -9.13
C LEU C 184 -3.93 38.27 -10.37
N ARG C 185 -2.73 38.72 -10.74
CA ARG C 185 -2.49 39.65 -11.83
C ARG C 185 -1.27 39.16 -12.60
N SER C 186 -1.38 39.11 -13.92
CA SER C 186 -0.25 38.59 -14.69
C SER C 186 0.91 39.57 -14.70
N ALA C 187 2.13 39.03 -14.65
CA ALA C 187 3.29 39.90 -14.62
C ALA C 187 4.52 39.16 -15.13
N ILE C 188 5.48 39.94 -15.63
CA ILE C 188 6.80 39.44 -16.01
C ILE C 188 7.85 40.43 -15.51
N THR C 189 8.91 39.91 -14.90
CA THR C 189 10.10 40.69 -14.55
C THR C 189 11.21 40.28 -15.51
N VAL C 190 11.86 41.26 -16.11
CA VAL C 190 12.90 41.05 -17.12
C VAL C 190 14.24 41.48 -16.54
N PHE C 191 15.15 40.53 -16.37
CA PHE C 191 16.52 40.81 -15.94
C PHE C 191 17.40 41.04 -17.16
N PRO C 192 18.68 41.43 -16.97
CA PRO C 192 19.46 41.90 -18.13
C PRO C 192 19.71 40.80 -19.15
N GLN C 193 19.75 41.22 -20.41
CA GLN C 193 19.96 40.31 -21.53
C GLN C 193 21.35 39.68 -21.47
N ARG C 194 21.44 38.48 -22.04
CA ARG C 194 22.71 37.81 -22.27
C ARG C 194 23.68 38.74 -23.00
N CYS C 195 24.80 38.98 -22.39
CA CYS C 195 25.70 39.90 -23.05
C CYS C 195 26.69 39.15 -23.92
N PRO C 196 27.11 39.77 -25.03
CA PRO C 196 28.10 39.11 -25.89
C PRO C 196 29.44 38.94 -25.22
N GLY C 197 29.74 39.76 -24.20
CA GLY C 197 30.95 39.58 -23.42
C GLY C 197 30.88 38.31 -22.60
N ARG C 198 30.54 38.46 -21.31
CA ARG C 198 30.48 37.33 -20.40
C ARG C 198 29.33 37.52 -19.42
N GLY C 199 28.78 36.41 -18.94
CA GLY C 199 27.88 36.45 -17.80
C GLY C 199 26.40 36.41 -18.13
N ASP C 200 25.69 35.50 -17.45
CA ASP C 200 24.24 35.35 -17.56
C ASP C 200 23.62 35.36 -16.17
N PHE C 201 22.53 36.12 -16.04
CA PHE C 201 21.63 35.92 -14.92
C PHE C 201 20.83 34.65 -15.15
N ARG C 202 20.56 33.93 -14.06
CA ARG C 202 19.77 32.71 -14.13
C ARG C 202 19.02 32.56 -12.82
N ILE C 203 17.80 32.06 -12.92
CA ILE C 203 17.08 31.51 -11.78
C ILE C 203 17.18 30.00 -11.90
N TRP C 204 17.89 29.37 -10.97
CA TRP C 204 18.10 27.93 -11.07
C TRP C 204 16.83 27.13 -10.84
N ASN C 205 15.87 27.67 -10.10
CA ASN C 205 14.60 26.97 -9.90
C ASN C 205 13.74 27.08 -11.15
N SER C 206 12.98 26.01 -11.43
CA SER C 206 12.06 25.99 -12.57
C SER C 206 10.85 26.88 -12.33
N GLN C 207 10.49 27.08 -11.07
CA GLN C 207 9.44 28.02 -10.72
C GLN C 207 9.89 28.76 -9.47
N LEU C 208 9.30 29.93 -9.25
CA LEU C 208 9.62 30.68 -8.04
C LEU C 208 9.13 29.94 -6.80
N VAL C 209 7.99 29.27 -6.89
CA VAL C 209 7.45 28.49 -5.79
C VAL C 209 7.44 27.04 -6.21
N ARG C 210 8.24 26.22 -5.50
CA ARG C 210 8.29 24.78 -5.68
C ARG C 210 8.40 24.12 -4.32
N TYR C 211 7.78 22.95 -4.18
CA TYR C 211 7.88 22.14 -2.98
C TYR C 211 9.04 21.16 -3.08
N ALA C 212 9.71 20.92 -1.96
CA ALA C 212 10.90 20.08 -1.98
C ALA C 212 10.55 18.63 -2.30
N GLY C 213 11.58 17.88 -2.70
CA GLY C 213 11.46 16.47 -2.97
C GLY C 213 12.62 15.71 -2.38
N TYR C 214 12.38 14.99 -1.28
CA TYR C 214 13.44 14.33 -0.53
C TYR C 214 13.48 12.86 -0.90
N ARG C 215 14.60 12.42 -1.49
CA ARG C 215 14.78 11.00 -1.77
C ARG C 215 14.93 10.24 -0.47
N GLN C 216 14.37 9.04 -0.42
CA GLN C 216 14.28 8.26 0.81
C GLN C 216 15.11 6.97 0.68
N GLN C 217 15.34 6.34 1.83
CA GLN C 217 16.21 5.16 1.86
C GLN C 217 15.63 3.97 1.12
N ASP C 218 14.33 3.98 0.81
CA ASP C 218 13.71 2.93 0.02
C ASP C 218 13.44 3.35 -1.42
N GLY C 219 14.10 4.42 -1.90
CA GLY C 219 13.97 4.87 -3.26
C GLY C 219 12.86 5.87 -3.51
N SER C 220 11.75 5.76 -2.77
CA SER C 220 10.62 6.67 -2.93
C SER C 220 10.99 8.10 -2.57
N VAL C 221 10.07 9.03 -2.75
CA VAL C 221 10.35 10.45 -2.55
C VAL C 221 9.26 11.05 -1.65
N ARG C 222 9.68 11.81 -0.65
CA ARG C 222 8.77 12.56 0.22
C ARG C 222 8.74 14.00 -0.27
N GLY C 223 7.59 14.45 -0.73
CA GLY C 223 7.47 15.74 -1.39
C GLY C 223 7.20 15.59 -2.88
N ASP C 224 7.72 16.52 -3.68
CA ASP C 224 7.41 16.57 -5.10
C ASP C 224 8.51 15.88 -5.89
N PRO C 225 8.25 14.71 -6.50
CA PRO C 225 9.30 14.03 -7.27
C PRO C 225 9.91 14.90 -8.36
N ALA C 226 9.14 15.86 -8.90
CA ALA C 226 9.65 16.72 -9.98
C ALA C 226 10.78 17.62 -9.52
N ASN C 227 11.10 17.65 -8.23
CA ASN C 227 12.02 18.64 -7.69
C ASN C 227 13.16 18.00 -6.92
N VAL C 228 13.47 16.73 -7.17
CA VAL C 228 14.51 16.07 -6.39
C VAL C 228 15.88 16.63 -6.73
N GLU C 229 16.11 16.98 -8.00
CA GLU C 229 17.40 17.50 -8.42
C GLU C 229 17.66 18.88 -7.82
N ILE C 230 16.66 19.77 -7.89
CA ILE C 230 16.85 21.11 -7.34
C ILE C 230 16.89 21.05 -5.82
N THR C 231 16.10 20.17 -5.20
CA THR C 231 16.15 20.05 -3.75
C THR C 231 17.56 19.66 -3.29
N GLU C 232 18.21 18.76 -4.04
CA GLU C 232 19.56 18.34 -3.68
C GLU C 232 20.57 19.47 -3.89
N LEU C 233 20.42 20.23 -4.97
CA LEU C 233 21.29 21.38 -5.16
C LEU C 233 21.08 22.39 -4.04
N CYS C 234 19.84 22.63 -3.65
CA CYS C 234 19.57 23.57 -2.57
C CYS C 234 20.29 23.16 -1.30
N ILE C 235 20.29 21.86 -0.99
CA ILE C 235 20.97 21.39 0.21
C ILE C 235 22.48 21.61 0.08
N GLN C 236 23.05 21.24 -1.07
CA GLN C 236 24.49 21.37 -1.25
C GLN C 236 24.96 22.80 -1.09
N HIS C 237 24.13 23.77 -1.45
CA HIS C 237 24.49 25.17 -1.35
C HIS C 237 24.07 25.80 -0.01
N GLY C 238 23.76 24.97 0.99
CA GLY C 238 23.65 25.41 2.36
C GLY C 238 22.30 25.19 3.02
N TRP C 239 21.25 24.93 2.24
CA TRP C 239 19.91 24.95 2.80
C TRP C 239 19.67 23.77 3.73
N THR C 240 19.07 24.07 4.88
CA THR C 240 18.66 23.06 5.86
C THR C 240 17.33 22.45 5.45
N PRO C 241 17.33 21.21 4.95
CA PRO C 241 16.08 20.63 4.44
C PRO C 241 15.02 20.50 5.52
N GLY C 242 13.76 20.50 5.10
CA GLY C 242 12.64 20.19 5.96
C GLY C 242 12.35 18.71 6.00
N ASN C 243 11.24 18.36 6.63
CA ASN C 243 10.82 16.97 6.70
C ASN C 243 9.46 16.72 6.08
N GLY C 244 8.77 17.74 5.59
CA GLY C 244 7.40 17.63 5.15
C GLY C 244 7.25 17.25 3.68
N ARG C 245 6.00 17.25 3.24
CA ARG C 245 5.63 17.03 1.84
C ARG C 245 5.36 18.33 1.09
N PHE C 246 5.29 19.45 1.79
CA PHE C 246 5.05 20.74 1.15
C PHE C 246 6.01 21.77 1.76
N ASP C 247 7.29 21.48 1.67
CA ASP C 247 8.33 22.44 2.06
C ASP C 247 8.66 23.30 0.84
N VAL C 248 8.36 24.60 0.92
CA VAL C 248 8.70 25.54 -0.15
C VAL C 248 10.21 25.66 -0.25
N LEU C 249 10.74 25.40 -1.44
CA LEU C 249 12.18 25.44 -1.63
C LEU C 249 12.72 26.86 -1.50
N PRO C 250 14.01 27.02 -1.24
CA PRO C 250 14.65 28.33 -1.37
C PRO C 250 15.04 28.59 -2.81
N LEU C 251 15.30 29.87 -3.10
CA LEU C 251 15.65 30.29 -4.46
C LEU C 251 17.16 30.25 -4.65
N LEU C 252 17.57 29.72 -5.81
CA LEU C 252 18.98 29.65 -6.19
C LEU C 252 19.22 30.64 -7.33
N LEU C 253 19.68 31.84 -6.97
CA LEU C 253 19.84 32.95 -7.90
C LEU C 253 21.30 33.10 -8.29
N GLN C 254 21.57 33.15 -9.59
CA GLN C 254 22.93 33.18 -10.12
C GLN C 254 23.15 34.48 -10.86
N ALA C 255 23.99 35.36 -10.30
CA ALA C 255 24.47 36.56 -10.95
C ALA C 255 25.52 36.22 -12.01
N PRO C 256 25.79 37.13 -12.95
CA PRO C 256 26.79 36.83 -13.99
C PRO C 256 28.13 36.37 -13.47
N ASP C 257 28.53 35.18 -13.89
CA ASP C 257 29.86 34.61 -13.67
C ASP C 257 30.07 34.19 -12.22
N GLU C 258 29.41 34.86 -11.28
CA GLU C 258 29.47 34.43 -9.89
C GLU C 258 28.70 33.13 -9.71
N PRO C 259 28.98 32.40 -8.65
CA PRO C 259 28.18 31.19 -8.33
C PRO C 259 26.81 31.58 -7.79
N PRO C 260 25.87 30.63 -7.72
CA PRO C 260 24.51 30.98 -7.27
C PRO C 260 24.43 31.06 -5.75
N GLU C 261 23.87 32.16 -5.26
CA GLU C 261 23.60 32.35 -3.84
C GLU C 261 22.23 31.80 -3.49
N LEU C 262 22.03 31.53 -2.21
CA LEU C 262 20.83 30.87 -1.69
C LEU C 262 19.99 31.90 -0.94
N PHE C 263 18.72 32.00 -1.32
CA PHE C 263 17.81 32.97 -0.73
C PHE C 263 16.55 32.25 -0.25
N LEU C 264 15.93 32.78 0.80
CA LEU C 264 14.71 32.22 1.37
C LEU C 264 13.55 33.17 1.11
N LEU C 265 12.41 32.59 0.72
CA LEU C 265 11.20 33.37 0.49
C LEU C 265 10.49 33.56 1.81
N PRO C 266 10.23 34.80 2.23
CA PRO C 266 9.42 35.04 3.45
C PRO C 266 8.05 34.39 3.32
N PRO C 267 7.69 33.51 4.25
CA PRO C 267 6.40 32.79 4.14
C PRO C 267 5.19 33.71 4.02
N GLU C 268 5.27 34.94 4.54
CA GLU C 268 4.23 35.94 4.31
C GLU C 268 4.06 36.25 2.83
N LEU C 269 5.06 35.98 2.01
CA LEU C 269 4.99 36.30 0.60
C LEU C 269 4.37 35.19 -0.23
N VAL C 270 4.34 33.96 0.28
CA VAL C 270 3.98 32.78 -0.49
C VAL C 270 2.56 32.38 -0.09
N LEU C 271 1.57 32.77 -0.90
CA LEU C 271 0.18 32.50 -0.58
C LEU C 271 -0.14 31.04 -0.88
N GLU C 272 -0.57 30.30 0.12
CA GLU C 272 -0.83 28.87 -0.03
C GLU C 272 -2.28 28.55 0.29
N VAL C 273 -2.79 27.47 -0.31
CA VAL C 273 -4.20 27.13 -0.18
C VAL C 273 -4.34 25.71 0.34
N PRO C 274 -4.76 25.50 1.59
CA PRO C 274 -5.04 24.14 2.05
C PRO C 274 -6.26 23.60 1.31
N LEU C 275 -6.19 22.33 0.94
CA LEU C 275 -7.23 21.74 0.11
C LEU C 275 -8.26 21.03 0.97
N GLU C 276 -9.52 21.42 0.81
CA GLU C 276 -10.65 20.74 1.44
CA GLU C 276 -10.64 20.74 1.43
C GLU C 276 -11.66 20.38 0.35
N HIS C 277 -12.63 19.56 0.73
CA HIS C 277 -13.67 19.18 -0.22
C HIS C 277 -15.01 19.67 0.32
N PRO C 278 -15.89 20.19 -0.54
CA PRO C 278 -17.17 20.71 -0.03
C PRO C 278 -18.01 19.68 0.70
N THR C 279 -17.97 18.39 0.33
CA THR C 279 -18.81 17.40 1.00
C THR C 279 -18.07 16.21 1.61
N LEU C 280 -16.85 15.90 1.18
CA LEU C 280 -16.07 14.81 1.76
C LEU C 280 -15.23 15.38 2.91
N GLU C 281 -15.74 15.22 4.12
CA GLU C 281 -15.15 15.87 5.28
C GLU C 281 -13.76 15.35 5.61
N TRP C 282 -13.47 14.07 5.31
CA TRP C 282 -12.13 13.54 5.53
C TRP C 282 -11.08 14.16 4.60
N PHE C 283 -11.47 14.79 3.47
CA PHE C 283 -10.48 15.23 2.49
C PHE C 283 -9.48 16.22 3.10
N ALA C 284 -9.97 17.22 3.84
CA ALA C 284 -9.07 18.17 4.50
C ALA C 284 -7.98 17.44 5.27
N ALA C 285 -8.32 16.32 5.91
CA ALA C 285 -7.39 15.59 6.75
C ALA C 285 -6.26 14.91 5.97
N LEU C 286 -6.34 14.87 4.63
CA LEU C 286 -5.17 14.37 3.92
C LEU C 286 -4.02 15.36 3.95
N GLY C 287 -4.23 16.59 4.41
CA GLY C 287 -3.14 17.52 4.58
C GLY C 287 -2.56 18.06 3.28
N LEU C 288 -3.32 17.99 2.19
CA LEU C 288 -2.84 18.48 0.91
C LEU C 288 -2.90 20.01 0.84
N ARG C 289 -1.96 20.58 0.10
CA ARG C 289 -1.84 22.02 -0.10
C ARG C 289 -1.44 22.27 -1.53
N TRP C 290 -1.66 23.51 -1.97
CA TRP C 290 -0.93 24.01 -3.11
C TRP C 290 -0.80 25.51 -2.96
N TYR C 291 0.03 26.11 -3.82
CA TYR C 291 0.34 27.52 -3.78
C TYR C 291 -0.42 28.28 -4.85
N ALA C 292 -0.59 29.57 -4.62
CA ALA C 292 -1.45 30.42 -5.45
C ALA C 292 -0.82 30.76 -6.80
N LEU C 293 0.48 31.06 -6.81
CA LEU C 293 1.12 31.77 -7.92
C LEU C 293 1.91 30.81 -8.80
N PRO C 294 1.43 30.47 -10.01
CA PRO C 294 2.25 29.72 -10.97
C PRO C 294 3.22 30.65 -11.69
N ALA C 295 4.50 30.55 -11.36
CA ALA C 295 5.49 31.54 -11.76
C ALA C 295 6.71 30.83 -12.32
N VAL C 296 6.81 30.80 -13.65
CA VAL C 296 7.83 30.03 -14.37
C VAL C 296 9.11 30.85 -14.51
N SER C 297 10.23 30.27 -14.12
CA SER C 297 11.47 31.01 -13.91
C SER C 297 12.68 30.39 -14.59
N ASN C 298 12.50 29.40 -15.46
CA ASN C 298 13.66 28.78 -16.11
C ASN C 298 13.62 28.91 -17.62
N MET C 299 12.68 29.66 -18.19
CA MET C 299 12.65 29.81 -19.63
C MET C 299 13.38 31.08 -20.06
N LEU C 300 13.67 31.15 -21.35
CA LEU C 300 14.41 32.25 -21.95
C LEU C 300 13.47 33.05 -22.85
N LEU C 301 13.40 34.36 -22.60
CA LEU C 301 12.65 35.28 -23.44
C LEU C 301 13.53 35.76 -24.58
N GLU C 302 12.97 35.79 -25.79
CA GLU C 302 13.70 36.15 -27.00
C GLU C 302 12.93 37.23 -27.74
N ILE C 303 13.58 38.38 -27.95
CA ILE C 303 12.93 39.53 -28.58
C ILE C 303 13.93 40.16 -29.53
N GLY C 304 13.57 40.22 -30.81
CA GLY C 304 14.38 40.97 -31.76
C GLY C 304 15.83 40.56 -31.81
N GLY C 305 16.09 39.26 -31.64
CA GLY C 305 17.45 38.75 -31.59
C GLY C 305 18.09 38.84 -30.22
N LEU C 306 17.52 39.60 -29.28
CA LEU C 306 18.02 39.65 -27.92
C LEU C 306 17.47 38.47 -27.11
N GLU C 307 18.25 38.02 -26.13
CA GLU C 307 17.89 36.87 -25.31
C GLU C 307 18.02 37.24 -23.83
N PHE C 308 16.96 36.99 -23.07
CA PHE C 308 16.93 37.27 -21.63
C PHE C 308 16.81 35.94 -20.91
N PRO C 309 17.93 35.33 -20.51
CA PRO C 309 17.87 33.98 -19.92
C PRO C 309 17.13 33.94 -18.60
N ALA C 310 16.91 35.09 -17.99
CA ALA C 310 16.22 35.23 -16.71
C ALA C 310 15.08 36.24 -16.91
N ALA C 311 13.84 35.74 -16.91
CA ALA C 311 12.67 36.57 -17.14
C ALA C 311 11.42 35.89 -16.60
N PRO C 312 11.28 35.76 -15.29
CA PRO C 312 10.18 34.95 -14.75
C PRO C 312 8.83 35.61 -14.99
N PHE C 313 7.83 34.78 -15.26
CA PHE C 313 6.48 35.27 -15.52
C PHE C 313 5.46 34.41 -14.79
N SER C 314 4.28 35.00 -14.56
CA SER C 314 3.27 34.31 -13.79
C SER C 314 1.89 34.78 -14.22
N GLY C 315 0.92 33.89 -14.02
CA GLY C 315 -0.47 34.19 -14.25
C GLY C 315 -1.26 33.66 -13.08
N TRP C 316 -2.27 32.85 -13.34
CA TRP C 316 -3.02 32.15 -12.32
C TRP C 316 -3.31 30.74 -12.83
N TYR C 317 -3.71 29.85 -11.93
CA TYR C 317 -3.78 28.45 -12.32
C TYR C 317 -5.10 28.12 -13.01
N MET C 318 -5.03 27.18 -13.94
CA MET C 318 -6.18 26.38 -14.32
C MET C 318 -6.25 25.20 -13.36
N SER C 319 -7.45 24.85 -12.92
CA SER C 319 -7.54 23.90 -11.81
C SER C 319 -6.98 22.51 -12.17
N THR C 320 -7.11 22.08 -13.43
CA THR C 320 -6.60 20.74 -13.75
C THR C 320 -5.09 20.67 -13.61
N GLU C 321 -4.37 21.80 -13.68
CA GLU C 321 -2.92 21.71 -13.52
C GLU C 321 -2.57 21.27 -12.12
N ILE C 322 -3.29 21.82 -11.15
CA ILE C 322 -3.12 21.38 -9.78
C ILE C 322 -3.75 20.01 -9.57
N GLY C 323 -5.03 19.89 -9.91
CA GLY C 323 -5.79 18.74 -9.45
C GLY C 323 -5.37 17.46 -10.15
N THR C 324 -5.23 17.51 -11.46
CA THR C 324 -4.90 16.34 -12.27
C THR C 324 -3.39 16.17 -12.43
N ARG C 325 -2.69 17.19 -12.91
CA ARG C 325 -1.30 16.94 -13.24
C ARG C 325 -0.43 16.88 -11.98
N ASN C 326 -0.50 17.92 -11.14
CA ASN C 326 0.44 17.97 -10.02
C ASN C 326 0.10 16.95 -8.95
N LEU C 327 -1.17 16.71 -8.71
CA LEU C 327 -1.53 15.86 -7.61
C LEU C 327 -1.76 14.43 -8.05
N CYS C 328 -2.11 14.19 -9.32
CA CYS C 328 -2.46 12.85 -9.74
C CYS C 328 -1.49 12.19 -10.70
N ASP C 329 -0.51 12.90 -11.26
CA ASP C 329 0.43 12.23 -12.15
C ASP C 329 1.17 11.16 -11.34
N PRO C 330 1.40 9.97 -11.92
CA PRO C 330 2.09 8.92 -11.18
C PRO C 330 3.51 9.29 -10.81
N HIS C 331 4.16 10.10 -11.61
CA HIS C 331 5.49 10.60 -11.31
C HIS C 331 5.48 11.91 -10.54
N ARG C 332 4.32 12.33 -10.02
CA ARG C 332 4.25 13.47 -9.10
C ARG C 332 3.75 13.01 -7.74
N TYR C 333 2.85 13.77 -7.09
CA TYR C 333 2.33 13.35 -5.77
C TYR C 333 1.53 12.06 -5.84
N ASN C 334 0.89 11.76 -6.97
CA ASN C 334 0.37 10.42 -7.22
C ASN C 334 -0.63 10.00 -6.15
N ILE C 335 -1.59 10.87 -5.84
CA ILE C 335 -2.47 10.65 -4.69
C ILE C 335 -3.75 9.92 -5.07
N LEU C 336 -3.94 9.62 -6.36
CA LEU C 336 -5.25 9.16 -6.82
C LEU C 336 -5.77 7.98 -6.00
N GLU C 337 -4.90 7.00 -5.73
CA GLU C 337 -5.36 5.81 -5.07
C GLU C 337 -5.68 6.09 -3.60
N ASP C 338 -4.98 7.05 -2.99
CA ASP C 338 -5.28 7.48 -1.64
C ASP C 338 -6.69 8.03 -1.54
N VAL C 339 -7.05 8.91 -2.48
CA VAL C 339 -8.39 9.48 -2.50
C VAL C 339 -9.44 8.39 -2.75
N ALA C 340 -9.16 7.48 -3.70
CA ALA C 340 -10.15 6.47 -4.04
C ALA C 340 -10.41 5.52 -2.87
N VAL C 341 -9.36 5.19 -2.11
CA VAL C 341 -9.54 4.36 -0.92
C VAL C 341 -10.45 5.08 0.08
N CYS C 342 -10.21 6.37 0.34
CA CYS C 342 -11.06 7.09 1.25
C CYS C 342 -12.48 7.22 0.72
N MET C 343 -12.67 7.16 -0.60
CA MET C 343 -14.01 7.22 -1.17
C MET C 343 -14.71 5.87 -1.21
N ASP C 344 -14.05 4.82 -0.72
CA ASP C 344 -14.53 3.44 -0.77
C ASP C 344 -14.91 3.01 -2.20
N LEU C 345 -14.00 3.27 -3.14
CA LEU C 345 -14.20 2.83 -4.52
C LEU C 345 -13.55 1.45 -4.73
N ASP C 346 -13.99 0.77 -5.76
CA ASP C 346 -13.41 -0.54 -6.09
C ASP C 346 -12.11 -0.33 -6.86
N THR C 347 -10.98 -0.38 -6.17
CA THR C 347 -9.69 -0.19 -6.81
C THR C 347 -9.12 -1.48 -7.40
N ARG C 348 -9.85 -2.59 -7.34
CA ARG C 348 -9.31 -3.86 -7.82
C ARG C 348 -9.50 -4.04 -9.32
N THR C 349 -10.48 -3.37 -9.91
CA THR C 349 -10.72 -3.45 -11.34
C THR C 349 -10.70 -2.05 -11.94
N THR C 350 -10.07 -1.89 -13.10
CA THR C 350 -10.07 -0.56 -13.70
C THR C 350 -11.44 -0.20 -14.25
N SER C 351 -12.31 -1.17 -14.49
CA SER C 351 -13.59 -0.85 -15.12
C SER C 351 -14.59 -0.20 -14.17
N SER C 352 -14.27 -0.05 -12.87
CA SER C 352 -15.10 0.80 -12.02
C SER C 352 -14.87 2.28 -12.25
N LEU C 353 -13.87 2.64 -13.04
CA LEU C 353 -13.51 4.04 -13.30
C LEU C 353 -13.22 4.78 -12.00
N TRP C 354 -12.60 4.07 -11.03
CA TRP C 354 -12.25 4.70 -9.77
C TRP C 354 -11.24 5.83 -9.96
N LYS C 355 -10.32 5.66 -10.91
CA LYS C 355 -9.37 6.74 -11.19
C LYS C 355 -10.10 7.99 -11.68
N ASP C 356 -11.09 7.80 -12.56
CA ASP C 356 -11.89 8.91 -13.08
C ASP C 356 -12.68 9.58 -11.96
N LYS C 357 -13.27 8.76 -11.07
CA LYS C 357 -14.07 9.30 -9.99
C LYS C 357 -13.22 10.03 -8.96
N ALA C 358 -12.11 9.40 -8.55
CA ALA C 358 -11.19 10.07 -7.65
C ALA C 358 -10.69 11.40 -8.25
N ALA C 359 -10.28 11.38 -9.52
CA ALA C 359 -9.70 12.55 -10.16
C ALA C 359 -10.67 13.74 -10.15
N VAL C 360 -11.93 13.50 -10.49
CA VAL C 360 -12.92 14.56 -10.56
C VAL C 360 -13.14 15.19 -9.18
N GLU C 361 -13.15 14.38 -8.13
CA GLU C 361 -13.33 14.94 -6.81
C GLU C 361 -12.12 15.74 -6.35
N ILE C 362 -10.91 15.37 -6.78
CA ILE C 362 -9.73 16.15 -6.44
C ILE C 362 -9.76 17.50 -7.15
N ASN C 363 -10.20 17.52 -8.42
CA ASN C 363 -10.41 18.79 -9.09
C ASN C 363 -11.54 19.59 -8.46
N VAL C 364 -12.57 18.92 -7.90
CA VAL C 364 -13.62 19.65 -7.18
C VAL C 364 -13.04 20.31 -5.94
N ALA C 365 -12.21 19.57 -5.20
CA ALA C 365 -11.59 20.12 -3.99
C ALA C 365 -10.71 21.32 -4.30
N VAL C 366 -9.89 21.22 -5.37
CA VAL C 366 -9.06 22.35 -5.78
C VAL C 366 -9.93 23.57 -6.05
N LEU C 367 -10.96 23.42 -6.88
CA LEU C 367 -11.76 24.58 -7.22
C LEU C 367 -12.43 25.17 -5.98
N HIS C 368 -13.02 24.32 -5.12
CA HIS C 368 -13.72 24.81 -3.95
C HIS C 368 -12.77 25.49 -2.97
N SER C 369 -11.57 24.93 -2.79
CA SER C 369 -10.62 25.50 -1.85
C SER C 369 -10.12 26.86 -2.32
N TYR C 370 -9.79 26.99 -3.60
CA TYR C 370 -9.34 28.28 -4.10
C TYR C 370 -10.45 29.32 -4.03
N GLN C 371 -11.68 28.94 -4.41
CA GLN C 371 -12.78 29.89 -4.35
C GLN C 371 -13.04 30.34 -2.92
N LEU C 372 -13.02 29.40 -1.98
CA LEU C 372 -13.24 29.74 -0.57
C LEU C 372 -12.18 30.69 -0.06
N ALA C 373 -10.93 30.46 -0.48
CA ALA C 373 -9.82 31.29 -0.02
C ALA C 373 -9.64 32.56 -0.83
N LYS C 374 -10.50 32.79 -1.83
CA LYS C 374 -10.47 34.01 -2.64
C LYS C 374 -9.16 34.14 -3.41
N VAL C 375 -8.66 33.01 -3.88
CA VAL C 375 -7.48 32.96 -4.75
C VAL C 375 -7.96 32.68 -6.16
N THR C 376 -7.47 33.48 -7.12
CA THR C 376 -7.89 33.36 -8.50
C THR C 376 -7.63 31.96 -9.04
N ILE C 377 -8.64 31.39 -9.69
CA ILE C 377 -8.47 30.10 -10.36
C ILE C 377 -9.55 29.99 -11.42
N VAL C 378 -9.26 29.23 -12.47
CA VAL C 378 -10.21 29.03 -13.55
C VAL C 378 -10.36 27.54 -13.79
N ASP C 379 -11.59 27.10 -14.03
CA ASP C 379 -11.75 25.68 -14.33
C ASP C 379 -11.50 25.46 -15.83
N HIS C 380 -11.26 24.20 -16.20
CA HIS C 380 -10.86 23.94 -17.57
C HIS C 380 -11.98 24.16 -18.58
N HIS C 381 -13.24 24.13 -18.14
CA HIS C 381 -14.31 24.46 -19.08
C HIS C 381 -14.32 25.94 -19.39
N ALA C 382 -14.21 26.76 -18.35
CA ALA C 382 -14.17 28.19 -18.56
C ALA C 382 -12.97 28.59 -19.42
N ALA C 383 -11.80 27.97 -19.19
CA ALA C 383 -10.58 28.40 -19.86
C ALA C 383 -10.58 28.01 -21.33
N THR C 384 -11.04 26.80 -21.66
CA THR C 384 -11.09 26.39 -23.05
C THR C 384 -12.11 27.21 -23.83
N ALA C 385 -13.20 27.60 -23.17
CA ALA C 385 -14.18 28.47 -23.83
C ALA C 385 -13.59 29.84 -24.12
N SER C 386 -12.72 30.35 -23.23
CA SER C 386 -12.08 31.64 -23.50
CA SER C 386 -12.07 31.64 -23.50
C SER C 386 -11.02 31.51 -24.59
N PHE C 387 -10.32 30.37 -24.63
CA PHE C 387 -9.36 30.17 -25.72
C PHE C 387 -10.06 30.14 -27.05
N MET C 388 -11.24 29.52 -27.10
CA MET C 388 -12.02 29.56 -28.34
C MET C 388 -12.28 31.00 -28.78
N LYS C 389 -12.59 31.90 -27.84
CA LYS C 389 -12.78 33.30 -28.19
C LYS C 389 -11.48 33.93 -28.67
N HIS C 390 -10.38 33.63 -27.96
CA HIS C 390 -9.07 34.11 -28.38
C HIS C 390 -8.76 33.67 -29.81
N LEU C 391 -9.06 32.42 -30.16
CA LEU C 391 -8.87 31.96 -31.54
C LEU C 391 -9.68 32.83 -32.50
N GLU C 392 -10.90 33.20 -32.11
CA GLU C 392 -11.73 34.01 -33.00
C GLU C 392 -11.22 35.44 -33.09
N ASN C 393 -10.83 36.05 -31.96
CA ASN C 393 -10.18 37.36 -32.00
C ASN C 393 -8.91 37.32 -32.84
N GLU C 394 -8.09 36.28 -32.64
CA GLU C 394 -6.83 36.20 -33.37
C GLU C 394 -7.05 36.00 -34.87
N GLN C 395 -8.13 35.32 -35.25
CA GLN C 395 -8.40 35.13 -36.66
C GLN C 395 -8.59 36.47 -37.35
N LYS C 396 -9.32 37.39 -36.72
CA LYS C 396 -9.53 38.70 -37.32
C LYS C 396 -8.31 39.57 -37.13
N ALA C 397 -7.63 39.44 -35.99
CA ALA C 397 -6.49 40.30 -35.67
C ALA C 397 -5.31 40.03 -36.60
N ARG C 398 -4.89 38.77 -36.71
CA ARG C 398 -3.66 38.43 -37.40
C ARG C 398 -3.82 37.36 -38.47
N GLY C 399 -5.04 36.84 -38.67
CA GLY C 399 -5.24 35.81 -39.65
C GLY C 399 -4.84 34.42 -39.20
N GLY C 400 -4.70 34.20 -37.90
CA GLY C 400 -4.34 32.89 -37.40
C GLY C 400 -3.83 32.97 -35.98
N CYS C 401 -3.44 31.82 -35.48
CA CYS C 401 -2.98 31.69 -34.10
C CYS C 401 -2.31 30.34 -33.91
N PRO C 402 -1.02 30.31 -33.58
CA PRO C 402 -0.35 29.03 -33.35
C PRO C 402 -0.84 28.40 -32.06
N ALA C 403 -1.15 27.11 -32.13
CA ALA C 403 -1.80 26.42 -31.03
C ALA C 403 -1.42 24.95 -31.10
N ASP C 404 -0.99 24.41 -29.95
CA ASP C 404 -0.51 23.04 -29.81
C ASP C 404 -1.65 22.25 -29.17
N TRP C 405 -2.43 21.58 -30.02
CA TRP C 405 -3.64 20.88 -29.60
C TRP C 405 -3.42 20.00 -28.38
N ALA C 406 -2.34 19.21 -28.39
CA ALA C 406 -2.08 18.28 -27.30
C ALA C 406 -1.97 18.99 -25.96
N TRP C 407 -1.54 20.25 -25.96
CA TRP C 407 -1.38 21.01 -24.73
C TRP C 407 -2.55 21.93 -24.43
N ILE C 408 -3.34 22.28 -25.44
CA ILE C 408 -4.50 23.13 -25.22
C ILE C 408 -5.65 22.31 -24.67
N VAL C 409 -5.83 21.10 -25.18
CA VAL C 409 -6.90 20.22 -24.67
C VAL C 409 -6.60 19.86 -23.21
N PRO C 410 -7.53 20.04 -22.28
CA PRO C 410 -7.29 19.72 -20.86
C PRO C 410 -6.99 18.25 -20.64
N PRO C 411 -6.29 17.92 -19.55
CA PRO C 411 -5.95 16.51 -19.26
C PRO C 411 -7.08 15.66 -18.68
N ILE C 412 -8.24 16.23 -18.36
CA ILE C 412 -9.43 15.45 -18.05
C ILE C 412 -10.57 16.04 -18.86
N SER C 413 -11.58 15.20 -19.14
CA SER C 413 -12.78 15.61 -19.85
C SER C 413 -12.46 16.31 -21.17
N GLY C 414 -11.34 15.95 -21.81
CA GLY C 414 -10.91 16.57 -23.04
C GLY C 414 -12.03 16.87 -24.02
N SER C 415 -12.75 15.84 -24.45
CA SER C 415 -13.76 15.99 -25.49
C SER C 415 -15.02 16.66 -25.01
N LEU C 416 -15.15 16.90 -23.70
CA LEU C 416 -16.25 17.71 -23.19
C LEU C 416 -16.00 19.21 -23.32
N THR C 417 -14.79 19.62 -23.74
CA THR C 417 -14.42 21.03 -23.87
C THR C 417 -14.36 21.43 -25.36
N PRO C 418 -14.61 22.70 -25.70
CA PRO C 418 -14.83 23.04 -27.12
C PRO C 418 -13.57 23.00 -27.97
N VAL C 419 -12.38 22.99 -27.36
CA VAL C 419 -11.11 22.94 -28.09
C VAL C 419 -10.84 21.56 -28.67
N PHE C 420 -11.35 20.48 -28.03
CA PHE C 420 -11.12 19.13 -28.54
C PHE C 420 -11.46 19.00 -30.02
N HIS C 421 -12.59 19.56 -30.43
CA HIS C 421 -13.12 19.43 -31.78
C HIS C 421 -12.59 20.49 -32.73
N GLN C 422 -11.66 21.33 -32.28
CA GLN C 422 -11.09 22.41 -33.09
C GLN C 422 -9.73 21.96 -33.63
N GLU C 423 -9.62 21.86 -34.95
CA GLU C 423 -8.31 21.63 -35.54
C GLU C 423 -7.43 22.84 -35.32
N MET C 424 -6.15 22.59 -35.09
CA MET C 424 -5.21 23.67 -34.83
C MET C 424 -3.96 23.55 -35.70
N VAL C 425 -3.23 24.65 -35.82
CA VAL C 425 -1.97 24.72 -36.53
C VAL C 425 -0.90 25.22 -35.56
N ASN C 426 0.19 24.45 -35.43
CA ASN C 426 1.27 24.78 -34.51
C ASN C 426 2.51 25.23 -35.28
N TYR C 427 3.05 26.40 -34.91
CA TYR C 427 4.25 26.96 -35.51
C TYR C 427 4.86 28.01 -34.58
N PHE C 428 6.08 28.44 -34.90
CA PHE C 428 6.89 29.27 -34.00
C PHE C 428 6.97 30.70 -34.53
N LEU C 429 6.29 31.63 -33.87
CA LEU C 429 6.52 33.04 -34.11
C LEU C 429 7.47 33.63 -33.08
N SER C 430 8.13 34.73 -33.46
CA SER C 430 8.98 35.52 -32.60
C SER C 430 8.41 36.91 -32.44
N PRO C 431 8.56 37.56 -31.26
CA PRO C 431 9.17 37.13 -29.98
C PRO C 431 8.61 35.86 -29.40
N ALA C 432 9.41 35.17 -28.58
CA ALA C 432 9.00 33.88 -28.06
C ALA C 432 9.63 33.62 -26.70
N PHE C 433 8.94 32.77 -25.93
CA PHE C 433 9.55 32.07 -24.82
C PHE C 433 10.10 30.75 -25.30
N ARG C 434 11.28 30.38 -24.80
CA ARG C 434 12.02 29.23 -25.26
C ARG C 434 12.56 28.46 -24.07
N TYR C 435 12.64 27.15 -24.22
CA TYR C 435 13.32 26.34 -23.23
C TYR C 435 14.82 26.52 -23.36
N GLN C 436 15.54 26.29 -22.29
CA GLN C 436 16.99 26.45 -22.32
C GLN C 436 17.62 25.38 -21.46
N PRO C 437 18.91 25.10 -21.65
CA PRO C 437 19.56 24.10 -20.82
C PRO C 437 19.59 24.56 -19.37
N ASP C 438 19.71 23.59 -18.47
CA ASP C 438 19.86 23.93 -17.07
C ASP C 438 21.19 24.66 -16.85
N PRO C 439 21.25 25.57 -15.88
CA PRO C 439 22.48 26.34 -15.69
C PRO C 439 23.64 25.52 -15.15
N TRP C 440 23.38 24.37 -14.53
CA TRP C 440 24.45 23.44 -14.21
C TRP C 440 24.69 22.49 -15.38
N LYS D 27 19.53 11.28 -36.69
CA LYS D 27 18.65 11.23 -37.86
C LYS D 27 17.42 10.41 -37.53
N PHE D 28 17.49 9.67 -36.44
CA PHE D 28 16.35 8.92 -35.96
C PHE D 28 15.69 9.65 -34.80
N PRO D 29 14.38 9.91 -34.85
CA PRO D 29 13.73 10.66 -33.76
C PRO D 29 13.91 9.99 -32.40
N ARG D 30 14.36 10.79 -31.43
CA ARG D 30 14.39 10.33 -30.04
C ARG D 30 13.03 10.60 -29.41
N VAL D 31 12.39 9.56 -28.86
CA VAL D 31 11.08 9.67 -28.25
C VAL D 31 11.14 9.14 -26.82
N LYS D 32 10.45 9.81 -25.91
CA LYS D 32 10.65 9.62 -24.48
C LYS D 32 9.30 9.36 -23.82
N ASN D 33 9.34 8.56 -22.75
CA ASN D 33 8.21 8.39 -21.84
C ASN D 33 8.48 9.20 -20.58
N TRP D 34 7.60 10.15 -20.29
CA TRP D 34 7.84 11.08 -19.17
C TRP D 34 7.33 10.55 -17.84
N GLU D 35 6.56 9.46 -17.85
CA GLU D 35 6.22 8.80 -16.60
C GLU D 35 7.40 7.99 -16.07
N VAL D 36 8.16 7.35 -16.98
CA VAL D 36 9.17 6.37 -16.61
C VAL D 36 10.55 6.94 -16.81
N GLY D 37 10.69 7.90 -17.73
CA GLY D 37 11.97 8.43 -18.09
C GLY D 37 12.69 7.65 -19.19
N SER D 38 12.02 6.70 -19.83
CA SER D 38 12.69 5.84 -20.79
C SER D 38 12.74 6.48 -22.18
N ILE D 39 13.77 6.14 -22.93
CA ILE D 39 14.09 6.80 -24.18
C ILE D 39 14.31 5.74 -25.26
N THR D 40 13.55 5.82 -26.36
CA THR D 40 13.75 4.96 -27.52
C THR D 40 13.95 5.81 -28.77
N TYR D 41 14.31 5.15 -29.86
CA TYR D 41 14.51 5.79 -31.15
C TYR D 41 13.62 5.11 -32.18
N ASP D 42 12.81 5.89 -32.89
CA ASP D 42 11.90 5.33 -33.89
C ASP D 42 12.63 5.27 -35.22
N THR D 43 13.29 4.13 -35.49
CA THR D 43 13.98 3.97 -36.77
C THR D 43 13.02 3.59 -37.89
N LEU D 44 11.87 3.03 -37.53
CA LEU D 44 10.86 2.62 -38.50
C LEU D 44 10.35 3.79 -39.34
N SER D 45 10.20 4.96 -38.71
CA SER D 45 9.64 6.13 -39.39
C SER D 45 10.39 6.49 -40.65
N ALA D 46 11.69 6.16 -40.70
CA ALA D 46 12.48 6.49 -41.90
C ALA D 46 12.02 5.70 -43.10
N GLN D 47 11.34 4.58 -42.90
CA GLN D 47 10.80 3.77 -43.98
C GLN D 47 9.41 4.22 -44.40
N ALA D 48 8.86 5.26 -43.78
CA ALA D 48 7.61 5.86 -44.26
C ALA D 48 7.88 6.52 -45.59
N GLN D 49 7.01 6.28 -46.56
CA GLN D 49 7.13 7.07 -47.78
C GLN D 49 5.79 7.19 -48.50
N GLN D 50 4.77 7.61 -47.76
CA GLN D 50 3.69 8.41 -48.29
C GLN D 50 3.55 9.59 -47.36
N ASP D 51 3.45 10.79 -47.92
CA ASP D 51 3.74 11.99 -47.17
C ASP D 51 2.52 12.49 -46.40
N GLY D 52 2.78 13.02 -45.22
CA GLY D 52 1.75 13.54 -44.36
C GLY D 52 1.68 15.04 -44.54
N PRO D 53 0.89 15.70 -43.68
CA PRO D 53 0.56 17.11 -43.91
C PRO D 53 1.52 18.14 -43.33
N CYS D 54 2.47 17.72 -42.51
CA CYS D 54 3.29 18.64 -41.73
C CYS D 54 4.55 19.00 -42.50
N THR D 55 5.06 20.20 -42.23
CA THR D 55 6.34 20.68 -42.73
C THR D 55 7.14 21.23 -41.57
N PRO D 56 8.45 21.48 -41.77
CA PRO D 56 9.22 22.18 -40.74
C PRO D 56 8.60 23.51 -40.33
N ARG D 57 7.72 24.07 -41.16
CA ARG D 57 7.15 25.40 -40.92
C ARG D 57 5.91 25.37 -40.05
N ARG D 58 5.10 24.31 -40.15
CA ARG D 58 3.93 24.19 -39.30
C ARG D 58 3.51 22.72 -39.24
N CYS D 59 3.13 22.30 -38.03
CA CYS D 59 2.57 20.96 -37.79
C CYS D 59 1.04 21.03 -37.93
N LEU D 60 0.50 20.05 -38.63
CA LEU D 60 -0.92 19.92 -38.90
C LEU D 60 -1.44 18.58 -38.35
N GLY D 61 -0.83 18.12 -37.27
CA GLY D 61 -1.14 16.79 -36.78
C GLY D 61 -2.56 16.65 -36.29
N SER D 62 -3.19 17.75 -35.88
CA SER D 62 -4.55 17.66 -35.34
C SER D 62 -5.64 17.61 -36.42
N LEU D 63 -5.28 17.80 -37.69
CA LEU D 63 -6.25 17.69 -38.78
C LEU D 63 -6.84 16.28 -38.84
N VAL D 64 -8.16 16.21 -39.00
CA VAL D 64 -8.86 14.92 -39.02
C VAL D 64 -8.61 14.19 -40.33
N PHE D 65 -8.81 14.87 -41.48
CA PHE D 65 -8.56 14.32 -42.81
C PHE D 65 -7.43 15.09 -43.46
N PRO D 66 -6.17 14.70 -43.27
CA PRO D 66 -5.09 15.40 -43.98
C PRO D 66 -5.29 15.40 -45.49
N ARG D 67 -5.50 14.22 -46.07
CA ARG D 67 -5.66 14.05 -47.51
C ARG D 67 -7.13 14.15 -47.92
N ALA D 79 2.44 4.41 -64.16
CA ALA D 79 1.61 3.47 -63.41
C ALA D 79 2.32 2.11 -63.17
N PRO D 80 2.73 1.40 -64.23
CA PRO D 80 3.24 0.04 -64.02
C PRO D 80 4.47 -0.02 -63.13
N GLU D 81 5.33 1.00 -63.19
CA GLU D 81 6.50 1.04 -62.32
C GLU D 81 6.10 1.36 -60.87
N GLN D 82 5.09 2.21 -60.69
CA GLN D 82 4.68 2.55 -59.32
C GLN D 82 3.93 1.39 -58.66
N LEU D 83 3.10 0.68 -59.42
CA LEU D 83 2.45 -0.52 -58.89
C LEU D 83 3.49 -1.55 -58.49
N LEU D 84 4.46 -1.79 -59.37
CA LEU D 84 5.49 -2.80 -59.16
C LEU D 84 6.35 -2.51 -57.94
N SER D 85 6.76 -1.25 -57.76
CA SER D 85 7.63 -0.97 -56.62
C SER D 85 6.88 -1.14 -55.31
N GLN D 86 5.58 -0.78 -55.29
CA GLN D 86 4.74 -1.06 -54.12
C GLN D 86 4.56 -2.55 -53.93
N ALA D 87 4.39 -3.30 -55.01
CA ALA D 87 4.21 -4.74 -54.89
C ALA D 87 5.48 -5.43 -54.44
N ARG D 88 6.62 -5.04 -55.01
CA ARG D 88 7.90 -5.61 -54.58
C ARG D 88 8.10 -5.37 -53.09
N ASP D 89 7.91 -4.14 -52.63
CA ASP D 89 8.05 -3.87 -51.20
C ASP D 89 7.19 -4.81 -50.40
N PHE D 90 5.91 -4.90 -50.75
CA PHE D 90 4.99 -5.75 -50.04
C PHE D 90 5.44 -7.22 -50.05
N ILE D 91 5.83 -7.75 -51.22
CA ILE D 91 6.32 -9.13 -51.27
C ILE D 91 7.52 -9.29 -50.35
N ASN D 92 8.43 -8.31 -50.37
CA ASN D 92 9.56 -8.30 -49.43
C ASN D 92 9.08 -8.29 -47.99
N GLN D 93 7.96 -7.63 -47.71
CA GLN D 93 7.46 -7.66 -46.33
C GLN D 93 6.98 -9.05 -45.99
N TYR D 94 6.17 -9.63 -46.86
CA TYR D 94 5.65 -10.96 -46.64
C TYR D 94 6.77 -11.96 -46.38
N TYR D 95 7.80 -11.97 -47.22
CA TYR D 95 8.82 -12.98 -47.06
C TYR D 95 9.70 -12.71 -45.85
N SER D 96 9.84 -11.44 -45.46
CA SER D 96 10.56 -11.13 -44.23
C SER D 96 9.82 -11.67 -43.01
N SER D 97 8.49 -11.62 -43.03
CA SER D 97 7.71 -11.98 -41.85
C SER D 97 7.84 -13.45 -41.52
N ILE D 98 7.99 -14.31 -42.53
CA ILE D 98 8.10 -15.74 -42.33
C ILE D 98 9.55 -16.20 -42.34
N LYS D 99 10.50 -15.26 -42.28
CA LYS D 99 11.93 -15.54 -42.14
C LYS D 99 12.44 -16.41 -43.30
N ARG D 100 12.11 -15.98 -44.52
CA ARG D 100 12.53 -16.64 -45.75
C ARG D 100 12.89 -15.60 -46.80
N SER D 101 13.48 -14.50 -46.37
CA SER D 101 13.96 -13.49 -47.31
CA SER D 101 13.97 -13.50 -47.31
C SER D 101 15.14 -14.05 -48.11
N GLY D 102 15.13 -13.77 -49.41
CA GLY D 102 16.19 -14.24 -50.27
C GLY D 102 16.09 -15.68 -50.72
N SER D 103 15.04 -16.40 -50.32
CA SER D 103 14.87 -17.78 -50.74
C SER D 103 14.49 -17.87 -52.22
N GLN D 104 14.45 -19.11 -52.75
CA GLN D 104 13.99 -19.31 -54.12
C GLN D 104 12.55 -18.85 -54.28
N ALA D 105 11.70 -19.21 -53.32
CA ALA D 105 10.28 -18.85 -53.41
C ALA D 105 10.08 -17.34 -53.36
N HIS D 106 10.90 -16.63 -52.59
CA HIS D 106 10.83 -15.17 -52.59
C HIS D 106 11.19 -14.62 -53.96
N GLU D 107 12.34 -15.03 -54.50
CA GLU D 107 12.73 -14.64 -55.86
C GLU D 107 11.63 -14.97 -56.88
N GLN D 108 11.08 -16.19 -56.79
CA GLN D 108 10.12 -16.61 -57.80
C GLN D 108 8.85 -15.80 -57.72
N ARG D 109 8.39 -15.53 -56.50
CA ARG D 109 7.16 -14.76 -56.35
C ARG D 109 7.33 -13.33 -56.86
N LEU D 110 8.48 -12.72 -56.60
CA LEU D 110 8.79 -11.43 -57.21
C LEU D 110 8.68 -11.50 -58.72
N GLN D 111 9.38 -12.46 -59.34
CA GLN D 111 9.33 -12.58 -60.80
C GLN D 111 7.91 -12.81 -61.28
N GLU D 112 7.15 -13.62 -60.54
CA GLU D 112 5.77 -13.91 -60.92
C GLU D 112 4.92 -12.64 -60.94
N VAL D 113 5.10 -11.77 -59.94
CA VAL D 113 4.29 -10.55 -59.89
C VAL D 113 4.73 -9.58 -60.98
N GLU D 114 6.04 -9.52 -61.24
CA GLU D 114 6.56 -8.74 -62.37
C GLU D 114 5.95 -9.16 -63.69
N ALA D 115 5.78 -10.46 -63.89
CA ALA D 115 5.21 -10.91 -65.15
C ALA D 115 3.71 -10.64 -65.22
N GLU D 116 3.01 -10.77 -64.09
CA GLU D 116 1.57 -10.53 -64.12
C GLU D 116 1.29 -9.05 -64.40
N VAL D 117 1.98 -8.15 -63.70
CA VAL D 117 1.83 -6.72 -63.94
C VAL D 117 2.23 -6.36 -65.36
N ALA D 118 3.28 -6.98 -65.88
CA ALA D 118 3.71 -6.67 -67.24
C ALA D 118 2.66 -7.12 -68.26
N ALA D 119 2.10 -8.32 -68.07
CA ALA D 119 1.12 -8.88 -69.00
C ALA D 119 -0.27 -8.29 -68.81
N THR D 120 -0.63 -7.92 -67.59
CA THR D 120 -2.01 -7.54 -67.28
C THR D 120 -2.16 -6.13 -66.74
N GLY D 121 -1.08 -5.50 -66.25
CA GLY D 121 -1.20 -4.25 -65.54
C GLY D 121 -1.68 -4.39 -64.10
N THR D 122 -1.96 -5.61 -63.65
CA THR D 122 -2.35 -5.85 -62.25
C THR D 122 -1.90 -7.25 -61.84
N TYR D 123 -2.18 -7.61 -60.60
CA TYR D 123 -1.84 -8.96 -60.15
C TYR D 123 -2.80 -9.36 -59.06
N GLN D 124 -2.75 -10.63 -58.71
CA GLN D 124 -3.55 -11.20 -57.64
C GLN D 124 -2.64 -11.57 -56.49
N LEU D 125 -3.12 -11.32 -55.27
CA LEU D 125 -2.44 -11.79 -54.08
C LEU D 125 -2.67 -13.28 -53.87
N ARG D 126 -1.67 -13.96 -53.34
CA ARG D 126 -1.93 -15.28 -52.80
C ARG D 126 -2.75 -15.13 -51.52
N GLU D 127 -3.47 -16.18 -51.13
CA GLU D 127 -4.30 -16.08 -49.92
C GLU D 127 -3.45 -15.74 -48.70
N SER D 128 -2.32 -16.44 -48.55
CA SER D 128 -1.44 -16.16 -47.41
CA SER D 128 -1.42 -16.17 -47.43
C SER D 128 -0.99 -14.70 -47.40
N GLU D 129 -0.72 -14.11 -48.58
CA GLU D 129 -0.32 -12.70 -48.64
C GLU D 129 -1.47 -11.77 -48.28
N LEU D 130 -2.70 -12.17 -48.58
CA LEU D 130 -3.85 -11.35 -48.25
C LEU D 130 -4.11 -11.34 -46.74
N VAL D 131 -4.00 -12.50 -46.11
CA VAL D 131 -4.07 -12.56 -44.66
C VAL D 131 -2.99 -11.68 -44.04
N PHE D 132 -1.76 -11.81 -44.54
CA PHE D 132 -0.66 -11.02 -43.96
C PHE D 132 -0.89 -9.53 -44.17
N GLY D 133 -1.44 -9.15 -45.33
CA GLY D 133 -1.60 -7.73 -45.62
C GLY D 133 -2.67 -7.09 -44.75
N ALA D 134 -3.76 -7.79 -44.49
CA ALA D 134 -4.84 -7.22 -43.70
C ALA D 134 -4.40 -7.01 -42.26
N LYS D 135 -3.62 -7.95 -41.73
CA LYS D 135 -3.09 -7.80 -40.39
C LYS D 135 -2.12 -6.64 -40.32
N GLN D 136 -1.33 -6.46 -41.38
CA GLN D 136 -0.36 -5.39 -41.40
C GLN D 136 -1.01 -4.04 -41.51
N ALA D 137 -2.12 -3.95 -42.25
CA ALA D 137 -2.87 -2.70 -42.33
C ALA D 137 -3.39 -2.29 -40.94
N TRP D 138 -3.90 -3.26 -40.17
CA TRP D 138 -4.31 -2.95 -38.81
C TRP D 138 -3.10 -2.54 -37.96
N ARG D 139 -2.05 -3.34 -38.00
CA ARG D 139 -0.83 -3.04 -37.27
C ARG D 139 -0.32 -1.63 -37.54
N ASN D 140 -0.50 -1.13 -38.77
CA ASN D 140 0.01 0.16 -39.20
C ASN D 140 -0.94 1.34 -38.92
N ALA D 141 -2.15 1.10 -38.45
CA ALA D 141 -3.14 2.16 -38.30
C ALA D 141 -2.77 3.09 -37.13
N PRO D 142 -2.26 4.30 -37.39
CA PRO D 142 -1.71 5.13 -36.29
C PRO D 142 -2.71 5.52 -35.24
N ARG D 143 -3.99 5.61 -35.58
CA ARG D 143 -5.00 6.06 -34.65
C ARG D 143 -5.66 4.93 -33.88
N CYS D 144 -5.25 3.67 -34.06
CA CYS D 144 -5.94 2.55 -33.41
C CYS D 144 -5.23 2.19 -32.11
N VAL D 145 -5.96 2.24 -30.99
CA VAL D 145 -5.38 1.89 -29.69
C VAL D 145 -5.51 0.39 -29.42
N GLY D 146 -6.32 -0.34 -30.19
CA GLY D 146 -6.47 -1.77 -29.99
C GLY D 146 -5.49 -2.68 -30.71
N ARG D 147 -4.36 -2.12 -31.18
CA ARG D 147 -3.49 -2.92 -32.04
C ARG D 147 -2.70 -4.00 -31.29
N ILE D 148 -2.82 -4.14 -29.97
CA ILE D 148 -2.17 -5.28 -29.32
C ILE D 148 -2.66 -6.59 -29.95
N GLN D 149 -3.89 -6.58 -30.47
CA GLN D 149 -4.54 -7.77 -31.00
C GLN D 149 -4.22 -8.04 -32.46
N TRP D 150 -3.37 -7.22 -33.10
CA TRP D 150 -3.29 -7.19 -34.56
C TRP D 150 -3.00 -8.57 -35.16
N GLY D 151 -2.35 -9.47 -34.43
CA GLY D 151 -2.06 -10.78 -34.98
C GLY D 151 -3.18 -11.80 -34.91
N LYS D 152 -4.20 -11.51 -34.12
CA LYS D 152 -5.35 -12.40 -33.95
C LYS D 152 -6.47 -11.71 -34.72
N LEU D 153 -6.44 -11.90 -36.02
CA LEU D 153 -7.40 -11.29 -36.93
C LEU D 153 -7.91 -12.39 -37.82
N GLN D 154 -9.22 -12.46 -37.98
CA GLN D 154 -9.84 -13.48 -38.79
C GLN D 154 -10.13 -12.87 -40.14
N VAL D 155 -9.47 -13.37 -41.19
CA VAL D 155 -9.58 -12.81 -42.53
C VAL D 155 -10.50 -13.71 -43.33
N PHE D 156 -11.66 -13.19 -43.73
CA PHE D 156 -12.53 -13.90 -44.65
C PHE D 156 -12.25 -13.45 -46.08
N ASP D 157 -11.90 -14.39 -46.95
CA ASP D 157 -11.54 -14.12 -48.33
C ASP D 157 -12.82 -14.16 -49.17
N ALA D 158 -13.34 -12.99 -49.54
CA ALA D 158 -14.52 -12.90 -50.39
C ALA D 158 -14.19 -12.41 -51.79
N ARG D 159 -12.96 -12.64 -52.25
CA ARG D 159 -12.58 -12.07 -53.55
C ARG D 159 -13.30 -12.70 -54.72
N ASP D 160 -13.98 -13.82 -54.51
CA ASP D 160 -14.76 -14.42 -55.59
C ASP D 160 -16.20 -13.96 -55.59
N CYS D 161 -16.54 -12.96 -54.79
CA CYS D 161 -17.91 -12.50 -54.67
C CYS D 161 -18.39 -11.90 -55.99
N ARG D 162 -19.63 -12.21 -56.36
CA ARG D 162 -20.13 -11.91 -57.69
C ARG D 162 -21.37 -11.04 -57.74
N SER D 163 -22.07 -10.82 -56.63
CA SER D 163 -23.30 -10.05 -56.67
C SER D 163 -23.50 -9.30 -55.36
N ALA D 164 -24.28 -8.23 -55.43
CA ALA D 164 -24.71 -7.56 -54.21
C ALA D 164 -25.34 -8.55 -53.23
N GLN D 165 -25.99 -9.60 -53.76
CA GLN D 165 -26.68 -10.58 -52.92
C GLN D 165 -25.69 -11.50 -52.22
N GLU D 166 -24.60 -11.88 -52.92
CA GLU D 166 -23.57 -12.69 -52.28
C GLU D 166 -22.78 -11.87 -51.28
N MET D 167 -22.66 -10.55 -51.50
CA MET D 167 -22.07 -9.70 -50.50
C MET D 167 -22.80 -9.85 -49.17
N PHE D 168 -24.14 -9.78 -49.21
CA PHE D 168 -24.94 -9.82 -48.00
C PHE D 168 -24.73 -11.11 -47.23
N THR D 169 -24.59 -12.23 -47.94
CA THR D 169 -24.28 -13.50 -47.30
C THR D 169 -22.90 -13.44 -46.63
N TYR D 170 -21.90 -12.89 -47.32
CA TYR D 170 -20.59 -12.72 -46.70
C TYR D 170 -20.64 -11.79 -45.50
N ILE D 171 -21.49 -10.77 -45.54
CA ILE D 171 -21.52 -9.80 -44.45
C ILE D 171 -22.17 -10.42 -43.23
N CYS D 172 -23.26 -11.15 -43.45
CA CYS D 172 -23.97 -11.81 -42.35
C CYS D 172 -23.08 -12.87 -41.69
N ASN D 173 -22.32 -13.62 -42.48
CA ASN D 173 -21.36 -14.55 -41.88
C ASN D 173 -20.30 -13.81 -41.08
N HIS D 174 -19.81 -12.70 -41.62
CA HIS D 174 -18.91 -11.86 -40.84
C HIS D 174 -19.55 -11.50 -39.49
N ILE D 175 -20.75 -10.91 -39.52
CA ILE D 175 -21.40 -10.44 -38.29
C ILE D 175 -21.62 -11.61 -37.34
N LYS D 176 -22.09 -12.73 -37.86
CA LYS D 176 -22.32 -13.90 -37.03
C LYS D 176 -21.03 -14.33 -36.34
N TYR D 177 -19.93 -14.42 -37.10
CA TYR D 177 -18.68 -14.93 -36.54
C TYR D 177 -18.09 -13.96 -35.51
N ALA D 178 -18.18 -12.66 -35.79
CA ALA D 178 -17.51 -11.66 -34.96
C ALA D 178 -18.27 -11.43 -33.66
N THR D 179 -19.61 -11.40 -33.73
CA THR D 179 -20.42 -11.26 -32.54
C THR D 179 -20.23 -12.44 -31.61
N ASN D 180 -20.29 -13.67 -32.16
CA ASN D 180 -20.04 -14.88 -31.39
C ASN D 180 -20.86 -14.86 -30.09
N ARG D 181 -22.14 -14.55 -30.23
CA ARG D 181 -23.11 -14.42 -29.11
C ARG D 181 -22.58 -13.58 -27.94
N GLY D 182 -21.73 -12.60 -28.23
CA GLY D 182 -21.27 -11.67 -27.23
C GLY D 182 -19.82 -11.82 -26.86
N ASN D 183 -19.15 -12.89 -27.29
CA ASN D 183 -17.73 -13.06 -27.04
C ASN D 183 -16.96 -12.64 -28.30
N LEU D 184 -16.73 -11.33 -28.43
CA LEU D 184 -16.42 -10.75 -29.74
C LEU D 184 -15.04 -11.18 -30.24
N ARG D 185 -14.92 -11.35 -31.55
CA ARG D 185 -13.69 -11.77 -32.21
C ARG D 185 -13.42 -10.84 -33.38
N SER D 186 -12.18 -10.38 -33.50
CA SER D 186 -11.81 -9.49 -34.60
C SER D 186 -11.92 -10.18 -35.96
N ALA D 187 -12.48 -9.48 -36.95
CA ALA D 187 -12.57 -10.09 -38.28
C ALA D 187 -12.54 -9.00 -39.36
N ILE D 188 -12.15 -9.43 -40.57
CA ILE D 188 -12.26 -8.61 -41.76
C ILE D 188 -12.68 -9.50 -42.92
N THR D 189 -13.62 -9.01 -43.72
CA THR D 189 -14.00 -9.65 -44.98
C THR D 189 -13.54 -8.79 -46.15
N VAL D 190 -12.78 -9.38 -47.08
CA VAL D 190 -12.18 -8.62 -48.19
C VAL D 190 -12.90 -9.01 -49.48
N PHE D 191 -13.67 -8.08 -50.03
CA PHE D 191 -14.33 -8.26 -51.32
C PHE D 191 -13.36 -7.98 -52.45
N PRO D 192 -13.75 -8.19 -53.71
CA PRO D 192 -12.77 -8.10 -54.80
C PRO D 192 -12.07 -6.75 -54.90
N GLN D 193 -10.83 -6.80 -55.39
CA GLN D 193 -10.04 -5.61 -55.57
C GLN D 193 -10.60 -4.75 -56.70
N ARG D 194 -10.37 -3.45 -56.59
CA ARG D 194 -10.63 -2.54 -57.70
C ARG D 194 -9.83 -2.99 -58.90
N CYS D 195 -10.42 -2.90 -60.08
CA CYS D 195 -9.70 -3.38 -61.25
C CYS D 195 -10.20 -2.67 -62.50
N PRO D 196 -9.33 -2.43 -63.48
CA PRO D 196 -9.73 -1.64 -64.65
C PRO D 196 -10.81 -2.35 -65.44
N GLY D 197 -11.83 -1.59 -65.81
CA GLY D 197 -12.87 -2.09 -66.67
C GLY D 197 -14.16 -2.47 -65.98
N ARG D 198 -14.24 -2.33 -64.65
CA ARG D 198 -15.50 -2.50 -63.97
C ARG D 198 -15.50 -1.65 -62.72
N GLY D 199 -16.69 -1.46 -62.18
CA GLY D 199 -16.85 -0.69 -60.97
C GLY D 199 -16.37 -1.43 -59.74
N ASP D 200 -16.35 -0.69 -58.62
CA ASP D 200 -15.96 -1.21 -57.33
C ASP D 200 -17.13 -1.91 -56.65
N PHE D 201 -16.80 -2.87 -55.80
CA PHE D 201 -17.72 -3.19 -54.71
C PHE D 201 -17.66 -2.08 -53.67
N ARG D 202 -18.83 -1.63 -53.19
CA ARG D 202 -18.88 -0.65 -52.11
C ARG D 202 -19.99 -0.99 -51.13
N ILE D 203 -19.73 -0.78 -49.85
CA ILE D 203 -20.76 -0.77 -48.82
C ILE D 203 -21.04 0.70 -48.50
N TRP D 204 -22.27 1.15 -48.76
CA TRP D 204 -22.54 2.56 -48.61
C TRP D 204 -22.59 2.98 -47.15
N ASN D 205 -22.99 2.08 -46.26
CA ASN D 205 -23.00 2.36 -44.84
C ASN D 205 -21.57 2.54 -44.32
N SER D 206 -21.43 3.42 -43.32
CA SER D 206 -20.12 3.65 -42.73
C SER D 206 -19.76 2.57 -41.72
N GLN D 207 -20.78 1.97 -41.11
CA GLN D 207 -20.59 0.83 -40.24
C GLN D 207 -21.66 -0.20 -40.59
N LEU D 208 -21.38 -1.47 -40.26
CA LEU D 208 -22.35 -2.51 -40.60
C LEU D 208 -23.62 -2.35 -39.78
N VAL D 209 -23.50 -1.93 -38.53
CA VAL D 209 -24.65 -1.73 -37.66
C VAL D 209 -24.68 -0.26 -37.28
N ARG D 210 -25.72 0.45 -37.72
CA ARG D 210 -25.88 1.85 -37.33
C ARG D 210 -27.34 2.15 -37.06
N TYR D 211 -27.58 3.12 -36.19
CA TYR D 211 -28.94 3.52 -35.89
C TYR D 211 -29.35 4.65 -36.83
N ALA D 212 -30.61 4.63 -37.23
CA ALA D 212 -31.14 5.63 -38.13
C ALA D 212 -31.18 7.00 -37.45
N GLY D 213 -31.23 8.04 -38.28
CA GLY D 213 -31.25 9.41 -37.81
C GLY D 213 -32.14 10.24 -38.71
N TYR D 214 -33.39 10.42 -38.28
CA TYR D 214 -34.41 11.10 -39.06
C TYR D 214 -34.29 12.61 -38.84
N ARG D 215 -33.79 13.33 -39.84
CA ARG D 215 -33.63 14.78 -39.72
C ARG D 215 -35.00 15.44 -39.66
N GLN D 216 -35.28 16.08 -38.53
CA GLN D 216 -36.57 16.72 -38.33
C GLN D 216 -36.59 18.08 -39.02
N GLN D 217 -37.75 18.72 -38.99
CA GLN D 217 -37.91 20.02 -39.64
C GLN D 217 -37.36 21.18 -38.82
N ASP D 218 -37.20 20.99 -37.51
CA ASP D 218 -36.72 22.05 -36.62
C ASP D 218 -35.26 22.36 -36.89
N GLY D 219 -34.65 21.63 -37.82
CA GLY D 219 -33.20 21.54 -37.87
C GLY D 219 -32.65 20.57 -36.86
N SER D 220 -33.45 19.61 -36.41
CA SER D 220 -33.12 18.64 -35.38
C SER D 220 -33.16 17.23 -35.98
N VAL D 221 -32.96 16.23 -35.11
CA VAL D 221 -32.85 14.83 -35.51
C VAL D 221 -33.43 13.97 -34.40
N ARG D 222 -34.08 12.87 -34.77
CA ARG D 222 -34.32 11.77 -33.84
C ARG D 222 -33.40 10.63 -34.22
N GLY D 223 -32.88 9.93 -33.20
CA GLY D 223 -31.91 8.89 -33.41
C GLY D 223 -30.50 9.45 -33.51
N ASP D 224 -29.69 8.90 -34.41
CA ASP D 224 -28.28 9.24 -34.43
C ASP D 224 -28.02 10.32 -35.48
N PRO D 225 -27.55 11.51 -35.08
CA PRO D 225 -27.26 12.55 -36.09
C PRO D 225 -26.09 12.22 -37.00
N ALA D 226 -25.14 11.40 -36.56
CA ALA D 226 -24.05 10.98 -37.43
C ALA D 226 -24.57 10.31 -38.70
N ASN D 227 -25.77 9.74 -38.67
CA ASN D 227 -26.28 8.86 -39.72
C ASN D 227 -27.49 9.44 -40.44
N VAL D 228 -27.59 10.78 -40.51
CA VAL D 228 -28.72 11.38 -41.21
C VAL D 228 -28.58 11.17 -42.72
N GLU D 229 -27.38 11.40 -43.26
CA GLU D 229 -27.18 11.26 -44.69
C GLU D 229 -27.53 9.85 -45.17
N ILE D 230 -26.98 8.84 -44.49
CA ILE D 230 -27.22 7.45 -44.88
C ILE D 230 -28.66 7.04 -44.63
N THR D 231 -29.32 7.63 -43.64
CA THR D 231 -30.73 7.35 -43.43
C THR D 231 -31.58 7.85 -44.59
N GLU D 232 -31.26 9.06 -45.09
CA GLU D 232 -31.99 9.62 -46.23
C GLU D 232 -31.84 8.76 -47.46
N LEU D 233 -30.59 8.42 -47.81
CA LEU D 233 -30.34 7.50 -48.92
C LEU D 233 -31.05 6.16 -48.72
N CYS D 234 -31.19 5.71 -47.46
CA CYS D 234 -31.92 4.48 -47.21
C CYS D 234 -33.39 4.61 -47.59
N ILE D 235 -34.03 5.71 -47.18
CA ILE D 235 -35.42 5.94 -47.56
C ILE D 235 -35.52 6.10 -49.06
N GLN D 236 -34.66 6.95 -49.62
CA GLN D 236 -34.65 7.23 -51.05
C GLN D 236 -34.56 5.96 -51.89
N HIS D 237 -33.94 4.90 -51.37
CA HIS D 237 -33.83 3.63 -52.07
C HIS D 237 -34.88 2.60 -51.62
N GLY D 238 -35.92 3.02 -50.88
CA GLY D 238 -37.10 2.20 -50.68
C GLY D 238 -37.32 1.62 -49.29
N TRP D 239 -36.46 1.92 -48.31
CA TRP D 239 -36.65 1.36 -46.98
C TRP D 239 -37.80 2.05 -46.27
N THR D 240 -38.63 1.25 -45.58
CA THR D 240 -39.72 1.80 -44.78
C THR D 240 -39.19 2.23 -43.40
N PRO D 241 -39.13 3.55 -43.11
CA PRO D 241 -38.46 4.02 -41.89
C PRO D 241 -39.17 3.59 -40.62
N GLY D 242 -38.56 3.91 -39.49
CA GLY D 242 -39.24 3.84 -38.20
C GLY D 242 -39.28 5.25 -37.62
N ASN D 243 -39.63 5.38 -36.34
CA ASN D 243 -39.56 6.68 -35.67
C ASN D 243 -38.94 6.52 -34.29
N GLY D 244 -38.09 5.49 -34.13
CA GLY D 244 -37.41 5.24 -32.88
C GLY D 244 -36.05 5.89 -32.81
N ARG D 245 -35.49 5.89 -31.60
CA ARG D 245 -34.16 6.43 -31.39
C ARG D 245 -33.06 5.41 -31.68
N PHE D 246 -33.42 4.14 -31.87
CA PHE D 246 -32.42 3.09 -32.00
C PHE D 246 -32.84 2.10 -33.09
N ASP D 247 -33.24 2.63 -34.24
CA ASP D 247 -33.66 1.82 -35.39
C ASP D 247 -32.43 1.37 -36.15
N VAL D 248 -32.16 0.06 -36.13
CA VAL D 248 -31.02 -0.46 -36.86
C VAL D 248 -31.26 -0.26 -38.36
N LEU D 249 -30.31 0.41 -39.01
CA LEU D 249 -30.44 0.73 -40.43
C LEU D 249 -30.22 -0.52 -41.28
N PRO D 250 -30.78 -0.54 -42.48
CA PRO D 250 -30.47 -1.63 -43.42
C PRO D 250 -29.16 -1.34 -44.13
N LEU D 251 -28.68 -2.34 -44.86
CA LEU D 251 -27.44 -2.22 -45.61
C LEU D 251 -27.73 -1.78 -47.05
N LEU D 252 -26.99 -0.79 -47.52
CA LEU D 252 -26.96 -0.42 -48.94
C LEU D 252 -25.70 -1.01 -49.54
N LEU D 253 -25.87 -2.08 -50.32
CA LEU D 253 -24.74 -2.78 -50.94
C LEU D 253 -24.70 -2.48 -52.43
N GLN D 254 -23.50 -2.30 -52.95
CA GLN D 254 -23.30 -1.91 -54.34
C GLN D 254 -22.32 -2.86 -54.99
N ALA D 255 -22.79 -3.61 -55.98
CA ALA D 255 -22.03 -4.48 -56.86
C ALA D 255 -21.48 -3.67 -58.04
N PRO D 256 -20.42 -4.15 -58.70
CA PRO D 256 -19.85 -3.38 -59.81
C PRO D 256 -20.90 -2.95 -60.81
N ASP D 257 -20.93 -1.63 -61.07
CA ASP D 257 -21.72 -1.04 -62.16
C ASP D 257 -23.20 -1.29 -61.98
N GLU D 258 -23.66 -1.32 -60.74
CA GLU D 258 -25.04 -1.54 -60.37
C GLU D 258 -25.40 -0.51 -59.32
N PRO D 259 -26.61 0.02 -59.34
CA PRO D 259 -27.05 0.90 -58.24
C PRO D 259 -27.05 0.16 -56.92
N PRO D 260 -26.97 0.86 -55.80
CA PRO D 260 -26.90 0.17 -54.51
C PRO D 260 -28.19 -0.58 -54.24
N GLU D 261 -28.07 -1.70 -53.54
CA GLU D 261 -29.18 -2.60 -53.28
C GLU D 261 -29.44 -2.60 -51.78
N LEU D 262 -30.70 -2.75 -51.40
CA LEU D 262 -31.12 -2.64 -50.02
C LEU D 262 -31.28 -4.04 -49.41
N PHE D 263 -30.66 -4.25 -48.26
CA PHE D 263 -30.77 -5.52 -47.54
C PHE D 263 -31.04 -5.24 -46.07
N LEU D 264 -31.98 -5.99 -45.49
CA LEU D 264 -32.34 -5.87 -44.07
C LEU D 264 -31.58 -6.90 -43.25
N LEU D 265 -30.99 -6.45 -42.15
CA LEU D 265 -30.27 -7.36 -41.26
C LEU D 265 -31.25 -8.15 -40.40
N PRO D 266 -31.05 -9.45 -40.25
CA PRO D 266 -31.92 -10.25 -39.36
C PRO D 266 -31.77 -9.80 -37.92
N PRO D 267 -32.87 -9.42 -37.26
CA PRO D 267 -32.77 -8.89 -35.88
C PRO D 267 -31.96 -9.77 -34.94
N GLU D 268 -32.06 -11.10 -35.06
CA GLU D 268 -31.27 -12.00 -34.23
C GLU D 268 -29.78 -11.91 -34.51
N LEU D 269 -29.39 -11.22 -35.59
CA LEU D 269 -27.98 -11.07 -35.91
C LEU D 269 -27.35 -9.86 -35.21
N VAL D 270 -28.16 -8.85 -34.87
CA VAL D 270 -27.67 -7.59 -34.31
C VAL D 270 -27.83 -7.66 -32.80
N LEU D 271 -26.75 -8.01 -32.11
CA LEU D 271 -26.75 -8.08 -30.65
C LEU D 271 -26.64 -6.68 -30.06
N GLU D 272 -27.56 -6.35 -29.15
CA GLU D 272 -27.65 -5.02 -28.56
C GLU D 272 -27.61 -5.11 -27.05
N VAL D 273 -27.19 -4.01 -26.42
CA VAL D 273 -27.06 -3.97 -24.96
C VAL D 273 -27.93 -2.84 -24.43
N PRO D 274 -28.99 -3.17 -23.70
CA PRO D 274 -29.72 -2.12 -22.97
C PRO D 274 -28.82 -1.51 -21.91
N LEU D 275 -28.92 -0.20 -21.75
CA LEU D 275 -28.03 0.52 -20.84
C LEU D 275 -28.73 0.76 -19.51
N GLU D 276 -28.03 0.42 -18.43
CA GLU D 276 -28.47 0.73 -17.09
C GLU D 276 -27.23 1.02 -16.25
N HIS D 277 -27.45 1.68 -15.10
CA HIS D 277 -26.35 2.03 -14.21
C HIS D 277 -26.36 1.09 -13.00
N PRO D 278 -25.20 0.76 -12.43
CA PRO D 278 -25.22 -0.21 -11.31
C PRO D 278 -25.89 0.33 -10.07
N THR D 279 -25.85 1.65 -9.87
CA THR D 279 -26.49 2.27 -8.75
C THR D 279 -27.46 3.37 -9.11
N LEU D 280 -27.57 3.85 -10.33
CA LEU D 280 -28.57 4.90 -10.57
C LEU D 280 -29.74 4.25 -11.29
N GLU D 281 -30.76 3.85 -10.52
CA GLU D 281 -31.79 2.96 -11.06
C GLU D 281 -32.66 3.66 -12.07
N TRP D 282 -32.83 4.98 -11.97
CA TRP D 282 -33.63 5.67 -12.98
C TRP D 282 -32.95 5.67 -14.36
N PHE D 283 -31.63 5.47 -14.41
CA PHE D 283 -30.92 5.48 -15.68
C PHE D 283 -31.54 4.51 -16.68
N ALA D 284 -31.90 3.30 -16.24
CA ALA D 284 -32.54 2.35 -17.15
C ALA D 284 -33.79 2.93 -17.79
N ALA D 285 -34.44 3.90 -17.17
CA ALA D 285 -35.67 4.47 -17.71
C ALA D 285 -35.43 5.45 -18.85
N LEU D 286 -34.20 5.95 -19.04
CA LEU D 286 -33.89 6.74 -20.24
C LEU D 286 -33.99 5.90 -21.52
N GLY D 287 -34.06 4.58 -21.41
CA GLY D 287 -34.28 3.74 -22.57
C GLY D 287 -33.10 3.67 -23.52
N LEU D 288 -31.89 3.79 -23.01
CA LEU D 288 -30.71 3.81 -23.85
C LEU D 288 -30.25 2.39 -24.14
N ARG D 289 -29.62 2.24 -25.30
CA ARG D 289 -29.08 0.96 -25.73
C ARG D 289 -27.98 1.27 -26.73
N TRP D 290 -27.08 0.30 -26.93
CA TRP D 290 -26.10 0.40 -27.99
C TRP D 290 -25.89 -0.98 -28.58
N TYR D 291 -25.20 -1.07 -29.71
CA TYR D 291 -25.00 -2.38 -30.31
C TYR D 291 -23.64 -2.94 -29.90
N ALA D 292 -23.52 -4.26 -30.04
CA ALA D 292 -22.33 -4.94 -29.54
C ALA D 292 -21.10 -4.67 -30.40
N LEU D 293 -21.30 -4.55 -31.71
CA LEU D 293 -20.24 -4.84 -32.69
C LEU D 293 -19.90 -3.59 -33.49
N PRO D 294 -18.73 -2.96 -33.28
CA PRO D 294 -18.31 -1.85 -34.14
C PRO D 294 -17.64 -2.41 -35.39
N ALA D 295 -18.28 -2.21 -36.54
CA ALA D 295 -17.84 -2.85 -37.78
C ALA D 295 -17.77 -1.79 -38.87
N VAL D 296 -16.57 -1.29 -39.11
CA VAL D 296 -16.37 -0.18 -40.02
C VAL D 296 -16.34 -0.70 -41.45
N SER D 297 -17.22 -0.16 -42.28
CA SER D 297 -17.44 -0.71 -43.60
C SER D 297 -17.08 0.23 -44.76
N ASN D 298 -16.63 1.44 -44.48
CA ASN D 298 -16.45 2.40 -45.57
C ASN D 298 -15.00 2.80 -45.84
N MET D 299 -14.02 2.09 -45.28
CA MET D 299 -12.64 2.41 -45.60
C MET D 299 -12.11 1.50 -46.73
N LEU D 300 -11.00 1.93 -47.32
CA LEU D 300 -10.35 1.22 -48.39
C LEU D 300 -9.11 0.54 -47.82
N LEU D 301 -8.95 -0.74 -48.14
CA LEU D 301 -7.78 -1.48 -47.72
C LEU D 301 -6.79 -1.48 -48.88
N GLU D 302 -5.53 -1.17 -48.60
CA GLU D 302 -4.54 -1.04 -49.65
C GLU D 302 -3.39 -1.98 -49.31
N ILE D 303 -3.08 -2.87 -50.24
CA ILE D 303 -2.05 -3.90 -50.04
C ILE D 303 -1.22 -4.03 -51.31
N GLY D 304 0.08 -3.74 -51.19
CA GLY D 304 0.98 -3.97 -52.32
C GLY D 304 0.55 -3.26 -53.59
N GLY D 305 0.00 -2.05 -53.46
CA GLY D 305 -0.52 -1.32 -54.60
C GLY D 305 -1.90 -1.74 -55.06
N LEU D 306 -2.40 -2.89 -54.61
CA LEU D 306 -3.78 -3.23 -54.91
C LEU D 306 -4.72 -2.53 -53.93
N GLU D 307 -5.93 -2.27 -54.39
CA GLU D 307 -6.90 -1.52 -53.61
C GLU D 307 -8.18 -2.34 -53.47
N PHE D 308 -8.68 -2.43 -52.23
CA PHE D 308 -9.86 -3.20 -51.91
C PHE D 308 -10.86 -2.20 -51.35
N PRO D 309 -11.70 -1.59 -52.19
CA PRO D 309 -12.60 -0.55 -51.70
C PRO D 309 -13.72 -1.07 -50.82
N ALA D 310 -13.94 -2.39 -50.74
CA ALA D 310 -14.96 -2.95 -49.86
C ALA D 310 -14.29 -4.05 -49.03
N ALA D 311 -14.12 -3.78 -47.73
CA ALA D 311 -13.36 -4.65 -46.86
C ALA D 311 -13.71 -4.38 -45.41
N PRO D 312 -14.95 -4.64 -44.99
CA PRO D 312 -15.36 -4.28 -43.63
C PRO D 312 -14.59 -5.06 -42.58
N PHE D 313 -14.28 -4.37 -41.49
CA PHE D 313 -13.53 -4.97 -40.39
C PHE D 313 -14.21 -4.63 -39.07
N SER D 314 -14.00 -5.47 -38.07
CA SER D 314 -14.68 -5.22 -36.81
C SER D 314 -13.84 -5.71 -35.66
N GLY D 315 -13.97 -5.05 -34.51
CA GLY D 315 -13.36 -5.56 -33.30
C GLY D 315 -14.34 -5.58 -32.14
N TRP D 316 -13.98 -5.00 -31.02
CA TRP D 316 -14.91 -4.73 -29.94
C TRP D 316 -14.72 -3.30 -29.47
N TYR D 317 -15.72 -2.77 -28.75
CA TYR D 317 -15.71 -1.38 -28.34
C TYR D 317 -14.77 -1.12 -27.17
N MET D 318 -14.16 0.07 -27.19
CA MET D 318 -13.68 0.69 -25.96
C MET D 318 -14.79 1.57 -25.41
N SER D 319 -15.05 1.49 -24.10
CA SER D 319 -16.29 2.08 -23.57
C SER D 319 -16.39 3.57 -23.81
N THR D 320 -15.28 4.30 -23.84
CA THR D 320 -15.35 5.74 -24.07
C THR D 320 -15.93 6.08 -25.45
N GLU D 321 -15.82 5.20 -26.45
CA GLU D 321 -16.44 5.58 -27.72
C GLU D 321 -17.94 5.65 -27.59
N ILE D 322 -18.50 4.75 -26.79
CA ILE D 322 -19.95 4.73 -26.61
C ILE D 322 -20.38 5.83 -25.65
N GLY D 323 -19.82 5.84 -24.44
CA GLY D 323 -20.33 6.71 -23.39
C GLY D 323 -19.99 8.17 -23.61
N THR D 324 -18.75 8.44 -24.01
CA THR D 324 -18.28 9.80 -24.16
C THR D 324 -18.56 10.34 -25.55
N ARG D 325 -18.20 9.60 -26.60
CA ARG D 325 -18.40 10.17 -27.93
C ARG D 325 -19.82 9.94 -28.42
N ASN D 326 -20.32 8.70 -28.40
CA ASN D 326 -21.59 8.45 -29.05
C ASN D 326 -22.76 9.02 -28.25
N LEU D 327 -22.66 9.03 -26.91
CA LEU D 327 -23.79 9.51 -26.12
C LEU D 327 -23.63 10.94 -25.64
N CYS D 328 -22.40 11.46 -25.51
CA CYS D 328 -22.22 12.78 -24.92
C CYS D 328 -21.77 13.86 -25.89
N ASP D 329 -21.31 13.53 -27.11
CA ASP D 329 -20.99 14.60 -28.06
C ASP D 329 -22.26 15.40 -28.33
N PRO D 330 -22.20 16.74 -28.30
CA PRO D 330 -23.41 17.53 -28.57
C PRO D 330 -23.98 17.29 -29.95
N HIS D 331 -23.15 16.89 -30.91
CA HIS D 331 -23.59 16.59 -32.25
C HIS D 331 -23.96 15.12 -32.42
N ARG D 332 -24.00 14.36 -31.34
CA ARG D 332 -24.45 12.96 -31.36
C ARG D 332 -25.74 12.86 -30.52
N TYR D 333 -25.88 11.88 -29.62
CA TYR D 333 -27.13 11.75 -28.85
C TYR D 333 -27.26 12.83 -27.77
N ASN D 334 -26.15 13.40 -27.30
CA ASN D 334 -26.11 14.56 -26.41
C ASN D 334 -27.07 14.42 -25.22
N ILE D 335 -26.76 13.45 -24.35
CA ILE D 335 -27.56 13.19 -23.15
C ILE D 335 -26.94 13.77 -21.90
N LEU D 336 -25.75 14.38 -22.03
CA LEU D 336 -24.95 14.74 -20.86
C LEU D 336 -25.76 15.56 -19.88
N GLU D 337 -26.36 16.65 -20.36
CA GLU D 337 -27.02 17.58 -19.45
C GLU D 337 -28.28 16.97 -18.84
N ASP D 338 -28.93 16.07 -19.57
CA ASP D 338 -30.13 15.41 -19.05
C ASP D 338 -29.77 14.44 -17.93
N VAL D 339 -28.66 13.70 -18.11
CA VAL D 339 -28.16 12.83 -17.05
C VAL D 339 -27.75 13.66 -15.84
N ALA D 340 -27.06 14.78 -16.08
CA ALA D 340 -26.60 15.66 -14.98
C ALA D 340 -27.76 16.20 -14.17
N VAL D 341 -28.83 16.65 -14.83
CA VAL D 341 -29.97 17.16 -14.11
C VAL D 341 -30.64 16.05 -13.30
N CYS D 342 -30.77 14.84 -13.86
CA CYS D 342 -31.29 13.71 -13.08
C CYS D 342 -30.39 13.36 -11.91
N MET D 343 -29.09 13.59 -12.03
CA MET D 343 -28.20 13.39 -10.89
C MET D 343 -28.29 14.53 -9.90
N ASP D 344 -29.10 15.54 -10.21
CA ASP D 344 -29.30 16.71 -9.37
C ASP D 344 -28.02 17.53 -9.22
N LEU D 345 -27.14 17.45 -10.21
CA LEU D 345 -25.95 18.31 -10.24
C LEU D 345 -26.33 19.75 -10.56
N ASP D 346 -25.49 20.68 -10.14
CA ASP D 346 -25.69 22.11 -10.39
C ASP D 346 -25.17 22.42 -11.78
N THR D 347 -26.05 22.35 -12.79
CA THR D 347 -25.64 22.67 -14.16
C THR D 347 -25.64 24.18 -14.43
N ARG D 348 -25.70 25.01 -13.40
CA ARG D 348 -25.72 26.45 -13.58
C ARG D 348 -24.32 27.06 -13.63
N THR D 349 -23.29 26.33 -13.22
CA THR D 349 -21.95 26.85 -13.32
C THR D 349 -20.98 25.76 -13.73
N THR D 350 -19.99 26.13 -14.54
CA THR D 350 -18.99 25.17 -14.99
C THR D 350 -18.18 24.63 -13.83
N SER D 351 -17.94 25.45 -12.80
CA SER D 351 -16.98 25.08 -11.77
C SER D 351 -17.47 23.97 -10.86
N SER D 352 -18.73 23.55 -10.96
CA SER D 352 -19.17 22.34 -10.24
C SER D 352 -18.74 21.06 -10.93
N LEU D 353 -18.26 21.13 -12.18
CA LEU D 353 -17.76 19.96 -12.90
C LEU D 353 -18.85 18.92 -13.12
N TRP D 354 -20.10 19.39 -13.22
CA TRP D 354 -21.22 18.49 -13.50
C TRP D 354 -21.02 17.74 -14.82
N LYS D 355 -20.39 18.38 -15.81
CA LYS D 355 -20.16 17.68 -17.08
C LYS D 355 -19.26 16.49 -16.86
N ASP D 356 -18.14 16.70 -16.17
CA ASP D 356 -17.21 15.62 -15.89
C ASP D 356 -17.86 14.50 -15.10
N LYS D 357 -18.71 14.87 -14.12
CA LYS D 357 -19.36 13.88 -13.26
C LYS D 357 -20.37 13.04 -14.01
N ALA D 358 -21.24 13.67 -14.81
CA ALA D 358 -22.24 12.92 -15.55
C ALA D 358 -21.58 12.02 -16.59
N ALA D 359 -20.50 12.49 -17.20
CA ALA D 359 -19.84 11.69 -18.24
C ALA D 359 -19.19 10.46 -17.64
N VAL D 360 -18.57 10.60 -16.48
CA VAL D 360 -18.04 9.45 -15.77
C VAL D 360 -19.15 8.44 -15.53
N GLU D 361 -20.27 8.88 -14.95
CA GLU D 361 -21.34 7.93 -14.65
C GLU D 361 -21.91 7.28 -15.92
N ILE D 362 -21.94 8.00 -17.03
CA ILE D 362 -22.42 7.40 -18.27
C ILE D 362 -21.47 6.30 -18.73
N ASN D 363 -20.17 6.56 -18.60
CA ASN D 363 -19.18 5.55 -18.91
C ASN D 363 -19.27 4.34 -17.96
N VAL D 364 -19.59 4.59 -16.69
CA VAL D 364 -19.84 3.50 -15.75
C VAL D 364 -21.01 2.65 -16.22
N ALA D 365 -22.12 3.31 -16.58
CA ALA D 365 -23.29 2.57 -17.03
C ALA D 365 -22.95 1.70 -18.24
N VAL D 366 -22.19 2.25 -19.20
CA VAL D 366 -21.81 1.48 -20.38
C VAL D 366 -21.03 0.23 -19.99
N LEU D 367 -19.97 0.41 -19.19
CA LEU D 367 -19.15 -0.73 -18.79
C LEU D 367 -19.95 -1.77 -18.03
N HIS D 368 -20.78 -1.31 -17.08
CA HIS D 368 -21.61 -2.23 -16.31
C HIS D 368 -22.59 -2.97 -17.21
N SER D 369 -23.25 -2.23 -18.11
CA SER D 369 -24.28 -2.84 -18.94
C SER D 369 -23.71 -3.94 -19.84
N TYR D 370 -22.54 -3.70 -20.43
CA TYR D 370 -21.94 -4.68 -21.33
C TYR D 370 -21.46 -5.90 -20.56
N GLN D 371 -20.77 -5.68 -19.43
CA GLN D 371 -20.38 -6.81 -18.57
C GLN D 371 -21.59 -7.60 -18.11
N LEU D 372 -22.67 -6.91 -17.74
CA LEU D 372 -23.88 -7.61 -17.34
C LEU D 372 -24.43 -8.45 -18.48
N ALA D 373 -24.46 -7.89 -19.68
CA ALA D 373 -24.97 -8.63 -20.84
C ALA D 373 -23.98 -9.64 -21.40
N LYS D 374 -22.77 -9.74 -20.82
CA LYS D 374 -21.74 -10.68 -21.31
C LYS D 374 -21.31 -10.37 -22.74
N VAL D 375 -21.20 -9.09 -23.05
CA VAL D 375 -20.69 -8.65 -24.34
C VAL D 375 -19.33 -8.02 -24.09
N THR D 376 -18.32 -8.47 -24.85
CA THR D 376 -16.95 -7.95 -24.71
C THR D 376 -16.94 -6.44 -24.80
N ILE D 377 -16.09 -5.83 -23.97
CA ILE D 377 -15.85 -4.39 -24.02
C ILE D 377 -14.62 -4.14 -23.17
N VAL D 378 -13.93 -3.02 -23.44
CA VAL D 378 -12.71 -2.71 -22.70
C VAL D 378 -12.76 -1.24 -22.28
N ASP D 379 -12.32 -0.96 -21.06
CA ASP D 379 -12.29 0.42 -20.58
C ASP D 379 -10.99 1.09 -21.04
N HIS D 380 -10.97 2.43 -20.97
CA HIS D 380 -9.84 3.12 -21.59
C HIS D 380 -8.56 2.94 -20.80
N HIS D 381 -8.66 2.56 -19.52
CA HIS D 381 -7.46 2.24 -18.75
C HIS D 381 -6.84 0.93 -19.20
N ALA D 382 -7.66 -0.10 -19.40
CA ALA D 382 -7.11 -1.37 -19.83
C ALA D 382 -6.64 -1.27 -21.28
N ALA D 383 -7.43 -0.64 -22.14
CA ALA D 383 -7.03 -0.45 -23.54
C ALA D 383 -5.70 0.29 -23.66
N THR D 384 -5.49 1.34 -22.88
CA THR D 384 -4.23 2.07 -23.07
C THR D 384 -3.06 1.35 -22.42
N ALA D 385 -3.26 0.64 -21.30
CA ALA D 385 -2.18 -0.19 -20.76
C ALA D 385 -1.69 -1.21 -21.77
N SER D 386 -2.62 -1.82 -22.51
CA SER D 386 -2.18 -2.84 -23.44
C SER D 386 -1.52 -2.17 -24.64
N PHE D 387 -1.94 -0.96 -24.98
CA PHE D 387 -1.24 -0.27 -26.06
C PHE D 387 0.19 0.06 -25.69
N MET D 388 0.46 0.35 -24.42
CA MET D 388 1.86 0.51 -24.01
C MET D 388 2.64 -0.79 -24.20
N LYS D 389 2.00 -1.94 -23.98
CA LYS D 389 2.65 -3.22 -24.24
C LYS D 389 2.95 -3.40 -25.74
N HIS D 390 1.98 -3.04 -26.59
CA HIS D 390 2.16 -3.08 -28.03
C HIS D 390 3.36 -2.24 -28.45
N LEU D 391 3.51 -1.04 -27.89
CA LEU D 391 4.64 -0.19 -28.24
C LEU D 391 5.96 -0.85 -27.92
N GLU D 392 6.06 -1.55 -26.78
CA GLU D 392 7.32 -2.22 -26.48
C GLU D 392 7.52 -3.44 -27.37
N ASN D 393 6.44 -4.16 -27.71
CA ASN D 393 6.54 -5.25 -28.69
C ASN D 393 7.02 -4.71 -30.02
N GLU D 394 6.40 -3.64 -30.49
CA GLU D 394 6.73 -3.11 -31.81
C GLU D 394 8.12 -2.52 -31.83
N GLN D 395 8.56 -1.88 -30.74
CA GLN D 395 9.94 -1.38 -30.72
C GLN D 395 10.93 -2.50 -30.95
N LYS D 396 10.75 -3.64 -30.25
CA LYS D 396 11.63 -4.79 -30.45
C LYS D 396 11.46 -5.39 -31.84
N ALA D 397 10.22 -5.45 -32.35
CA ALA D 397 9.95 -6.13 -33.61
C ALA D 397 10.38 -5.31 -34.83
N ARG D 398 10.01 -4.02 -34.88
CA ARG D 398 10.29 -3.21 -36.06
C ARG D 398 11.06 -1.93 -35.75
N GLY D 399 11.45 -1.69 -34.50
CA GLY D 399 12.12 -0.45 -34.19
C GLY D 399 11.22 0.77 -34.17
N GLY D 400 9.94 0.59 -33.88
CA GLY D 400 9.07 1.74 -33.82
C GLY D 400 7.63 1.36 -34.06
N CYS D 401 6.78 2.37 -33.97
CA CYS D 401 5.35 2.15 -34.17
C CYS D 401 4.69 3.46 -34.53
N PRO D 402 3.93 3.52 -35.63
CA PRO D 402 3.22 4.77 -35.96
C PRO D 402 2.05 4.96 -35.01
N ALA D 403 1.98 6.14 -34.38
CA ALA D 403 0.94 6.38 -33.39
C ALA D 403 0.56 7.86 -33.45
N ASP D 404 -0.73 8.11 -33.52
CA ASP D 404 -1.29 9.44 -33.58
C ASP D 404 -1.76 9.80 -32.16
N TRP D 405 -0.96 10.59 -31.44
CA TRP D 405 -1.20 10.85 -30.02
C TRP D 405 -2.61 11.40 -29.78
N ALA D 406 -3.05 12.33 -30.62
CA ALA D 406 -4.35 12.97 -30.41
C ALA D 406 -5.49 11.96 -30.44
N TRP D 407 -5.31 10.84 -31.14
CA TRP D 407 -6.33 9.82 -31.20
C TRP D 407 -6.08 8.64 -30.28
N ILE D 408 -4.82 8.40 -29.90
CA ILE D 408 -4.51 7.31 -28.96
C ILE D 408 -4.90 7.68 -27.52
N VAL D 409 -4.74 8.94 -27.12
CA VAL D 409 -5.21 9.38 -25.77
C VAL D 409 -6.73 9.41 -25.77
N PRO D 410 -7.37 8.78 -24.80
CA PRO D 410 -8.83 8.70 -24.81
C PRO D 410 -9.47 10.06 -24.62
N PRO D 411 -10.74 10.20 -25.02
CA PRO D 411 -11.38 11.52 -24.97
C PRO D 411 -11.72 12.01 -23.56
N ILE D 412 -11.71 11.15 -22.54
CA ILE D 412 -11.79 11.58 -21.15
C ILE D 412 -10.59 11.02 -20.39
N SER D 413 -10.20 11.73 -19.33
CA SER D 413 -9.23 11.23 -18.35
C SER D 413 -7.86 10.90 -18.96
N GLY D 414 -7.43 11.71 -19.93
CA GLY D 414 -6.29 11.32 -20.75
C GLY D 414 -5.00 11.15 -19.95
N SER D 415 -4.67 12.13 -19.11
CA SER D 415 -3.45 12.02 -18.33
C SER D 415 -3.56 10.99 -17.21
N LEU D 416 -4.74 10.45 -16.97
CA LEU D 416 -4.79 9.29 -16.09
C LEU D 416 -4.34 8.02 -16.80
N THR D 417 -4.23 8.03 -18.12
CA THR D 417 -3.76 6.83 -18.78
C THR D 417 -2.28 6.95 -19.12
N PRO D 418 -1.57 5.83 -19.25
CA PRO D 418 -0.12 5.93 -19.48
C PRO D 418 0.27 6.41 -20.87
N VAL D 419 -0.63 6.39 -21.87
CA VAL D 419 -0.26 6.86 -23.20
C VAL D 419 -0.09 8.37 -23.22
N PHE D 420 -0.74 9.08 -22.30
CA PHE D 420 -0.65 10.53 -22.27
C PHE D 420 0.79 10.98 -22.14
N HIS D 421 1.56 10.30 -21.32
CA HIS D 421 2.93 10.67 -21.02
C HIS D 421 3.95 10.04 -21.97
N GLN D 422 3.46 9.38 -23.03
CA GLN D 422 4.31 8.76 -24.06
C GLN D 422 4.33 9.65 -25.30
N GLU D 423 5.52 10.14 -25.65
CA GLU D 423 5.70 10.80 -26.93
C GLU D 423 5.55 9.79 -28.04
N MET D 424 4.97 10.22 -29.16
CA MET D 424 4.69 9.31 -30.25
C MET D 424 5.10 9.94 -31.58
N VAL D 425 5.43 9.10 -32.54
CA VAL D 425 5.83 9.54 -33.88
C VAL D 425 4.75 9.06 -34.85
N ASN D 426 4.16 9.98 -35.59
CA ASN D 426 3.10 9.62 -36.52
C ASN D 426 3.62 9.62 -37.96
N TYR D 427 3.34 8.53 -38.70
CA TYR D 427 3.74 8.40 -40.11
C TYR D 427 2.91 7.30 -40.79
N PHE D 428 2.97 7.27 -42.12
CA PHE D 428 2.10 6.40 -42.91
C PHE D 428 2.91 5.25 -43.49
N LEU D 429 2.62 4.04 -43.03
CA LEU D 429 3.18 2.83 -43.61
C LEU D 429 2.10 2.11 -44.42
N SER D 430 2.57 1.29 -45.37
CA SER D 430 1.70 0.44 -46.14
C SER D 430 2.07 -1.02 -45.90
N PRO D 431 1.11 -1.94 -45.96
CA PRO D 431 -0.34 -1.87 -46.18
C PRO D 431 -1.08 -0.95 -45.19
N ALA D 432 -2.26 -0.49 -45.57
CA ALA D 432 -2.90 0.52 -44.75
C ALA D 432 -4.39 0.53 -45.03
N PHE D 433 -5.15 0.95 -44.02
CA PHE D 433 -6.54 1.36 -44.22
C PHE D 433 -6.58 2.85 -44.52
N ARG D 434 -7.45 3.23 -45.45
CA ARG D 434 -7.48 4.60 -45.94
C ARG D 434 -8.93 5.06 -46.04
N TYR D 435 -9.14 6.34 -45.78
CA TYR D 435 -10.41 6.95 -46.12
C TYR D 435 -10.53 7.06 -47.63
N GLN D 436 -11.76 7.02 -48.10
CA GLN D 436 -12.09 7.14 -49.51
C GLN D 436 -13.38 7.94 -49.59
N PRO D 437 -13.64 8.59 -50.72
CA PRO D 437 -14.87 9.37 -50.84
C PRO D 437 -16.09 8.48 -50.76
N ASP D 438 -17.17 9.05 -50.27
CA ASP D 438 -18.42 8.33 -50.22
C ASP D 438 -18.92 8.08 -51.64
N PRO D 439 -19.58 6.94 -51.87
CA PRO D 439 -19.91 6.55 -53.25
C PRO D 439 -20.86 7.50 -53.94
N TRP D 440 -21.67 8.25 -53.21
CA TRP D 440 -22.64 9.15 -53.84
C TRP D 440 -22.12 10.61 -53.94
CHA HEM E . 3.59 -28.70 21.76
CHB HEM E . 1.02 -27.66 17.77
CHC HEM E . -0.37 -32.30 17.41
CHD HEM E . 1.62 -33.16 21.74
C1A HEM E . 3.08 -28.03 20.67
C2A HEM E . 3.41 -26.67 20.26
C3A HEM E . 2.70 -26.39 19.15
C4A HEM E . 1.89 -27.55 18.83
CMA HEM E . 2.74 -25.05 18.40
CAA HEM E . 4.37 -25.68 20.93
CBA HEM E . 5.78 -26.07 20.55
CGA HEM E . 6.69 -24.87 20.56
O1A HEM E . 6.41 -23.88 19.81
O2A HEM E . 7.70 -24.92 21.29
C1B HEM E . 0.42 -28.81 17.32
C2B HEM E . -0.43 -28.93 16.16
C3B HEM E . -0.83 -30.19 16.04
C4B HEM E . -0.23 -30.95 17.14
CMB HEM E . -0.80 -27.75 15.21
CAB HEM E . -1.75 -30.70 14.91
CBB HEM E . -2.39 -31.88 14.94
C1C HEM E . 0.08 -32.97 18.55
C2C HEM E . -0.02 -34.39 18.82
C3C HEM E . 0.54 -34.63 20.02
C4C HEM E . 1.00 -33.35 20.54
CMC HEM E . -0.66 -35.39 17.83
CAC HEM E . 0.70 -35.94 20.83
CBC HEM E . 0.10 -37.09 20.51
C1D HEM E . 2.35 -32.04 22.10
C2D HEM E . 3.16 -31.93 23.29
C3D HEM E . 3.72 -30.70 23.30
C4D HEM E . 3.26 -29.99 22.13
CMD HEM E . 3.34 -33.06 24.34
CAD HEM E . 4.64 -30.15 24.41
CBD HEM E . 3.78 -30.02 25.67
CGD HEM E . 4.65 -29.63 26.85
O1D HEM E . 5.86 -29.36 26.63
O2D HEM E . 4.09 -29.59 27.98
NA HEM E . 2.16 -28.53 19.78
NB HEM E . 0.50 -30.06 17.90
NC HEM E . 0.71 -32.38 19.61
ND HEM E . 2.42 -30.83 21.42
FE HEM E . 1.14 -30.30 19.84
N1 H4B F . 6.44 -20.93 23.37
C2 H4B F . 6.55 -21.84 22.36
N2 H4B F . 5.44 -22.22 21.67
N3 H4B F . 7.77 -22.34 22.04
C4 H4B F . 8.88 -21.97 22.72
O4 H4B F . 10.00 -22.46 22.41
C4A H4B F . 8.78 -21.05 23.75
C8A H4B F . 7.53 -20.53 24.07
N5 H4B F . 9.85 -20.66 24.46
N8 H4B F . 7.39 -19.64 25.08
C6 H4B F . 9.62 -20.20 25.82
C7 H4B F . 8.52 -19.13 25.86
C9 H4B F . 10.93 -19.75 26.46
O9 H4B F . 11.83 -19.28 25.44
C10 H4B F . 10.77 -18.66 27.52
C11 H4B F . 12.14 -18.33 28.09
O10 H4B F . 9.89 -19.06 28.57
C1 BTB G . 21.50 -2.59 3.70
O1 BTB G . 21.26 -3.94 3.29
C2 BTB G . 20.26 -1.74 3.45
C3 BTB G . 19.02 -2.63 3.51
O3 BTB G . 17.97 -2.06 2.71
C4 BTB G . 20.16 -0.67 4.55
O4 BTB G . 19.25 0.36 4.15
N BTB G . 20.42 -1.08 2.13
C5 BTB G . 20.69 -2.05 1.02
C6 BTB G . 19.50 -2.64 0.24
O6 BTB G . 18.67 -1.61 -0.33
C7 BTB G . 21.53 -0.08 2.18
C8 BTB G . 21.11 1.40 2.10
O8 BTB G . 20.62 1.80 0.81
C02 OUS H . 3.45 -29.30 16.10
C03 OUS H . 3.02 -30.62 16.32
C04 OUS H . 3.61 -31.34 17.34
C05 OUS H . 4.59 -30.74 18.10
C06 OUS H . 5.19 -31.45 19.14
C07 OUS H . 6.17 -30.86 19.90
C08 OUS H . 6.57 -29.56 19.64
C09 OUS H . 5.99 -28.84 18.60
C10 OUS H . 4.99 -29.45 17.85
C11 OUS H . 3.20 -32.76 17.66
C21 OUS H . 7.65 -28.99 20.47
C22 OUS H . 7.89 -29.51 21.74
C23 OUS H . 8.92 -29.00 22.50
C24 OUS H . 9.69 -27.96 22.01
C25 OUS H . 9.44 -27.44 20.74
C26 OUS H . 8.44 -27.97 19.96
C27 OUS H . 10.29 -26.31 20.19
C30 OUS H . 11.78 -28.27 23.15
C32 OUS H . 12.52 -26.13 24.25
C33 OUS H . 12.85 -27.33 23.64
C34 OUS H . 14.18 -27.68 23.50
C35 OUS H . 15.17 -26.82 23.96
C36 OUS H . 14.79 -25.63 24.55
N01 OUS H . 4.41 -28.76 16.85
N02 OUS H . 2.93 -28.54 15.12
N28 OUS H . 10.38 -25.22 21.17
N31 OUS H . 13.50 -25.31 24.68
O29 OUS H . 10.69 -27.45 22.77
C1 BTB I . 25.58 -5.60 12.28
O1 BTB I . 25.06 -6.91 12.54
C2 BTB I . 24.69 -4.89 11.27
C3 BTB I . 25.18 -5.19 9.86
O3 BTB I . 24.45 -4.46 8.85
C4 BTB I . 23.26 -5.36 11.49
O4 BTB I . 22.57 -5.38 10.24
N BTB I . 24.60 -3.44 11.57
C5 BTB I . 25.72 -2.68 11.00
C6 BTB I . 25.08 -1.60 10.12
O6 BTB I . 23.85 -2.10 9.61
C7 BTB I . 24.54 -3.25 13.02
C8 BTB I . 23.51 -2.17 13.34
O8 BTB I . 23.62 -1.80 14.71
ZN ZN J . 3.28 -19.68 38.46
C1 GOL K . -5.71 -55.47 17.80
O1 GOL K . -6.64 -54.45 17.98
C2 GOL K . -4.85 -55.14 16.59
O2 GOL K . -4.17 -56.29 16.14
C3 GOL K . -3.82 -54.08 16.98
O3 GOL K . -2.75 -54.70 17.64
CL CL L . 10.17 -27.81 14.59
CHA HEM M . 3.88 -1.46 33.39
CHB HEM M . 6.64 0.66 30.00
CHC HEM M . 7.90 4.19 33.09
CHD HEM M . 5.51 1.80 36.60
C1A HEM M . 4.42 -1.14 32.15
C2A HEM M . 4.12 -1.73 30.87
C3A HEM M . 4.88 -1.13 29.94
C4A HEM M . 5.70 -0.16 30.61
CMA HEM M . 4.89 -1.44 28.42
CAA HEM M . 3.09 -2.83 30.60
CBA HEM M . 1.72 -2.22 30.35
CGA HEM M . 0.97 -3.13 29.41
O1A HEM M . 1.65 -3.75 28.56
O2A HEM M . -0.28 -3.20 29.47
C1B HEM M . 7.23 1.79 30.54
C2B HEM M . 8.11 2.70 29.83
C3B HEM M . 8.47 3.67 30.67
C4B HEM M . 7.82 3.43 31.95
CMB HEM M . 8.57 2.57 28.35
CAB HEM M . 9.41 4.83 30.24
CBB HEM M . 9.96 5.70 31.09
C1C HEM M . 7.33 3.87 34.31
C2C HEM M . 7.36 4.69 35.52
C3C HEM M . 6.68 4.02 36.48
C4C HEM M . 6.22 2.77 35.91
CMC HEM M . 8.04 6.07 35.60
CAC HEM M . 6.42 4.38 37.97
CBC HEM M . 7.27 5.12 38.71
C1D HEM M . 4.85 0.72 36.05
C2D HEM M . 4.00 -0.21 36.74
C3D HEM M . 3.58 -1.09 35.86
C4D HEM M . 4.11 -0.76 34.57
CMD HEM M . 3.67 -0.20 38.24
CAD HEM M . 2.65 -2.29 36.14
CBD HEM M . 1.23 -1.80 36.17
CGD HEM M . 0.41 -3.04 36.39
O1D HEM M . 0.94 -4.08 36.89
O2D HEM M . -0.81 -3.00 36.08
NA HEM M . 5.40 -0.20 31.96
NB HEM M . 7.09 2.27 31.83
NC HEM M . 6.63 2.72 34.59
ND HEM M . 4.88 0.35 34.74
FE HEM M . 6.28 1.01 33.36
N1 H4B N . 1.02 -8.13 28.55
C2 H4B N . 1.08 -6.78 28.55
N2 H4B N . 2.30 -6.20 28.33
N3 H4B N . -0.03 -6.04 28.76
C4 H4B N . -1.22 -6.64 28.98
O4 H4B N . -2.25 -5.95 29.18
C4A H4B N . -1.30 -8.04 28.99
C8A H4B N . -0.14 -8.77 28.77
N5 H4B N . -2.46 -8.70 29.21
N8 H4B N . -0.14 -10.12 28.77
C6 H4B N . -2.30 -10.04 29.77
C7 H4B N . -1.36 -10.88 28.92
C9 H4B N . -3.66 -10.72 30.04
O9 H4B N . -4.72 -10.07 29.31
C10 H4B N . -3.61 -12.23 29.79
C11 H4B N . -4.95 -12.90 30.05
O10 H4B N . -2.62 -12.91 30.61
C02 OUS O . 4.20 3.32 29.97
C03 OUS O . 4.53 4.07 31.11
C04 OUS O . 3.85 3.81 32.30
C05 OUS O . 2.86 2.84 32.32
C06 OUS O . 2.19 2.58 33.51
C07 OUS O . 1.21 1.60 33.53
C08 OUS O . 0.88 0.91 32.38
C09 OUS O . 1.56 1.17 31.20
C10 OUS O . 2.55 2.14 31.17
C11 OUS O . 4.16 4.59 33.56
C21 OUS O . -0.22 -0.08 32.48
C22 OUS O . -0.59 -0.57 33.73
C23 OUS O . -1.65 -1.45 33.84
C24 OUS O . -2.37 -1.83 32.73
C25 OUS O . -2.03 -1.33 31.48
C26 OUS O . -0.97 -0.44 31.36
C27 OUS O . -2.83 -1.75 30.26
C30 OUS O . -4.34 -2.63 33.94
C32 OUS O . -5.32 -4.55 32.67
C33 OUS O . -5.52 -3.50 33.56
C34 OUS O . -6.79 -3.26 34.08
C35 OUS O . -7.84 -4.09 33.69
C36 OUS O . -7.58 -5.12 32.79
N01 OUS O . 3.22 2.39 30.02
N02 OUS O . 4.81 3.57 28.79
N28 OUS O . -3.12 -3.19 30.36
N31 OUS O . -6.35 -5.33 32.31
O29 OUS O . -3.41 -2.72 32.85
C1 BTB P . 5.10 7.22 -3.89
O1 BTB P . 5.90 8.36 -3.52
C2 BTB P . 4.19 6.81 -2.72
C3 BTB P . 4.66 5.44 -2.18
O3 BTB P . 4.33 5.30 -0.79
C4 BTB P . 4.32 7.83 -1.60
O4 BTB P . 3.80 7.30 -0.36
N BTB P . 2.79 6.72 -3.21
C5 BTB P . 2.65 5.68 -4.24
C6 BTB P . 1.77 4.52 -3.80
O6 BTB P . 0.43 4.97 -3.53
C7 BTB P . 2.21 8.01 -3.65
C8 BTB P . 1.18 8.55 -2.66
O8 BTB P . 0.24 7.53 -2.26
C1 BTB Q . -18.71 19.53 54.00
O1 BTB Q . -19.60 18.46 54.34
C2 BTB Q . -17.99 19.18 52.70
C3 BTB Q . -17.43 17.78 52.80
O3 BTB Q . -17.30 17.39 54.17
C4 BTB Q . -18.98 19.22 51.53
O4 BTB Q . -19.62 17.95 51.40
N BTB Q . -16.93 20.18 52.41
C5 BTB Q . -15.89 20.15 53.45
C6 BTB Q . -14.57 20.77 52.97
O6 BTB Q . -14.64 22.21 52.92
C7 BTB Q . -17.59 21.49 52.34
C8 BTB Q . -17.20 22.26 51.09
O8 BTB Q . -16.88 23.59 51.50
CL CL R . -2.40 3.51 27.61
GD GD S . 1.69 5.75 -0.86
C1 BTB T . -1.66 -3.00 -4.84
O1 BTB T . -0.62 -2.03 -4.89
C2 BTB T . -2.72 -2.53 -5.80
C3 BTB T . -3.20 -1.18 -5.32
O3 BTB T . -3.62 -0.41 -6.46
C4 BTB T . -1.99 -2.31 -7.09
O4 BTB T . -1.33 -1.06 -6.89
N BTB T . -3.86 -3.47 -5.82
C5 BTB T . -3.43 -4.88 -5.96
C6 BTB T . -4.05 -5.66 -4.80
O6 BTB T . -3.88 -4.91 -3.59
C7 BTB T . -4.90 -3.13 -6.83
C8 BTB T . -4.81 -3.94 -8.13
O8 BTB T . -4.10 -3.20 -9.13
GD GD U . 18.22 0.49 1.48
CHA HEM V . 1.62 27.07 -20.74
CHB HEM V . -2.47 28.46 -18.57
CHC HEM V . -0.60 32.92 -18.09
CHD HEM V . 3.13 31.70 -20.94
C1A HEM V . 0.38 27.01 -20.12
C2A HEM V . -0.41 25.82 -19.83
C3A HEM V . -1.54 26.23 -19.23
C4A HEM V . -1.49 27.68 -19.11
CMA HEM V . -2.70 25.36 -18.72
CAA HEM V . -0.06 24.35 -20.14
CBA HEM V . 1.31 23.99 -19.58
CGA HEM V . 1.21 22.65 -18.92
O1A HEM V . 0.09 22.29 -18.44
O2A HEM V . 2.24 21.93 -18.84
C1B HEM V . -2.34 29.81 -18.27
C2B HEM V . -3.36 30.64 -17.67
C3B HEM V . -2.86 31.88 -17.51
C4B HEM V . -1.50 31.87 -18.03
CMB HEM V . -4.77 30.16 -17.23
CAB HEM V . -3.68 33.05 -16.87
CBB HEM V . -3.23 34.31 -16.74
C1C HEM V . 0.59 32.98 -18.81
C2C HEM V . 1.51 34.12 -18.88
C3C HEM V . 2.55 33.76 -19.67
C4C HEM V . 2.31 32.42 -20.12
CMC HEM V . 1.26 35.45 -18.12
CAC HEM V . 3.81 34.54 -20.14
CBC HEM V . 3.89 35.87 -20.23
C1D HEM V . 3.07 30.32 -21.08
C2D HEM V . 4.08 29.50 -21.72
C3D HEM V . 3.66 28.24 -21.65
C4D HEM V . 2.37 28.21 -20.98
CMD HEM V . 5.40 30.02 -22.35
CAD HEM V . 4.42 27.02 -22.22
CBD HEM V . 4.07 27.13 -23.70
CGD HEM V . 5.15 26.63 -24.60
O1D HEM V . 6.01 25.81 -24.15
O2D HEM V . 5.12 27.04 -25.80
NA HEM V . -0.32 28.10 -19.68
NB HEM V . -1.23 30.59 -18.49
NC HEM V . 1.12 31.97 -19.59
ND HEM V . 2.04 29.52 -20.64
FE HEM V . 0.18 30.15 -19.99
N1 H4B W . -0.45 19.15 -21.87
C2 H4B W . -0.24 19.97 -20.81
N2 H4B W . -1.11 21.00 -20.57
N3 H4B W . 0.84 19.77 -20.01
C4 H4B W . 1.71 18.75 -20.25
O4 H4B W . 2.70 18.58 -19.50
C4A H4B W . 1.49 17.91 -21.33
C8A H4B W . 0.39 18.13 -22.14
N5 H4B W . 2.33 16.88 -21.62
N8 H4B W . 0.13 17.34 -23.20
C6 H4B W . 2.37 16.45 -23.00
C7 H4B W . 0.96 16.19 -23.52
C9 H4B W . 3.30 15.25 -23.23
O9 H4B W . 3.22 14.33 -22.12
C10 H4B W . 2.97 14.50 -24.53
C11 H4B W . 3.94 13.36 -24.80
O10 H4B W . 2.96 15.40 -25.66
C02 OUS X . -0.35 28.60 -15.71
C03 OUS X . 0.21 29.87 -15.85
C04 OUS X . 1.48 30.00 -16.39
C05 OUS X . 2.17 28.86 -16.78
C06 OUS X . 3.45 28.95 -17.33
C07 OUS X . 4.13 27.79 -17.73
C08 OUS X . 3.53 26.55 -17.55
C09 OUS X . 2.26 26.47 -16.99
C10 OUS X . 1.58 27.62 -16.62
C11 OUS X . 2.10 31.35 -16.54
C21 OUS X . 4.26 25.31 -17.92
C22 OUS X . 5.16 25.26 -18.96
C23 OUS X . 5.82 24.07 -19.23
C24 OUS X . 5.57 22.94 -18.45
C25 OUS X . 4.67 23.01 -17.39
C26 OUS X . 4.02 24.20 -17.13
C27 OUS X . 4.38 21.80 -16.53
C30 OUS X . 7.61 21.67 -18.33
C32 OUS X . 7.36 19.26 -18.99
C33 OUS X . 8.15 20.26 -18.43
C34 OUS X . 9.42 19.95 -17.97
C35 OUS X . 9.88 18.65 -18.10
C36 OUS X . 9.05 17.69 -18.66
N01 OUS X . 0.34 27.51 -16.08
N02 OUS X . -1.60 28.45 -15.19
N28 OUS X . 3.95 20.69 -17.42
N31 OUS X . 7.81 18.01 -19.10
O29 OUS X . 6.23 21.77 -18.72
C1 BTB Y . 32.02 40.14 -7.77
O1 BTB Y . 31.98 41.53 -8.10
C2 BTB Y . 33.44 39.59 -7.94
C3 BTB Y . 33.93 39.88 -9.35
O3 BTB Y . 35.10 40.73 -9.32
C4 BTB Y . 34.36 40.27 -6.92
O4 BTB Y . 34.13 41.69 -6.89
N BTB Y . 33.43 38.12 -7.70
C5 BTB Y . 33.07 37.86 -6.30
C6 BTB Y . 31.99 36.79 -6.20
O6 BTB Y . 32.60 35.50 -6.26
C7 BTB Y . 34.77 37.58 -8.00
C8 BTB Y . 34.69 36.14 -8.50
O8 BTB Y . 34.54 35.25 -7.39
ZN ZN Z . 3.28 17.49 -37.09
C1 GOL AA . 11.89 52.98 -15.55
O1 GOL AA . 12.02 51.60 -15.84
C2 GOL AA . 10.42 53.34 -15.73
O2 GOL AA . 9.76 52.21 -16.21
C3 GOL AA . 10.24 54.47 -16.73
O3 GOL AA . 9.08 54.18 -17.49
CL CL BA . 2.58 23.82 -12.03
CHA HEM CA . -9.44 3.39 -34.80
CHB HEM CA . -10.19 0.65 -30.89
CHC HEM CA . -9.95 -3.35 -33.62
CHD HEM CA . -8.57 -0.67 -37.38
C1A HEM CA . -9.76 3.02 -33.50
C2A HEM CA . -10.12 3.88 -32.40
C3A HEM CA . -10.35 3.11 -31.32
C4A HEM CA . -10.12 1.75 -31.70
CMA HEM CA . -10.77 3.51 -29.90
CAA HEM CA . -10.26 5.39 -32.54
CBA HEM CA . -11.78 5.58 -32.60
CGA HEM CA . -12.02 7.01 -32.29
O1A HEM CA . -11.12 7.77 -32.67
O2A HEM CA . -13.05 7.38 -31.68
C1B HEM CA . -10.20 -0.67 -31.27
C2B HEM CA . -10.39 -1.80 -30.39
C3B HEM CA . -10.32 -2.93 -31.13
C4B HEM CA . -10.08 -2.53 -32.51
CMB HEM CA . -10.63 -1.68 -28.86
CAB HEM CA . -10.47 -4.34 -30.53
CBB HEM CA . -10.21 -5.46 -31.21
C1C HEM CA . -9.60 -2.99 -34.90
C2C HEM CA . -9.51 -3.87 -36.06
C3C HEM CA . -9.14 -3.13 -37.11
C4C HEM CA . -8.96 -1.76 -36.64
CMC HEM CA . -9.86 -5.36 -36.02
CAC HEM CA . -8.89 -3.53 -38.59
CBC HEM CA . -8.53 -4.77 -38.95
C1D HEM CA . -8.69 0.65 -37.00
C2D HEM CA . -8.42 1.78 -37.84
C3D HEM CA . -8.65 2.89 -37.15
C4D HEM CA . -9.09 2.52 -35.82
CMD HEM CA . -7.91 1.72 -39.29
CAD HEM CA . -8.45 4.29 -37.68
CBD HEM CA . -9.76 4.78 -38.25
CGD HEM CA . -9.55 6.18 -38.78
O1D HEM CA . -8.38 6.61 -39.01
O2D HEM CA . -10.56 6.88 -38.99
NA HEM CA . -9.77 1.74 -33.01
NB HEM CA . -10.01 -1.15 -32.55
NC HEM CA . -9.25 -1.72 -35.30
ND HEM CA . -9.12 1.14 -35.77
FE HEM CA . -9.17 0.07 -34.06
N1 H4B DA . -9.45 11.04 -30.88
C2 H4B DA . -10.31 10.00 -30.99
N2 H4B DA . -9.99 8.80 -30.42
N3 H4B DA . -11.47 10.15 -31.65
C4 H4B DA . -11.81 11.32 -32.24
O4 H4B DA . -12.90 11.39 -32.85
C4A H4B DA . -10.94 12.39 -32.15
C8A H4B DA . -9.74 12.23 -31.45
N5 H4B DA . -11.20 13.61 -32.70
N8 H4B DA . -8.84 13.23 -31.33
C6 H4B DA . -10.03 14.40 -33.03
C7 H4B DA . -9.11 14.56 -31.84
C9 H4B DA . -10.39 15.71 -33.73
O9 H4B DA . -11.82 15.90 -33.72
C10 H4B DA . -9.62 16.92 -33.19
C11 H4B DA . -10.10 18.20 -33.90
O10 H4B DA . -8.21 16.81 -33.39
C02 OUS EA . -13.33 0.08 -32.25
C03 OUS EA . -13.04 -0.96 -33.16
C04 OUS EA . -12.84 -0.65 -34.50
C05 OUS EA . -12.94 0.66 -34.93
C06 OUS EA . -12.74 1.02 -36.26
C07 OUS EA . -12.86 2.36 -36.63
C08 OUS EA . -13.16 3.34 -35.69
C09 OUS EA . -13.38 2.99 -34.37
C10 OUS EA . -13.25 1.65 -34.00
C11 OUS EA . -12.52 -1.74 -35.51
C21 OUS EA . -13.33 4.75 -36.12
C22 OUS EA . -13.00 5.14 -37.39
C23 OUS EA . -13.20 6.45 -37.79
C24 OUS EA . -13.76 7.37 -36.91
C25 OUS EA . -14.10 6.97 -35.65
C26 OUS EA . -13.91 5.66 -35.26
C27 OUS EA . -14.71 7.97 -34.70
C30 OUS EA . -14.28 8.95 -38.65
C32 OUS EA . -14.09 11.35 -37.87
C33 OUS EA . -14.66 10.41 -38.73
C34 OUS EA . -15.56 10.83 -39.70
C35 OUS EA . -15.90 12.17 -39.77
C36 OUS EA . -15.31 13.06 -38.87
N01 OUS EA . -13.43 1.34 -32.70
N02 OUS EA . -13.56 -0.14 -30.92
N28 OUS EA . -13.63 8.84 -34.19
N31 OUS EA . -14.43 12.64 -37.95
O29 OUS EA . -13.95 8.66 -37.30
C1 BTB FA . -28.57 1.53 -1.89
O1 BTB FA . -28.84 0.12 -1.98
C2 BTB FA . -28.65 2.16 -3.29
C3 BTB FA . -27.39 2.99 -3.54
O3 BTB FA . -27.27 3.29 -4.94
C4 BTB FA . -28.65 1.04 -4.33
O4 BTB FA . -28.86 1.56 -5.64
N BTB FA . -29.88 3.02 -3.38
C5 BTB FA . -29.79 4.20 -2.49
C6 BTB FA . -29.70 5.54 -3.22
O6 BTB FA . -30.85 5.75 -4.06
C7 BTB FA . -31.13 2.26 -3.12
C8 BTB FA . -31.92 1.90 -4.39
O8 BTB FA . -32.32 3.06 -5.11
C1 BTB GA . -28.42 -1.97 -64.03
O1 BTB GA . -29.66 -1.57 -64.61
C2 BTB GA . -27.88 -3.15 -64.83
C3 BTB GA . -28.34 -3.00 -66.27
O3 BTB GA . -27.78 -1.80 -66.79
C4 BTB GA . -26.36 -3.03 -64.82
O4 BTB GA . -25.74 -4.31 -64.90
N BTB GA . -28.32 -4.46 -64.26
C5 BTB GA . -28.59 -5.45 -65.33
C6 BTB GA . -27.80 -6.71 -65.03
O6 BTB GA . -27.93 -7.02 -63.65
C7 BTB GA . -29.51 -4.32 -63.40
C8 BTB GA . -30.79 -4.91 -63.98
O8 BTB GA . -30.96 -6.21 -63.43
GD GD HA . -29.58 3.98 -6.00
CL CL IA . -19.00 4.04 -33.08
#